data_4X86
# 
_entry.id   4X86 
# 
_audit_conform.dict_name       mmcif_pdbx.dic 
_audit_conform.dict_version    5.387 
_audit_conform.dict_location   http://mmcif.pdb.org/dictionaries/ascii/mmcif_pdbx.dic 
# 
loop_
_database_2.database_id 
_database_2.database_code 
_database_2.pdbx_database_accession 
_database_2.pdbx_DOI 
PDB   4X86         pdb_00004x86 10.2210/pdb4x86/pdb 
WWPDB D_1000205232 ?            ?                   
# 
loop_
_pdbx_audit_revision_history.ordinal 
_pdbx_audit_revision_history.data_content_type 
_pdbx_audit_revision_history.major_revision 
_pdbx_audit_revision_history.minor_revision 
_pdbx_audit_revision_history.revision_date 
1 'Structure model' 1 0 2015-02-25 
2 'Structure model' 1 1 2015-03-11 
3 'Structure model' 1 2 2015-04-22 
4 'Structure model' 1 3 2017-10-04 
5 'Structure model' 1 4 2019-10-23 
6 'Structure model' 1 5 2024-03-20 
# 
_pdbx_audit_revision_details.ordinal             1 
_pdbx_audit_revision_details.revision_ordinal    1 
_pdbx_audit_revision_details.data_content_type   'Structure model' 
_pdbx_audit_revision_details.provider            repository 
_pdbx_audit_revision_details.type                'Initial release' 
_pdbx_audit_revision_details.description         ? 
_pdbx_audit_revision_details.details             ? 
# 
loop_
_pdbx_audit_revision_group.ordinal 
_pdbx_audit_revision_group.revision_ordinal 
_pdbx_audit_revision_group.data_content_type 
_pdbx_audit_revision_group.group 
1 2 'Structure model' 'Database references'  
2 3 'Structure model' 'Database references'  
3 4 'Structure model' 'Data collection'      
4 4 'Structure model' 'Database references'  
5 4 'Structure model' 'Derived calculations' 
6 4 'Structure model' 'Source and taxonomy'  
7 5 'Structure model' 'Data collection'      
8 6 'Structure model' 'Data collection'      
9 6 'Structure model' 'Database references'  
# 
loop_
_pdbx_audit_revision_category.ordinal 
_pdbx_audit_revision_category.revision_ordinal 
_pdbx_audit_revision_category.data_content_type 
_pdbx_audit_revision_category.category 
1 4 'Structure model' citation              
2 4 'Structure model' diffrn_detector       
3 4 'Structure model' diffrn_source         
4 4 'Structure model' entity_src_gen        
5 4 'Structure model' pdbx_struct_oper_list 
6 5 'Structure model' reflns_shell          
7 6 'Structure model' chem_comp_atom        
8 6 'Structure model' chem_comp_bond        
9 6 'Structure model' database_2            
# 
loop_
_pdbx_audit_revision_item.ordinal 
_pdbx_audit_revision_item.revision_ordinal 
_pdbx_audit_revision_item.data_content_type 
_pdbx_audit_revision_item.item 
1 4 'Structure model' '_citation.journal_id_CSD'                  
2 4 'Structure model' '_diffrn_detector.detector'                 
3 4 'Structure model' '_diffrn_source.pdbx_synchrotron_site'      
4 4 'Structure model' '_entity_src_gen.pdbx_alt_source_flag'      
5 4 'Structure model' '_pdbx_struct_oper_list.symmetry_operation' 
6 5 'Structure model' '_reflns_shell.Rmerge_I_obs'                
7 6 'Structure model' '_database_2.pdbx_DOI'                      
8 6 'Structure model' '_database_2.pdbx_database_accession'       
# 
_pdbx_database_status.status_code                     REL 
_pdbx_database_status.status_code_sf                  REL 
_pdbx_database_status.status_code_mr                  ? 
_pdbx_database_status.entry_id                        4X86 
_pdbx_database_status.recvd_initial_deposition_date   2014-12-10 
_pdbx_database_status.SG_entry                        N 
_pdbx_database_status.deposit_site                    RCSB 
_pdbx_database_status.process_site                    PDBJ 
_pdbx_database_status.status_code_cs                  ? 
_pdbx_database_status.methods_development_category    ? 
_pdbx_database_status.pdb_format_compatible           Y 
_pdbx_database_status.status_code_nmr_data            ? 
# 
loop_
_audit_author.name 
_audit_author.pdbx_ordinal 
'Kuwabara, N.' 1 
'Kato, R.'     2 
# 
_citation.abstract                  ? 
_citation.abstract_id_CAS           ? 
_citation.book_id_ISBN              ? 
_citation.book_publisher            ? 
_citation.book_publisher_city       ? 
_citation.book_title                ? 
_citation.coordinate_linkage        ? 
_citation.country                   US 
_citation.database_id_Medline       ? 
_citation.details                   ? 
_citation.id                        primary 
_citation.journal_abbrev            J.Biol.Chem. 
_citation.journal_id_ASTM           JBCHA3 
_citation.journal_id_CSD            0071 
_citation.journal_id_ISSN           1083-351X 
_citation.journal_full              ? 
_citation.journal_issue             ? 
_citation.journal_volume            290 
_citation.language                  ? 
_citation.page_first                9387 
_citation.page_last                 9398 
_citation.title                     
;Structure of a BAG6 (Bcl-2-associated Athanogene 6)-Ubl4a (Ubiquitin-like Protein 4a) Complex Reveals a Novel Binding Interface That Functions in Tail-anchored Protein Biogenesis
;
_citation.year                      2015 
_citation.database_id_CSD           ? 
_citation.pdbx_database_id_DOI      10.1074/jbc.M114.631804 
_citation.pdbx_database_id_PubMed   25713138 
_citation.unpublished_flag          ? 
# 
loop_
_citation_author.citation_id 
_citation_author.name 
_citation_author.ordinal 
_citation_author.identifier_ORCID 
primary 'Kuwabara, N.'  1 ? 
primary 'Minami, R.'    2 ? 
primary 'Yokota, N.'    3 ? 
primary 'Matsumoto, H.' 4 ? 
primary 'Senda, T.'     5 ? 
primary 'Kawahara, H.'  6 ? 
primary 'Kato, R.'      7 ? 
# 
loop_
_entity.id 
_entity.type 
_entity.src_method 
_entity.pdbx_description 
_entity.formula_weight 
_entity.pdbx_number_of_molecules 
_entity.pdbx_ec 
_entity.pdbx_mutation 
_entity.pdbx_fragment 
_entity.details 
1 polymer     man 'Ubiquitin-like protein 4A'                                 6657.555 1  ? ? 'UNP residues 95-147'    ? 
2 polymer     man 'Large proline-rich protein BAG6'                           9003.036 1  ? ? 'UNP residues 1048-1123' ? 
3 non-polymer syn '3-[(3-CHOLAMIDOPROPYL)DIMETHYLAMMONIO]-1-PROPANESULFONATE' 614.877  1  ? ? ?                        ? 
4 non-polymer syn 'SULFATE ION'                                               96.063   2  ? ? ?                        ? 
5 water       nat water                                                       18.015   21 ? ? ?                        ? 
# 
loop_
_entity_name_com.entity_id 
_entity_name_com.name 
1 'Ubiquitin-like protein GDX' 
2 
;BAG family molecular chaperone regulator 6,BCL2-associated athanogene 6,BAG6,HLA-B-associated transcript 3,Protein G3,Protein Scythe
;
# 
loop_
_entity_poly.entity_id 
_entity_poly.type 
_entity_poly.nstd_linkage 
_entity_poly.nstd_monomer 
_entity_poly.pdbx_seq_one_letter_code 
_entity_poly.pdbx_seq_one_letter_code_can 
_entity_poly.pdbx_strand_id 
_entity_poly.pdbx_target_identifier 
1 'polypeptide(L)' no no GPLGSVWQLISKVLARHFSAADASRVLEQLQRDYERSLSRLTLDDIERLASRFLHPEV                           
GPLGSVWQLISKVLARHFSAADASRVLEQLQRDYERSLSRLTLDDIERLASRFLHPEV                           A ? 
2 'polypeptide(L)' no no 
;GPLGSAKRRKTMQGEGPQLLLSEAVSRAAKAAGARPLTSPESLSRDLEAPEVQESYRQQLRSDIQKRLQEDPNYSPQRFP
N
;
;GPLGSAKRRKTMQGEGPQLLLSEAVSRAAKAAGARPLTSPESLSRDLEAPEVQESYRQQLRSDIQKRLQEDPNYSPQRFP
N
;
B ? 
# 
loop_
_pdbx_entity_nonpoly.entity_id 
_pdbx_entity_nonpoly.name 
_pdbx_entity_nonpoly.comp_id 
3 '3-[(3-CHOLAMIDOPROPYL)DIMETHYLAMMONIO]-1-PROPANESULFONATE' CPS 
4 'SULFATE ION'                                               SO4 
5 water                                                       HOH 
# 
loop_
_entity_poly_seq.entity_id 
_entity_poly_seq.num 
_entity_poly_seq.mon_id 
_entity_poly_seq.hetero 
1 1  GLY n 
1 2  PRO n 
1 3  LEU n 
1 4  GLY n 
1 5  SER n 
1 6  VAL n 
1 7  TRP n 
1 8  GLN n 
1 9  LEU n 
1 10 ILE n 
1 11 SER n 
1 12 LYS n 
1 13 VAL n 
1 14 LEU n 
1 15 ALA n 
1 16 ARG n 
1 17 HIS n 
1 18 PHE n 
1 19 SER n 
1 20 ALA n 
1 21 ALA n 
1 22 ASP n 
1 23 ALA n 
1 24 SER n 
1 25 ARG n 
1 26 VAL n 
1 27 LEU n 
1 28 GLU n 
1 29 GLN n 
1 30 LEU n 
1 31 GLN n 
1 32 ARG n 
1 33 ASP n 
1 34 TYR n 
1 35 GLU n 
1 36 ARG n 
1 37 SER n 
1 38 LEU n 
1 39 SER n 
1 40 ARG n 
1 41 LEU n 
1 42 THR n 
1 43 LEU n 
1 44 ASP n 
1 45 ASP n 
1 46 ILE n 
1 47 GLU n 
1 48 ARG n 
1 49 LEU n 
1 50 ALA n 
1 51 SER n 
1 52 ARG n 
1 53 PHE n 
1 54 LEU n 
1 55 HIS n 
1 56 PRO n 
1 57 GLU n 
1 58 VAL n 
2 1  GLY n 
2 2  PRO n 
2 3  LEU n 
2 4  GLY n 
2 5  SER n 
2 6  ALA n 
2 7  LYS n 
2 8  ARG n 
2 9  ARG n 
2 10 LYS n 
2 11 THR n 
2 12 MET n 
2 13 GLN n 
2 14 GLY n 
2 15 GLU n 
2 16 GLY n 
2 17 PRO n 
2 18 GLN n 
2 19 LEU n 
2 20 LEU n 
2 21 LEU n 
2 22 SER n 
2 23 GLU n 
2 24 ALA n 
2 25 VAL n 
2 26 SER n 
2 27 ARG n 
2 28 ALA n 
2 29 ALA n 
2 30 LYS n 
2 31 ALA n 
2 32 ALA n 
2 33 GLY n 
2 34 ALA n 
2 35 ARG n 
2 36 PRO n 
2 37 LEU n 
2 38 THR n 
2 39 SER n 
2 40 PRO n 
2 41 GLU n 
2 42 SER n 
2 43 LEU n 
2 44 SER n 
2 45 ARG n 
2 46 ASP n 
2 47 LEU n 
2 48 GLU n 
2 49 ALA n 
2 50 PRO n 
2 51 GLU n 
2 52 VAL n 
2 53 GLN n 
2 54 GLU n 
2 55 SER n 
2 56 TYR n 
2 57 ARG n 
2 58 GLN n 
2 59 GLN n 
2 60 LEU n 
2 61 ARG n 
2 62 SER n 
2 63 ASP n 
2 64 ILE n 
2 65 GLN n 
2 66 LYS n 
2 67 ARG n 
2 68 LEU n 
2 69 GLN n 
2 70 GLU n 
2 71 ASP n 
2 72 PRO n 
2 73 ASN n 
2 74 TYR n 
2 75 SER n 
2 76 PRO n 
2 77 GLN n 
2 78 ARG n 
2 79 PHE n 
2 80 PRO n 
2 81 ASN n 
# 
loop_
_entity_src_gen.entity_id 
_entity_src_gen.pdbx_src_id 
_entity_src_gen.pdbx_alt_source_flag 
_entity_src_gen.pdbx_seq_type 
_entity_src_gen.pdbx_beg_seq_num 
_entity_src_gen.pdbx_end_seq_num 
_entity_src_gen.gene_src_common_name 
_entity_src_gen.gene_src_genus 
_entity_src_gen.pdbx_gene_src_gene 
_entity_src_gen.gene_src_species 
_entity_src_gen.gene_src_strain 
_entity_src_gen.gene_src_tissue 
_entity_src_gen.gene_src_tissue_fraction 
_entity_src_gen.gene_src_details 
_entity_src_gen.pdbx_gene_src_fragment 
_entity_src_gen.pdbx_gene_src_scientific_name 
_entity_src_gen.pdbx_gene_src_ncbi_taxonomy_id 
_entity_src_gen.pdbx_gene_src_variant 
_entity_src_gen.pdbx_gene_src_cell_line 
_entity_src_gen.pdbx_gene_src_atcc 
_entity_src_gen.pdbx_gene_src_organ 
_entity_src_gen.pdbx_gene_src_organelle 
_entity_src_gen.pdbx_gene_src_cell 
_entity_src_gen.pdbx_gene_src_cellular_location 
_entity_src_gen.host_org_common_name 
_entity_src_gen.pdbx_host_org_scientific_name 
_entity_src_gen.pdbx_host_org_ncbi_taxonomy_id 
_entity_src_gen.host_org_genus 
_entity_src_gen.pdbx_host_org_gene 
_entity_src_gen.pdbx_host_org_organ 
_entity_src_gen.host_org_species 
_entity_src_gen.pdbx_host_org_tissue 
_entity_src_gen.pdbx_host_org_tissue_fraction 
_entity_src_gen.pdbx_host_org_strain 
_entity_src_gen.pdbx_host_org_variant 
_entity_src_gen.pdbx_host_org_cell_line 
_entity_src_gen.pdbx_host_org_atcc 
_entity_src_gen.pdbx_host_org_culture_collection 
_entity_src_gen.pdbx_host_org_cell 
_entity_src_gen.pdbx_host_org_organelle 
_entity_src_gen.pdbx_host_org_cellular_location 
_entity_src_gen.pdbx_host_org_vector_type 
_entity_src_gen.pdbx_host_org_vector 
_entity_src_gen.host_org_details 
_entity_src_gen.expression_system_id 
_entity_src_gen.plasmid_name 
_entity_src_gen.plasmid_details 
_entity_src_gen.pdbx_description 
1 1 sample 'Biological sequence' 1 58 Human ? UBL4A ? ? ? ? ? ? 'Homo sapiens' 9606 ? ? ? ? ? ? ? ? 'Escherichia coli BL21(DE3)' 
469008 ? ? ? ? ? ? 'BL21(DE3)' ? ? ? ? ? ? ? ? ? ? ? ? ? ? 
2 1 sample 'Biological sequence' 1 81 Human ? BAG6  ? ? ? ? ? ? 'Homo sapiens' 9606 ? ? ? ? ? ? ? ? 'Escherichia coli BL21(DE3)' 
469008 ? ? ? ? ? ? 'BL21(DE3)' ? ? ? ? ? ? ? ? ? ? ? ? ? ? 
# 
loop_
_chem_comp.id 
_chem_comp.type 
_chem_comp.mon_nstd_flag 
_chem_comp.name 
_chem_comp.pdbx_synonyms 
_chem_comp.formula 
_chem_comp.formula_weight 
ALA 'L-peptide linking' y ALANINE                                                     ?     'C3 H7 N O2'      89.093  
ARG 'L-peptide linking' y ARGININE                                                    ?     'C6 H15 N4 O2 1'  175.209 
ASN 'L-peptide linking' y ASPARAGINE                                                  ?     'C4 H8 N2 O3'     132.118 
ASP 'L-peptide linking' y 'ASPARTIC ACID'                                             ?     'C4 H7 N O4'      133.103 
CPS non-polymer         . '3-[(3-CHOLAMIDOPROPYL)DIMETHYLAMMONIO]-1-PROPANESULFONATE' CHAPS 'C32 H58 N2 O7 S' 614.877 
GLN 'L-peptide linking' y GLUTAMINE                                                   ?     'C5 H10 N2 O3'    146.144 
GLU 'L-peptide linking' y 'GLUTAMIC ACID'                                             ?     'C5 H9 N O4'      147.129 
GLY 'peptide linking'   y GLYCINE                                                     ?     'C2 H5 N O2'      75.067  
HIS 'L-peptide linking' y HISTIDINE                                                   ?     'C6 H10 N3 O2 1'  156.162 
HOH non-polymer         . WATER                                                       ?     'H2 O'            18.015  
ILE 'L-peptide linking' y ISOLEUCINE                                                  ?     'C6 H13 N O2'     131.173 
LEU 'L-peptide linking' y LEUCINE                                                     ?     'C6 H13 N O2'     131.173 
LYS 'L-peptide linking' y LYSINE                                                      ?     'C6 H15 N2 O2 1'  147.195 
MET 'L-peptide linking' y METHIONINE                                                  ?     'C5 H11 N O2 S'   149.211 
PHE 'L-peptide linking' y PHENYLALANINE                                               ?     'C9 H11 N O2'     165.189 
PRO 'L-peptide linking' y PROLINE                                                     ?     'C5 H9 N O2'      115.130 
SER 'L-peptide linking' y SERINE                                                      ?     'C3 H7 N O3'      105.093 
SO4 non-polymer         . 'SULFATE ION'                                               ?     'O4 S -2'         96.063  
THR 'L-peptide linking' y THREONINE                                                   ?     'C4 H9 N O3'      119.119 
TRP 'L-peptide linking' y TRYPTOPHAN                                                  ?     'C11 H12 N2 O2'   204.225 
TYR 'L-peptide linking' y TYROSINE                                                    ?     'C9 H11 N O3'     181.189 
VAL 'L-peptide linking' y VALINE                                                      ?     'C5 H11 N O2'     117.146 
# 
loop_
_pdbx_poly_seq_scheme.asym_id 
_pdbx_poly_seq_scheme.entity_id 
_pdbx_poly_seq_scheme.seq_id 
_pdbx_poly_seq_scheme.mon_id 
_pdbx_poly_seq_scheme.ndb_seq_num 
_pdbx_poly_seq_scheme.pdb_seq_num 
_pdbx_poly_seq_scheme.auth_seq_num 
_pdbx_poly_seq_scheme.pdb_mon_id 
_pdbx_poly_seq_scheme.auth_mon_id 
_pdbx_poly_seq_scheme.pdb_strand_id 
_pdbx_poly_seq_scheme.pdb_ins_code 
_pdbx_poly_seq_scheme.hetero 
A 1 1  GLY 1  90   ?    ?   ?   A . n 
A 1 2  PRO 2  91   ?    ?   ?   A . n 
A 1 3  LEU 3  92   ?    ?   ?   A . n 
A 1 4  GLY 4  93   93   GLY GLY A . n 
A 1 5  SER 5  94   94   SER SER A . n 
A 1 6  VAL 6  95   95   VAL VAL A . n 
A 1 7  TRP 7  96   96   TRP TRP A . n 
A 1 8  GLN 8  97   97   GLN GLN A . n 
A 1 9  LEU 9  98   98   LEU LEU A . n 
A 1 10 ILE 10 99   99   ILE ILE A . n 
A 1 11 SER 11 100  100  SER SER A . n 
A 1 12 LYS 12 101  101  LYS LYS A . n 
A 1 13 VAL 13 102  102  VAL VAL A . n 
A 1 14 LEU 14 103  103  LEU LEU A . n 
A 1 15 ALA 15 104  104  ALA ALA A . n 
A 1 16 ARG 16 105  105  ARG ARG A . n 
A 1 17 HIS 17 106  106  HIS HIS A . n 
A 1 18 PHE 18 107  107  PHE PHE A . n 
A 1 19 SER 19 108  108  SER SER A . n 
A 1 20 ALA 20 109  109  ALA ALA A . n 
A 1 21 ALA 21 110  110  ALA ALA A . n 
A 1 22 ASP 22 111  111  ASP ASP A . n 
A 1 23 ALA 23 112  112  ALA ALA A . n 
A 1 24 SER 24 113  113  SER SER A . n 
A 1 25 ARG 25 114  114  ARG ARG A . n 
A 1 26 VAL 26 115  115  VAL VAL A . n 
A 1 27 LEU 27 116  116  LEU LEU A . n 
A 1 28 GLU 28 117  117  GLU GLU A . n 
A 1 29 GLN 29 118  118  GLN GLN A . n 
A 1 30 LEU 30 119  119  LEU LEU A . n 
A 1 31 GLN 31 120  120  GLN GLN A . n 
A 1 32 ARG 32 121  121  ARG ARG A . n 
A 1 33 ASP 33 122  122  ASP ASP A . n 
A 1 34 TYR 34 123  123  TYR TYR A . n 
A 1 35 GLU 35 124  124  GLU GLU A . n 
A 1 36 ARG 36 125  125  ARG ARG A . n 
A 1 37 SER 37 126  126  SER SER A . n 
A 1 38 LEU 38 127  127  LEU LEU A . n 
A 1 39 SER 39 128  128  SER SER A . n 
A 1 40 ARG 40 129  129  ARG ARG A . n 
A 1 41 LEU 41 130  130  LEU LEU A . n 
A 1 42 THR 42 131  131  THR THR A . n 
A 1 43 LEU 43 132  132  LEU LEU A . n 
A 1 44 ASP 44 133  133  ASP ASP A . n 
A 1 45 ASP 45 134  134  ASP ASP A . n 
A 1 46 ILE 46 135  135  ILE ILE A . n 
A 1 47 GLU 47 136  136  GLU GLU A . n 
A 1 48 ARG 48 137  137  ARG ARG A . n 
A 1 49 LEU 49 138  138  LEU LEU A . n 
A 1 50 ALA 50 139  139  ALA ALA A . n 
A 1 51 SER 51 140  140  SER SER A . n 
A 1 52 ARG 52 141  141  ARG ARG A . n 
A 1 53 PHE 53 142  142  PHE PHE A . n 
A 1 54 LEU 54 143  143  LEU LEU A . n 
A 1 55 HIS 55 144  ?    ?   ?   A . n 
A 1 56 PRO 56 145  ?    ?   ?   A . n 
A 1 57 GLU 57 146  ?    ?   ?   A . n 
A 1 58 VAL 58 147  ?    ?   ?   A . n 
B 2 1  GLY 1  1044 ?    ?   ?   B . n 
B 2 2  PRO 2  1045 ?    ?   ?   B . n 
B 2 3  LEU 3  1046 ?    ?   ?   B . n 
B 2 4  GLY 4  1047 ?    ?   ?   B . n 
B 2 5  SER 5  1048 ?    ?   ?   B . n 
B 2 6  ALA 6  1049 ?    ?   ?   B . n 
B 2 7  LYS 7  1050 ?    ?   ?   B . n 
B 2 8  ARG 8  1051 ?    ?   ?   B . n 
B 2 9  ARG 9  1052 ?    ?   ?   B . n 
B 2 10 LYS 10 1053 ?    ?   ?   B . n 
B 2 11 THR 11 1054 ?    ?   ?   B . n 
B 2 12 MET 12 1055 ?    ?   ?   B . n 
B 2 13 GLN 13 1056 ?    ?   ?   B . n 
B 2 14 GLY 14 1057 ?    ?   ?   B . n 
B 2 15 GLU 15 1058 1058 GLU GLU B . n 
B 2 16 GLY 16 1059 1059 GLY GLY B . n 
B 2 17 PRO 17 1060 1060 PRO PRO B . n 
B 2 18 GLN 18 1061 1061 GLN GLN B . n 
B 2 19 LEU 19 1062 1062 LEU LEU B . n 
B 2 20 LEU 20 1063 1063 LEU LEU B . n 
B 2 21 LEU 21 1064 1064 LEU LEU B . n 
B 2 22 SER 22 1065 1065 SER SER B . n 
B 2 23 GLU 23 1066 1066 GLU GLU B . n 
B 2 24 ALA 24 1067 1067 ALA ALA B . n 
B 2 25 VAL 25 1068 1068 VAL VAL B . n 
B 2 26 SER 26 1069 1069 SER SER B . n 
B 2 27 ARG 27 1070 1070 ARG ARG B . n 
B 2 28 ALA 28 1071 1071 ALA ALA B . n 
B 2 29 ALA 29 1072 1072 ALA ALA B . n 
B 2 30 LYS 30 1073 1073 LYS LYS B . n 
B 2 31 ALA 31 1074 1074 ALA ALA B . n 
B 2 32 ALA 32 1075 1075 ALA ALA B . n 
B 2 33 GLY 33 1076 1076 GLY GLY B . n 
B 2 34 ALA 34 1077 1077 ALA ALA B . n 
B 2 35 ARG 35 1078 1078 ARG ARG B . n 
B 2 36 PRO 36 1079 1079 PRO PRO B . n 
B 2 37 LEU 37 1080 1080 LEU LEU B . n 
B 2 38 THR 38 1081 1081 THR THR B . n 
B 2 39 SER 39 1082 1082 SER SER B . n 
B 2 40 PRO 40 1083 1083 PRO PRO B . n 
B 2 41 GLU 41 1084 1084 GLU GLU B . n 
B 2 42 SER 42 1085 1085 SER SER B . n 
B 2 43 LEU 43 1086 1086 LEU LEU B . n 
B 2 44 SER 44 1087 1087 SER SER B . n 
B 2 45 ARG 45 1088 1088 ARG ARG B . n 
B 2 46 ASP 46 1089 1089 ASP ASP B . n 
B 2 47 LEU 47 1090 1090 LEU LEU B . n 
B 2 48 GLU 48 1091 1091 GLU GLU B . n 
B 2 49 ALA 49 1092 1092 ALA ALA B . n 
B 2 50 PRO 50 1093 1093 PRO PRO B . n 
B 2 51 GLU 51 1094 1094 GLU GLU B . n 
B 2 52 VAL 52 1095 1095 VAL VAL B . n 
B 2 53 GLN 53 1096 1096 GLN GLN B . n 
B 2 54 GLU 54 1097 1097 GLU GLU B . n 
B 2 55 SER 55 1098 1098 SER SER B . n 
B 2 56 TYR 56 1099 1099 TYR TYR B . n 
B 2 57 ARG 57 1100 1100 ARG ARG B . n 
B 2 58 GLN 58 1101 1101 GLN GLN B . n 
B 2 59 GLN 59 1102 1102 GLN GLN B . n 
B 2 60 LEU 60 1103 1103 LEU LEU B . n 
B 2 61 ARG 61 1104 1104 ARG ARG B . n 
B 2 62 SER 62 1105 1105 SER SER B . n 
B 2 63 ASP 63 1106 1106 ASP ASP B . n 
B 2 64 ILE 64 1107 1107 ILE ILE B . n 
B 2 65 GLN 65 1108 1108 GLN GLN B . n 
B 2 66 LYS 66 1109 1109 LYS LYS B . n 
B 2 67 ARG 67 1110 1110 ARG ARG B . n 
B 2 68 LEU 68 1111 1111 LEU LEU B . n 
B 2 69 GLN 69 1112 1112 GLN GLN B . n 
B 2 70 GLU 70 1113 1113 GLU GLU B . n 
B 2 71 ASP 71 1114 ?    ?   ?   B . n 
B 2 72 PRO 72 1115 ?    ?   ?   B . n 
B 2 73 ASN 73 1116 ?    ?   ?   B . n 
B 2 74 TYR 74 1117 ?    ?   ?   B . n 
B 2 75 SER 75 1118 ?    ?   ?   B . n 
B 2 76 PRO 76 1119 ?    ?   ?   B . n 
B 2 77 GLN 77 1120 ?    ?   ?   B . n 
B 2 78 ARG 78 1121 ?    ?   ?   B . n 
B 2 79 PHE 79 1122 ?    ?   ?   B . n 
B 2 80 PRO 80 1123 ?    ?   ?   B . n 
B 2 81 ASN 81 1124 ?    ?   ?   B . n 
# 
loop_
_pdbx_nonpoly_scheme.asym_id 
_pdbx_nonpoly_scheme.entity_id 
_pdbx_nonpoly_scheme.mon_id 
_pdbx_nonpoly_scheme.ndb_seq_num 
_pdbx_nonpoly_scheme.pdb_seq_num 
_pdbx_nonpoly_scheme.auth_seq_num 
_pdbx_nonpoly_scheme.pdb_mon_id 
_pdbx_nonpoly_scheme.auth_mon_id 
_pdbx_nonpoly_scheme.pdb_strand_id 
_pdbx_nonpoly_scheme.pdb_ins_code 
C 3 CPS 1  1201 1  CPS CPS B . 
D 4 SO4 1  1202 2  SO4 SO4 B . 
E 4 SO4 1  1203 3  SO4 SO4 B . 
F 5 HOH 1  201  22 HOH HOH A . 
F 5 HOH 2  202  8  HOH HOH A . 
F 5 HOH 3  203  10 HOH HOH A . 
F 5 HOH 4  204  19 HOH HOH A . 
F 5 HOH 5  205  7  HOH HOH A . 
F 5 HOH 6  206  1  HOH HOH A . 
F 5 HOH 7  207  14 HOH HOH A . 
F 5 HOH 8  208  18 HOH HOH A . 
F 5 HOH 9  209  3  HOH HOH A . 
F 5 HOH 10 210  6  HOH HOH A . 
F 5 HOH 11 211  13 HOH HOH A . 
G 5 HOH 1  1301 15 HOH HOH B . 
G 5 HOH 2  1302 17 HOH HOH B . 
G 5 HOH 3  1303 20 HOH HOH B . 
G 5 HOH 4  1304 23 HOH HOH B . 
G 5 HOH 5  1305 2  HOH HOH B . 
G 5 HOH 6  1306 4  HOH HOH B . 
G 5 HOH 7  1307 9  HOH HOH B . 
G 5 HOH 8  1308 11 HOH HOH B . 
G 5 HOH 9  1309 12 HOH HOH B . 
G 5 HOH 10 1310 16 HOH HOH B . 
# 
loop_
_pdbx_unobs_or_zero_occ_atoms.id 
_pdbx_unobs_or_zero_occ_atoms.PDB_model_num 
_pdbx_unobs_or_zero_occ_atoms.polymer_flag 
_pdbx_unobs_or_zero_occ_atoms.occupancy_flag 
_pdbx_unobs_or_zero_occ_atoms.auth_asym_id 
_pdbx_unobs_or_zero_occ_atoms.auth_comp_id 
_pdbx_unobs_or_zero_occ_atoms.auth_seq_id 
_pdbx_unobs_or_zero_occ_atoms.PDB_ins_code 
_pdbx_unobs_or_zero_occ_atoms.auth_atom_id 
_pdbx_unobs_or_zero_occ_atoms.label_alt_id 
_pdbx_unobs_or_zero_occ_atoms.label_asym_id 
_pdbx_unobs_or_zero_occ_atoms.label_comp_id 
_pdbx_unobs_or_zero_occ_atoms.label_seq_id 
_pdbx_unobs_or_zero_occ_atoms.label_atom_id 
1  1 Y 1 A ARG 125  ? NE  ? A ARG 36 NE  
2  1 Y 1 A ARG 125  ? CZ  ? A ARG 36 CZ  
3  1 Y 1 A ARG 125  ? NH1 ? A ARG 36 NH1 
4  1 Y 1 A ARG 125  ? NH2 ? A ARG 36 NH2 
5  1 Y 1 A ARG 129  ? NE  ? A ARG 40 NE  
6  1 Y 1 A ARG 129  ? CZ  ? A ARG 40 CZ  
7  1 Y 1 A ARG 129  ? NH1 ? A ARG 40 NH1 
8  1 Y 1 A ARG 129  ? NH2 ? A ARG 40 NH2 
9  1 Y 1 A LEU 132  ? CD1 ? A LEU 43 CD1 
10 1 Y 1 A LEU 132  ? CD2 ? A LEU 43 CD2 
11 1 Y 1 A ASP 133  ? OD1 ? A ASP 44 OD1 
12 1 Y 1 A ASP 133  ? OD2 ? A ASP 44 OD2 
13 1 Y 1 A GLU 136  ? CG  ? A GLU 47 CG  
14 1 Y 1 A GLU 136  ? CD  ? A GLU 47 CD  
15 1 Y 1 A GLU 136  ? OE1 ? A GLU 47 OE1 
16 1 Y 1 A GLU 136  ? OE2 ? A GLU 47 OE2 
17 1 Y 1 A ARG 137  ? CD  ? A ARG 48 CD  
18 1 Y 1 A ARG 137  ? NE  ? A ARG 48 NE  
19 1 Y 1 A ARG 137  ? CZ  ? A ARG 48 CZ  
20 1 Y 1 A ARG 137  ? NH1 ? A ARG 48 NH1 
21 1 Y 1 A ARG 137  ? NH2 ? A ARG 48 NH2 
22 1 Y 1 A SER 140  ? OG  ? A SER 51 OG  
23 1 Y 1 B LEU 1111 ? CD1 ? B LEU 68 CD1 
24 1 Y 1 B LEU 1111 ? CD2 ? B LEU 68 CD2 
# 
loop_
_software.citation_id 
_software.classification 
_software.compiler_name 
_software.compiler_version 
_software.contact_author 
_software.contact_author_email 
_software.date 
_software.description 
_software.dependencies 
_software.hardware 
_software.language 
_software.location 
_software.mods 
_software.name 
_software.os 
_software.os_version 
_software.type 
_software.version 
_software.pdbx_ordinal 
? refinement        ? ? ? ? ? ? ? ? ? ? ? PHENIX      ? ? ? '(phenix.refine: 1.9_1692)' 1 
? 'data reduction'  ? ? ? ? ? ? ? ? ? ? ? Aimless     ? ? ? 0.1.27                      2 
? 'data extraction' ? ? ? ? ? ? ? ? ? ? ? PDB_EXTRACT ? ? ? 3.15                        3 
? 'data scaling'    ? ? ? ? ? ? ? ? ? ? ? Aimless     ? ? ? .                           4 
? phasing           ? ? ? ? ? ? ? ? ? ? ? PHENIX      ? ? ? .                           5 
# 
_cell.entry_id           4X86 
_cell.length_a           72.987 
_cell.length_b           72.987 
_cell.length_c           48.481 
_cell.angle_alpha        90.00 
_cell.angle_beta         90.00 
_cell.angle_gamma        120.00 
_cell.Z_PDB              6 
_cell.pdbx_unique_axis   ? 
# 
_symmetry.entry_id                         4X86 
_symmetry.space_group_name_H-M             'P 62' 
_symmetry.pdbx_full_space_group_name_H-M   ? 
_symmetry.cell_setting                     ? 
_symmetry.Int_Tables_number                171 
# 
_exptl.absorpt_coefficient_mu     ? 
_exptl.absorpt_correction_T_max   ? 
_exptl.absorpt_correction_T_min   ? 
_exptl.absorpt_correction_type    ? 
_exptl.absorpt_process_details    ? 
_exptl.entry_id                   4X86 
_exptl.crystals_number            1 
_exptl.details                    ? 
_exptl.method                     'X-RAY DIFFRACTION' 
_exptl.method_details             ? 
# 
_exptl_crystal.colour                      ? 
_exptl_crystal.density_diffrn              ? 
_exptl_crystal.density_Matthews            2.38 
_exptl_crystal.density_method              ? 
_exptl_crystal.density_percent_sol         48.33 
_exptl_crystal.description                 ? 
_exptl_crystal.F_000                       ? 
_exptl_crystal.id                          1 
_exptl_crystal.preparation                 ? 
_exptl_crystal.size_max                    ? 
_exptl_crystal.size_mid                    ? 
_exptl_crystal.size_min                    ? 
_exptl_crystal.size_rad                    ? 
_exptl_crystal.colour_lustre               ? 
_exptl_crystal.colour_modifier             ? 
_exptl_crystal.colour_primary              ? 
_exptl_crystal.density_meas                ? 
_exptl_crystal.density_meas_esd            ? 
_exptl_crystal.density_meas_gt             ? 
_exptl_crystal.density_meas_lt             ? 
_exptl_crystal.density_meas_temp           ? 
_exptl_crystal.density_meas_temp_esd       ? 
_exptl_crystal.density_meas_temp_gt        ? 
_exptl_crystal.density_meas_temp_lt        ? 
_exptl_crystal.pdbx_crystal_image_url      ? 
_exptl_crystal.pdbx_crystal_image_format   ? 
_exptl_crystal.pdbx_mosaicity              ? 
_exptl_crystal.pdbx_mosaicity_esd          ? 
# 
_exptl_crystal_grow.apparatus       ? 
_exptl_crystal_grow.atmosphere      ? 
_exptl_crystal_grow.crystal_id      1 
_exptl_crystal_grow.details         ? 
_exptl_crystal_grow.method          'VAPOR DIFFUSION, HANGING DROP' 
_exptl_crystal_grow.method_ref      ? 
_exptl_crystal_grow.pH              9.6 
_exptl_crystal_grow.pressure        ? 
_exptl_crystal_grow.pressure_esd    ? 
_exptl_crystal_grow.seeding         ? 
_exptl_crystal_grow.seeding_ref     ? 
_exptl_crystal_grow.temp            293 
_exptl_crystal_grow.temp_details    ? 
_exptl_crystal_grow.temp_esd        ? 
_exptl_crystal_grow.time            ? 
_exptl_crystal_grow.pdbx_details    'CAPS-NaOH, AmSO4, LiSO4, 2,2,2-trifluoroethanol, CHAPS' 
_exptl_crystal_grow.pdbx_pH_range   ? 
# 
_diffrn.ambient_environment    ? 
_diffrn.ambient_temp           100 
_diffrn.ambient_temp_details   ? 
_diffrn.ambient_temp_esd       ? 
_diffrn.crystal_id             1 
_diffrn.crystal_support        ? 
_diffrn.crystal_treatment      ? 
_diffrn.details                ? 
_diffrn.id                     1 
_diffrn.ambient_pressure       ? 
_diffrn.ambient_pressure_esd   ? 
_diffrn.ambient_pressure_gt    ? 
_diffrn.ambient_pressure_lt    ? 
_diffrn.ambient_temp_gt        ? 
_diffrn.ambient_temp_lt        ? 
# 
_diffrn_detector.details                      ? 
_diffrn_detector.detector                     PIXEL 
_diffrn_detector.diffrn_id                    1 
_diffrn_detector.type                         'DECTRIS PILATUS 2M' 
_diffrn_detector.area_resol_mean              ? 
_diffrn_detector.dtime                        ? 
_diffrn_detector.pdbx_frames_total            ? 
_diffrn_detector.pdbx_collection_time_total   ? 
_diffrn_detector.pdbx_collection_date         2013-11-27 
# 
_diffrn_radiation.collimation                      ? 
_diffrn_radiation.diffrn_id                        1 
_diffrn_radiation.filter_edge                      ? 
_diffrn_radiation.inhomogeneity                    ? 
_diffrn_radiation.monochromator                    ? 
_diffrn_radiation.polarisn_norm                    ? 
_diffrn_radiation.polarisn_ratio                   ? 
_diffrn_radiation.probe                            ? 
_diffrn_radiation.type                             ? 
_diffrn_radiation.xray_symbol                      ? 
_diffrn_radiation.wavelength_id                    1 
_diffrn_radiation.pdbx_monochromatic_or_laue_m_l   M 
_diffrn_radiation.pdbx_wavelength_list             ? 
_diffrn_radiation.pdbx_wavelength                  ? 
_diffrn_radiation.pdbx_diffrn_protocol             'SINGLE WAVELENGTH' 
_diffrn_radiation.pdbx_analyzer                    ? 
_diffrn_radiation.pdbx_scattering_type             x-ray 
# 
_diffrn_radiation_wavelength.id           1 
_diffrn_radiation_wavelength.wavelength   1.1 
_diffrn_radiation_wavelength.wt           1.0 
# 
_diffrn_source.current                     ? 
_diffrn_source.details                     ? 
_diffrn_source.diffrn_id                   1 
_diffrn_source.power                       ? 
_diffrn_source.size                        ? 
_diffrn_source.source                      SYNCHROTRON 
_diffrn_source.target                      ? 
_diffrn_source.type                        'PHOTON FACTORY BEAMLINE BL-1A' 
_diffrn_source.voltage                     ? 
_diffrn_source.take-off_angle              ? 
_diffrn_source.pdbx_wavelength_list        1.1 
_diffrn_source.pdbx_wavelength             ? 
_diffrn_source.pdbx_synchrotron_beamline   BL-1A 
_diffrn_source.pdbx_synchrotron_site       'Photon Factory' 
# 
_reflns.B_iso_Wilson_estimate            46.410 
_reflns.entry_id                         4X86 
_reflns.data_reduction_details           ? 
_reflns.data_reduction_method            ? 
_reflns.d_resolution_high                1.850 
_reflns.d_resolution_low                 48.480 
_reflns.details                          ? 
_reflns.limit_h_max                      ? 
_reflns.limit_h_min                      ? 
_reflns.limit_k_max                      ? 
_reflns.limit_k_min                      ? 
_reflns.limit_l_max                      ? 
_reflns.limit_l_min                      ? 
_reflns.number_all                       ? 
_reflns.number_obs                       12717 
_reflns.observed_criterion               ? 
_reflns.observed_criterion_F_max         ? 
_reflns.observed_criterion_F_min         ? 
_reflns.observed_criterion_I_max         ? 
_reflns.observed_criterion_I_min         ? 
_reflns.observed_criterion_sigma_F       ? 
_reflns.observed_criterion_sigma_I       ? 
_reflns.percent_possible_obs             100.000 
_reflns.R_free_details                   ? 
_reflns.Rmerge_F_all                     ? 
_reflns.Rmerge_F_obs                     ? 
_reflns.Friedel_coverage                 ? 
_reflns.number_gt                        ? 
_reflns.threshold_expression             ? 
_reflns.pdbx_redundancy                  19.600 
_reflns.pdbx_Rmerge_I_obs                0.045 
_reflns.pdbx_Rmerge_I_all                ? 
_reflns.pdbx_Rsym_value                  ? 
_reflns.pdbx_netI_over_av_sigmaI         ? 
_reflns.pdbx_netI_over_sigmaI            31.600 
_reflns.pdbx_res_netI_over_av_sigmaI_2   ? 
_reflns.pdbx_res_netI_over_sigmaI_2      ? 
_reflns.pdbx_chi_squared                 ? 
_reflns.pdbx_scaling_rejects             10 
_reflns.pdbx_d_res_high_opt              ? 
_reflns.pdbx_d_res_low_opt               ? 
_reflns.pdbx_d_res_opt_method            ? 
_reflns.phase_calculation_details        ? 
_reflns.pdbx_Rrim_I_all                  ? 
_reflns.pdbx_Rpim_I_all                  0.011 
_reflns.pdbx_d_opt                       ? 
_reflns.pdbx_number_measured_all         249572 
_reflns.pdbx_diffrn_id                   1 
_reflns.pdbx_ordinal                     1 
_reflns.pdbx_CC_half                     1.000 
_reflns.pdbx_R_split                     ? 
# 
loop_
_reflns_shell.d_res_high 
_reflns_shell.d_res_low 
_reflns_shell.meanI_over_sigI_all 
_reflns_shell.meanI_over_sigI_obs 
_reflns_shell.number_measured_all 
_reflns_shell.number_measured_obs 
_reflns_shell.number_possible 
_reflns_shell.number_unique_all 
_reflns_shell.number_unique_obs 
_reflns_shell.percent_possible_all 
_reflns_shell.percent_possible_obs 
_reflns_shell.Rmerge_F_all 
_reflns_shell.Rmerge_F_obs 
_reflns_shell.Rmerge_I_all 
_reflns_shell.Rmerge_I_obs 
_reflns_shell.meanI_over_sigI_gt 
_reflns_shell.meanI_over_uI_all 
_reflns_shell.meanI_over_uI_gt 
_reflns_shell.number_measured_gt 
_reflns_shell.number_unique_gt 
_reflns_shell.percent_possible_gt 
_reflns_shell.Rmerge_F_gt 
_reflns_shell.Rmerge_I_gt 
_reflns_shell.pdbx_redundancy 
_reflns_shell.pdbx_Rsym_value 
_reflns_shell.pdbx_chi_squared 
_reflns_shell.pdbx_netI_over_sigmaI_all 
_reflns_shell.pdbx_netI_over_sigmaI_obs 
_reflns_shell.pdbx_Rrim_I_all 
_reflns_shell.pdbx_Rpim_I_all 
_reflns_shell.pdbx_rejects 
_reflns_shell.pdbx_ordinal 
_reflns_shell.pdbx_diffrn_id 
_reflns_shell.pdbx_CC_half 
_reflns_shell.pdbx_R_split 
1.850 1.890  ? 1.100   15645 ? ? 789 ? 100.000 ? ? ? ? 3.491 ? ? ? ? ? ? ? ? 19.800 ? ? ? ? ? 0.802 0 1 1 0.530 ? 
9.060 48.480 ? 109.900 2145  ? ? 120 ? 98.900  ? ? ? ? 0.027 ? ? ? ? ? ? ? ? 17.900 ? ? ? ? ? 0.006 0 2 1 1.000 ? 
# 
_refine.pdbx_refine_id                           'X-RAY DIFFRACTION' 
_refine.entry_id                                 4X86 
_refine.pdbx_diffrn_id                           1 
_refine.pdbx_TLS_residual_ADP_flag               ? 
_refine.ls_number_reflns_obs                     12693 
_refine.ls_number_reflns_all                     ? 
_refine.pdbx_ls_sigma_I                          ? 
_refine.pdbx_ls_sigma_F                          1.34 
_refine.pdbx_data_cutoff_high_absF               ? 
_refine.pdbx_data_cutoff_low_absF                ? 
_refine.pdbx_data_cutoff_high_rms_absF           ? 
_refine.ls_d_res_low                             38.469 
_refine.ls_d_res_high                            1.850 
_refine.ls_percent_reflns_obs                    99.94 
_refine.ls_R_factor_obs                          0.2075 
_refine.ls_R_factor_all                          ? 
_refine.ls_R_factor_R_work                       0.2042 
_refine.ls_R_factor_R_free                       0.2371 
_refine.ls_R_factor_R_free_error                 ? 
_refine.ls_R_factor_R_free_error_details         ? 
_refine.ls_percent_reflns_R_free                 9.95 
_refine.ls_number_reflns_R_free                  1263 
_refine.ls_number_parameters                     ? 
_refine.ls_number_restraints                     ? 
_refine.occupancy_min                            ? 
_refine.occupancy_max                            ? 
_refine.correlation_coeff_Fo_to_Fc               ? 
_refine.correlation_coeff_Fo_to_Fc_free          ? 
_refine.B_iso_mean                               ? 
_refine.aniso_B[1][1]                            ? 
_refine.aniso_B[2][2]                            ? 
_refine.aniso_B[3][3]                            ? 
_refine.aniso_B[1][2]                            ? 
_refine.aniso_B[1][3]                            ? 
_refine.aniso_B[2][3]                            ? 
_refine.solvent_model_details                    'FLAT BULK SOLVENT MODEL' 
_refine.solvent_model_param_ksol                 ? 
_refine.solvent_model_param_bsol                 ? 
_refine.pdbx_solvent_vdw_probe_radii             1.11 
_refine.pdbx_solvent_ion_probe_radii             ? 
_refine.pdbx_solvent_shrinkage_radii             0.90 
_refine.pdbx_ls_cross_valid_method               'FREE R-VALUE' 
_refine.details                                  ? 
_refine.pdbx_starting_model                      ? 
_refine.pdbx_method_to_determine_struct          SAD 
_refine.pdbx_isotropic_thermal_model             ? 
_refine.pdbx_stereochemistry_target_values       ML 
_refine.pdbx_stereochem_target_val_spec_case     ? 
_refine.pdbx_R_Free_selection_details            ? 
_refine.pdbx_overall_ESU_R                       ? 
_refine.pdbx_overall_ESU_R_Free                  ? 
_refine.overall_SU_ML                            0.27 
_refine.pdbx_overall_phase_error                 25.87 
_refine.overall_SU_B                             ? 
_refine.overall_SU_R_Cruickshank_DPI             ? 
_refine.pdbx_overall_SU_R_free_Cruickshank_DPI   ? 
_refine.pdbx_overall_SU_R_Blow_DPI               ? 
_refine.pdbx_overall_SU_R_free_Blow_DPI          ? 
# 
_refine_hist.pdbx_refine_id                   'X-RAY DIFFRACTION' 
_refine_hist.cycle_id                         LAST 
_refine_hist.pdbx_number_atoms_protein        828 
_refine_hist.pdbx_number_atoms_nucleic_acid   0 
_refine_hist.pdbx_number_atoms_ligand         52 
_refine_hist.number_atoms_solvent             21 
_refine_hist.number_atoms_total               901 
_refine_hist.d_res_high                       1.850 
_refine_hist.d_res_low                        38.469 
# 
loop_
_refine_ls_restr.type 
_refine_ls_restr.dev_ideal 
_refine_ls_restr.dev_ideal_target 
_refine_ls_restr.weight 
_refine_ls_restr.number 
_refine_ls_restr.pdbx_refine_id 
_refine_ls_restr.pdbx_restraint_function 
f_bond_d           0.007  ? ? 890  'X-RAY DIFFRACTION' ? 
f_angle_d          1.150  ? ? 1209 'X-RAY DIFFRACTION' ? 
f_dihedral_angle_d 15.672 ? ? 354  'X-RAY DIFFRACTION' ? 
f_chiral_restr     0.049  ? ? 142  'X-RAY DIFFRACTION' ? 
f_plane_restr      0.005  ? ? 149  'X-RAY DIFFRACTION' ? 
# 
loop_
_refine_ls_shell.pdbx_refine_id 
_refine_ls_shell.pdbx_total_number_of_bins_used 
_refine_ls_shell.d_res_high 
_refine_ls_shell.d_res_low 
_refine_ls_shell.number_reflns_R_work 
_refine_ls_shell.R_factor_R_work 
_refine_ls_shell.percent_reflns_obs 
_refine_ls_shell.R_factor_R_free 
_refine_ls_shell.R_factor_R_free_error 
_refine_ls_shell.percent_reflns_R_free 
_refine_ls_shell.number_reflns_R_free 
_refine_ls_shell.number_reflns_all 
_refine_ls_shell.R_factor_all 
_refine_ls_shell.R_factor_obs 
_refine_ls_shell.number_reflns_obs 
'X-RAY DIFFRACTION' . 1.8501 1.9241  1272 0.3232 100.00 0.3561 . . 141 . . . . 
'X-RAY DIFFRACTION' . 1.9241 2.0117  1255 0.2793 100.00 0.3222 . . 140 . . . . 
'X-RAY DIFFRACTION' . 2.0117 2.1178  1262 0.2193 100.00 0.2521 . . 135 . . . . 
'X-RAY DIFFRACTION' . 2.1178 2.2504  1256 0.2076 100.00 0.2366 . . 141 . . . . 
'X-RAY DIFFRACTION' . 2.2504 2.4242  1273 0.1997 100.00 0.2667 . . 139 . . . . 
'X-RAY DIFFRACTION' . 2.4242 2.6681  1250 0.2090 100.00 0.2401 . . 141 . . . . 
'X-RAY DIFFRACTION' . 2.6681 3.0540  1275 0.2201 100.00 0.2886 . . 145 . . . . 
'X-RAY DIFFRACTION' . 3.0540 3.8471  1285 0.1948 100.00 0.2259 . . 137 . . . . 
'X-RAY DIFFRACTION' . 3.8471 38.4770 1302 0.1956 100.00 0.2144 . . 144 . . . . 
# 
_struct.entry_id                     4X86 
_struct.title                        'Crystal structure of BAG6-Ubl4a complex' 
_struct.pdbx_model_details           ? 
_struct.pdbx_formula_weight          ? 
_struct.pdbx_formula_weight_method   ? 
_struct.pdbx_model_type_details      ? 
_struct.pdbx_CASP_flag               ? 
# 
_struct_keywords.entry_id        4X86 
_struct_keywords.text            'tail-anchored transmembrane protein biogenesis, quality control of proteins, PROTEIN BINDING' 
_struct_keywords.pdbx_keywords   'PROTEIN BINDING' 
# 
loop_
_struct_asym.id 
_struct_asym.pdbx_blank_PDB_chainid_flag 
_struct_asym.pdbx_modified 
_struct_asym.entity_id 
_struct_asym.details 
A N N 1 ? 
B N N 2 ? 
C N N 3 ? 
D N N 4 ? 
E N N 4 ? 
F N N 5 ? 
G N N 5 ? 
# 
loop_
_struct_ref.db_code 
_struct_ref.db_name 
_struct_ref.details 
_struct_ref.entity_id 
_struct_ref.id 
_struct_ref.seq_align 
_struct_ref.seq_dif 
_struct_ref.pdbx_db_accession 
_struct_ref.pdbx_db_isoform 
_struct_ref.pdbx_seq_one_letter_code 
_struct_ref.pdbx_align_begin 
_struct_ref.pdbx_align_end 
UBL4A_HUMAN UNP ? 1 1 ? ? P11441 ? VWQLISKVLARHFSAADASRVLEQLQRDYERSLSRLTLDDIERLASRFLHPEV                        95   ? 
BAG6_HUMAN  UNP ? 2 2 ? ? P46379 ? AKRRKTMQGEGPQLLLSEAVSRAAKAAGARPLTSPESLSRDLEAPEVQESYRQQLRSDIQKRLQEDPNYSPQRFPN 1048 ? 
# 
loop_
_struct_ref_seq.align_id 
_struct_ref_seq.ref_id 
_struct_ref_seq.pdbx_PDB_id_code 
_struct_ref_seq.pdbx_strand_id 
_struct_ref_seq.seq_align_beg 
_struct_ref_seq.pdbx_seq_align_beg_ins_code 
_struct_ref_seq.seq_align_end 
_struct_ref_seq.pdbx_seq_align_end_ins_code 
_struct_ref_seq.pdbx_db_accession 
_struct_ref_seq.db_align_beg 
_struct_ref_seq.pdbx_db_align_beg_ins_code 
_struct_ref_seq.db_align_end 
_struct_ref_seq.pdbx_db_align_end_ins_code 
_struct_ref_seq.pdbx_auth_seq_align_beg 
_struct_ref_seq.pdbx_auth_seq_align_end 
1 1 4X86 A 6 ? 58 ? P11441 95   ? 147  ? 95   147  
2 2 4X86 B 6 ? 81 ? P46379 1048 ? 1123 ? 1049 1124 
# 
loop_
_struct_ref_seq_dif.align_id 
_struct_ref_seq_dif.pdbx_pdb_id_code 
_struct_ref_seq_dif.mon_id 
_struct_ref_seq_dif.pdbx_pdb_strand_id 
_struct_ref_seq_dif.seq_num 
_struct_ref_seq_dif.pdbx_pdb_ins_code 
_struct_ref_seq_dif.pdbx_seq_db_name 
_struct_ref_seq_dif.pdbx_seq_db_accession_code 
_struct_ref_seq_dif.db_mon_id 
_struct_ref_seq_dif.pdbx_seq_db_seq_num 
_struct_ref_seq_dif.details 
_struct_ref_seq_dif.pdbx_auth_seq_num 
_struct_ref_seq_dif.pdbx_ordinal 
1 4X86 GLY A 1 ? UNP P11441 ? ? 'expression tag' 90   1  
1 4X86 PRO A 2 ? UNP P11441 ? ? 'expression tag' 91   2  
1 4X86 LEU A 3 ? UNP P11441 ? ? 'expression tag' 92   3  
1 4X86 GLY A 4 ? UNP P11441 ? ? 'expression tag' 93   4  
1 4X86 SER A 5 ? UNP P11441 ? ? 'expression tag' 94   5  
2 4X86 GLY B 1 ? UNP P46379 ? ? 'expression tag' 1044 6  
2 4X86 PRO B 2 ? UNP P46379 ? ? 'expression tag' 1045 7  
2 4X86 LEU B 3 ? UNP P46379 ? ? 'expression tag' 1046 8  
2 4X86 GLY B 4 ? UNP P46379 ? ? 'expression tag' 1047 9  
2 4X86 SER B 5 ? UNP P46379 ? ? 'expression tag' 1048 10 
# 
_pdbx_struct_assembly.id                   1 
_pdbx_struct_assembly.details              author_and_software_defined_assembly 
_pdbx_struct_assembly.method_details       PISA 
_pdbx_struct_assembly.oligomeric_details   dimeric 
_pdbx_struct_assembly.oligomeric_count     2 
# 
loop_
_pdbx_struct_assembly_prop.biol_id 
_pdbx_struct_assembly_prop.type 
_pdbx_struct_assembly_prop.value 
_pdbx_struct_assembly_prop.details 
1 'ABSA (A^2)' 3720 ? 
1 MORE         -69  ? 
1 'SSA (A^2)'  7050 ? 
# 
_pdbx_struct_assembly_gen.assembly_id       1 
_pdbx_struct_assembly_gen.oper_expression   1 
_pdbx_struct_assembly_gen.asym_id_list      A,B,C,D,E,F,G 
# 
_pdbx_struct_oper_list.id                   1 
_pdbx_struct_oper_list.type                 'identity operation' 
_pdbx_struct_oper_list.name                 1_555 
_pdbx_struct_oper_list.symmetry_operation   x,y,z 
_pdbx_struct_oper_list.matrix[1][1]         1.0000000000 
_pdbx_struct_oper_list.matrix[1][2]         0.0000000000 
_pdbx_struct_oper_list.matrix[1][3]         0.0000000000 
_pdbx_struct_oper_list.vector[1]            0.0000000000 
_pdbx_struct_oper_list.matrix[2][1]         0.0000000000 
_pdbx_struct_oper_list.matrix[2][2]         1.0000000000 
_pdbx_struct_oper_list.matrix[2][3]         0.0000000000 
_pdbx_struct_oper_list.vector[2]            0.0000000000 
_pdbx_struct_oper_list.matrix[3][1]         0.0000000000 
_pdbx_struct_oper_list.matrix[3][2]         0.0000000000 
_pdbx_struct_oper_list.matrix[3][3]         1.0000000000 
_pdbx_struct_oper_list.vector[3]            0.0000000000 
# 
_struct_biol.details                      'biological unit is the same as asym.' 
_struct_biol.id                           1 
_struct_biol.pdbx_parent_biol_id          ? 
_struct_biol.pdbx_formula_weight          ? 
_struct_biol.pdbx_formula_weight_method   ? 
_struct_biol.pdbx_aggregation_state       ? 
_struct_biol.pdbx_assembly_method         ? 
# 
loop_
_struct_conf.conf_type_id 
_struct_conf.id 
_struct_conf.pdbx_PDB_helix_id 
_struct_conf.beg_label_comp_id 
_struct_conf.beg_label_asym_id 
_struct_conf.beg_label_seq_id 
_struct_conf.pdbx_beg_PDB_ins_code 
_struct_conf.end_label_comp_id 
_struct_conf.end_label_asym_id 
_struct_conf.end_label_seq_id 
_struct_conf.pdbx_end_PDB_ins_code 
_struct_conf.beg_auth_comp_id 
_struct_conf.beg_auth_asym_id 
_struct_conf.beg_auth_seq_id 
_struct_conf.end_auth_comp_id 
_struct_conf.end_auth_asym_id 
_struct_conf.end_auth_seq_id 
_struct_conf.pdbx_PDB_helix_class 
_struct_conf.details 
_struct_conf.pdbx_PDB_helix_length 
HELX_P HELX_P1 AA1 SER A 5  ? PHE A 18 ? SER A 94   PHE A 107  1 ? 14 
HELX_P HELX_P2 AA2 SER A 19 ? LEU A 41 ? SER A 108  LEU A 130  1 ? 23 
HELX_P HELX_P3 AA3 THR A 42 ? LEU A 54 ? THR A 131  LEU A 143  1 ? 13 
HELX_P HELX_P4 AA4 LEU B 20 ? GLY B 33 ? LEU B 1063 GLY B 1076 1 ? 14 
HELX_P HELX_P5 AA5 SER B 39 ? GLU B 48 ? SER B 1082 GLU B 1091 1 ? 10 
HELX_P HELX_P6 AA6 ALA B 49 ? GLN B 69 ? ALA B 1092 GLN B 1112 1 ? 21 
# 
_struct_conf_type.id          HELX_P 
_struct_conf_type.criteria    ? 
_struct_conf_type.reference   ? 
# 
loop_
_struct_site.id 
_struct_site.pdbx_evidence_code 
_struct_site.pdbx_auth_asym_id 
_struct_site.pdbx_auth_comp_id 
_struct_site.pdbx_auth_seq_id 
_struct_site.pdbx_auth_ins_code 
_struct_site.pdbx_num_residues 
_struct_site.details 
AC1 Software B CPS 1201 ? 4 'binding site for residue CPS B 1201' 
AC2 Software B SO4 1202 ? 6 'binding site for residue SO4 B 1202' 
AC3 Software B SO4 1203 ? 3 'binding site for residue SO4 B 1203' 
# 
loop_
_struct_site_gen.id 
_struct_site_gen.site_id 
_struct_site_gen.pdbx_num_res 
_struct_site_gen.label_comp_id 
_struct_site_gen.label_asym_id 
_struct_site_gen.label_seq_id 
_struct_site_gen.pdbx_auth_ins_code 
_struct_site_gen.auth_comp_id 
_struct_site_gen.auth_asym_id 
_struct_site_gen.auth_seq_id 
_struct_site_gen.label_atom_id 
_struct_site_gen.label_alt_id 
_struct_site_gen.symmetry 
_struct_site_gen.details 
1  AC1 4 PHE A 53 ? PHE A 142  . ? 1_555 ? 
2  AC1 4 ARG B 57 ? ARG B 1100 . ? 1_555 ? 
3  AC1 4 ARG B 61 ? ARG B 1104 . ? 1_555 ? 
4  AC1 4 SO4 E .  ? SO4 B 1203 . ? 1_555 ? 
5  AC2 6 SER B 26 ? SER B 1069 . ? 1_555 ? 
6  AC2 6 ALA B 29 ? ALA B 1072 . ? 1_555 ? 
7  AC2 6 ALA B 34 ? ALA B 1077 . ? 1_555 ? 
8  AC2 6 PRO B 36 ? PRO B 1079 . ? 1_555 ? 
9  AC2 6 PRO B 40 ? PRO B 1083 . ? 1_555 ? 
10 AC2 6 LEU B 43 ? LEU B 1086 . ? 1_555 ? 
11 AC3 3 LEU B 19 ? LEU B 1062 . ? 1_555 ? 
12 AC3 3 CPS C .  ? CPS B 1201 . ? 1_555 ? 
13 AC3 3 HOH G .  ? HOH B 1301 . ? 1_555 ? 
# 
_pdbx_validate_torsion.id              1 
_pdbx_validate_torsion.PDB_model_num   1 
_pdbx_validate_torsion.auth_comp_id    THR 
_pdbx_validate_torsion.auth_asym_id    B 
_pdbx_validate_torsion.auth_seq_id     1081 
_pdbx_validate_torsion.PDB_ins_code    ? 
_pdbx_validate_torsion.label_alt_id    ? 
_pdbx_validate_torsion.phi             -94.10 
_pdbx_validate_torsion.psi             -95.11 
# 
loop_
_pdbx_refine_tls.pdbx_refine_id 
_pdbx_refine_tls.id 
_pdbx_refine_tls.details 
_pdbx_refine_tls.method 
_pdbx_refine_tls.origin_x 
_pdbx_refine_tls.origin_y 
_pdbx_refine_tls.origin_z 
_pdbx_refine_tls.T[1][1] 
_pdbx_refine_tls.T[2][2] 
_pdbx_refine_tls.T[3][3] 
_pdbx_refine_tls.T[1][2] 
_pdbx_refine_tls.T[1][3] 
_pdbx_refine_tls.T[2][3] 
_pdbx_refine_tls.L[1][1] 
_pdbx_refine_tls.L[2][2] 
_pdbx_refine_tls.L[3][3] 
_pdbx_refine_tls.L[1][2] 
_pdbx_refine_tls.L[1][3] 
_pdbx_refine_tls.L[2][3] 
_pdbx_refine_tls.S[1][1] 
_pdbx_refine_tls.S[1][2] 
_pdbx_refine_tls.S[1][3] 
_pdbx_refine_tls.S[2][1] 
_pdbx_refine_tls.S[2][2] 
_pdbx_refine_tls.S[2][3] 
_pdbx_refine_tls.S[3][1] 
_pdbx_refine_tls.S[3][2] 
_pdbx_refine_tls.S[3][3] 
'X-RAY DIFFRACTION' 1 ? refined 6.3408   6.7699  5.4668  0.3738 0.3523 0.3339 -0.0352 -0.0097 -0.0126 5.8803  1.6014 2.5058  3.1066  -1.0107 -1.1099 0.2036  0.0680  0.3286  -0.1965 -0.1533 -0.2811 0.0909  0.1823  0.0009  
'X-RAY DIFFRACTION' 2 ? refined 3.2166   4.1231  -6.2513 0.5241 0.5173 0.4108 0.0480  -0.0399 -0.0704 13.8950 6.4590 5.1358  6.0963  2.3352  -1.0980 0.1841  1.8140  0.1308  -0.7453 0.1728  0.2423  0.4654  0.1994  -0.2966 
'X-RAY DIFFRACTION' 3 ? refined -14.5393 -9.5287 -3.6019 0.7784 0.9156 1.1109 -0.1742 -0.2780 -0.2148 6.7533  3.4126 10.7302 -2.0875 -1.1936 -2.8437 -1.2701 0.7229  -1.7586 -1.0498 0.1975  1.3428  0.7406  -2.2312 1.0111  
'X-RAY DIFFRACTION' 4 ? refined 2.8937   -5.1355 -2.5252 0.5692 0.5158 0.6944 0.0599  -0.1133 -0.1539 10.2600 3.4360 2.2459  4.3218  -0.3975 1.0878  0.2761  1.1371  -2.6811 -0.1142 -0.0404 -0.2787 0.5339  0.0501  -0.3978 
'X-RAY DIFFRACTION' 5 ? refined 16.8769  -1.3981 2.0349  0.4158 0.4783 0.5944 0.0273  -0.0234 -0.0922 1.4874  4.1277 2.9554  -1.3288 1.3771  -1.6375 -0.4868 0.8197  -1.0436 0.2583  0.1326  -0.2540 0.7607  1.8504  -0.1623 
'X-RAY DIFFRACTION' 6 ? refined 8.4237   -3.8261 9.5702  0.5827 0.4162 0.8233 0.0004  0.0363  -0.0158 3.4778  0.8541 8.3331  1.2893  -0.6798 2.7324  -1.1124 -1.6561 -2.9498 0.7511  0.6237  0.2318  0.8540  0.0208  -0.1966 
'X-RAY DIFFRACTION' 7 ? refined -10.2513 2.4032  1.7652  0.4559 0.4453 0.6888 -0.0367 -0.0129 0.0431  8.5350  3.8708 16.0611 -1.3026 5.0021  -2.0027 -0.1255 0.4723  0.2855  -0.4056 0.0938  0.3754  -0.4895 -0.9135 0.0367 
# 
loop_
_pdbx_refine_tls_group.pdbx_refine_id 
_pdbx_refine_tls_group.id 
_pdbx_refine_tls_group.refine_tls_id 
_pdbx_refine_tls_group.beg_auth_asym_id 
_pdbx_refine_tls_group.beg_auth_seq_id 
_pdbx_refine_tls_group.beg_label_asym_id 
_pdbx_refine_tls_group.beg_label_seq_id 
_pdbx_refine_tls_group.end_auth_asym_id 
_pdbx_refine_tls_group.end_auth_seq_id 
_pdbx_refine_tls_group.end_label_asym_id 
_pdbx_refine_tls_group.end_label_seq_id 
_pdbx_refine_tls_group.selection 
_pdbx_refine_tls_group.selection_details 
'X-RAY DIFFRACTION' 1 1 ? ? ? ? ? ? ? ? ? 
;chain 'A' and (resid 93 through 108 )
;
'X-RAY DIFFRACTION' 2 2 ? ? ? ? ? ? ? ? ? 
;chain 'A' and (resid 109 through 129 )
;
'X-RAY DIFFRACTION' 3 3 ? ? ? ? ? ? ? ? ? 
;chain 'A' and (resid 130 through 143 )
;
'X-RAY DIFFRACTION' 4 4 ? ? ? ? ? ? ? ? ? 
;chain 'B' and (resid 1058 through 1075 )
;
'X-RAY DIFFRACTION' 5 5 ? ? ? ? ? ? ? ? ? 
;chain 'B' and (resid 1076 through 1082 )
;
'X-RAY DIFFRACTION' 6 6 ? ? ? ? ? ? ? ? ? 
;chain 'B' and (resid 1083 through 1092 )
;
'X-RAY DIFFRACTION' 7 7 ? ? ? ? ? ? ? ? ? 
;chain 'B' and (resid 1093 through 1113 )
;
# 
loop_
_pdbx_unobs_or_zero_occ_residues.id 
_pdbx_unobs_or_zero_occ_residues.PDB_model_num 
_pdbx_unobs_or_zero_occ_residues.polymer_flag 
_pdbx_unobs_or_zero_occ_residues.occupancy_flag 
_pdbx_unobs_or_zero_occ_residues.auth_asym_id 
_pdbx_unobs_or_zero_occ_residues.auth_comp_id 
_pdbx_unobs_or_zero_occ_residues.auth_seq_id 
_pdbx_unobs_or_zero_occ_residues.PDB_ins_code 
_pdbx_unobs_or_zero_occ_residues.label_asym_id 
_pdbx_unobs_or_zero_occ_residues.label_comp_id 
_pdbx_unobs_or_zero_occ_residues.label_seq_id 
1  1 Y 1 A GLY 90   ? A GLY 1  
2  1 Y 1 A PRO 91   ? A PRO 2  
3  1 Y 1 A LEU 92   ? A LEU 3  
4  1 Y 1 A HIS 144  ? A HIS 55 
5  1 Y 1 A PRO 145  ? A PRO 56 
6  1 Y 1 A GLU 146  ? A GLU 57 
7  1 Y 1 A VAL 147  ? A VAL 58 
8  1 Y 1 B GLY 1044 ? B GLY 1  
9  1 Y 1 B PRO 1045 ? B PRO 2  
10 1 Y 1 B LEU 1046 ? B LEU 3  
11 1 Y 1 B GLY 1047 ? B GLY 4  
12 1 Y 1 B SER 1048 ? B SER 5  
13 1 Y 1 B ALA 1049 ? B ALA 6  
14 1 Y 1 B LYS 1050 ? B LYS 7  
15 1 Y 1 B ARG 1051 ? B ARG 8  
16 1 Y 1 B ARG 1052 ? B ARG 9  
17 1 Y 1 B LYS 1053 ? B LYS 10 
18 1 Y 1 B THR 1054 ? B THR 11 
19 1 Y 1 B MET 1055 ? B MET 12 
20 1 Y 1 B GLN 1056 ? B GLN 13 
21 1 Y 1 B GLY 1057 ? B GLY 14 
22 1 Y 1 B ASP 1114 ? B ASP 71 
23 1 Y 1 B PRO 1115 ? B PRO 72 
24 1 Y 1 B ASN 1116 ? B ASN 73 
25 1 Y 1 B TYR 1117 ? B TYR 74 
26 1 Y 1 B SER 1118 ? B SER 75 
27 1 Y 1 B PRO 1119 ? B PRO 76 
28 1 Y 1 B GLN 1120 ? B GLN 77 
29 1 Y 1 B ARG 1121 ? B ARG 78 
30 1 Y 1 B PHE 1122 ? B PHE 79 
31 1 Y 1 B PRO 1123 ? B PRO 80 
32 1 Y 1 B ASN 1124 ? B ASN 81 
# 
loop_
_chem_comp_atom.comp_id 
_chem_comp_atom.atom_id 
_chem_comp_atom.type_symbol 
_chem_comp_atom.pdbx_aromatic_flag 
_chem_comp_atom.pdbx_stereo_config 
_chem_comp_atom.pdbx_ordinal 
ALA N    N N N 1   
ALA CA   C N S 2   
ALA C    C N N 3   
ALA O    O N N 4   
ALA CB   C N N 5   
ALA OXT  O N N 6   
ALA H    H N N 7   
ALA H2   H N N 8   
ALA HA   H N N 9   
ALA HB1  H N N 10  
ALA HB2  H N N 11  
ALA HB3  H N N 12  
ALA HXT  H N N 13  
ARG N    N N N 14  
ARG CA   C N S 15  
ARG C    C N N 16  
ARG O    O N N 17  
ARG CB   C N N 18  
ARG CG   C N N 19  
ARG CD   C N N 20  
ARG NE   N N N 21  
ARG CZ   C N N 22  
ARG NH1  N N N 23  
ARG NH2  N N N 24  
ARG OXT  O N N 25  
ARG H    H N N 26  
ARG H2   H N N 27  
ARG HA   H N N 28  
ARG HB2  H N N 29  
ARG HB3  H N N 30  
ARG HG2  H N N 31  
ARG HG3  H N N 32  
ARG HD2  H N N 33  
ARG HD3  H N N 34  
ARG HE   H N N 35  
ARG HH11 H N N 36  
ARG HH12 H N N 37  
ARG HH21 H N N 38  
ARG HH22 H N N 39  
ARG HXT  H N N 40  
ASN N    N N N 41  
ASN CA   C N S 42  
ASN C    C N N 43  
ASN O    O N N 44  
ASN CB   C N N 45  
ASN CG   C N N 46  
ASN OD1  O N N 47  
ASN ND2  N N N 48  
ASN OXT  O N N 49  
ASN H    H N N 50  
ASN H2   H N N 51  
ASN HA   H N N 52  
ASN HB2  H N N 53  
ASN HB3  H N N 54  
ASN HD21 H N N 55  
ASN HD22 H N N 56  
ASN HXT  H N N 57  
ASP N    N N N 58  
ASP CA   C N S 59  
ASP C    C N N 60  
ASP O    O N N 61  
ASP CB   C N N 62  
ASP CG   C N N 63  
ASP OD1  O N N 64  
ASP OD2  O N N 65  
ASP OXT  O N N 66  
ASP H    H N N 67  
ASP H2   H N N 68  
ASP HA   H N N 69  
ASP HB2  H N N 70  
ASP HB3  H N N 71  
ASP HD2  H N N 72  
ASP HXT  H N N 73  
CPS C1   C N N 74  
CPS C2   C N S 75  
CPS C3   C N N 76  
CPS C4   C N S 77  
CPS C5   C N R 78  
CPS C6   C N S 79  
CPS C7   C N N 80  
CPS C8   C N N 81  
CPS C9   C N R 82  
CPS C10  C N N 83  
CPS C11  C N N 84  
CPS C12  C N N 85  
CPS C13  C N R 86  
CPS C14  C N N 87  
CPS C15  C N S 88  
CPS C16  C N N 89  
CPS C17  C N R 90  
CPS C18  C N R 91  
CPS C19  C N S 92  
CPS C20  C N R 93  
CPS C21  C N N 94  
CPS C22  C N N 95  
CPS C23  C N N 96  
CPS C24  C N N 97  
CPS C25  C N N 98  
CPS C26  C N N 99  
CPS C27  C N N 100 
CPS C28  C N N 101 
CPS C29  C N N 102 
CPS C30  C N N 103 
CPS C31  C N N 104 
CPS C32  C N N 105 
CPS N1   N N N 106 
CPS N2   N N N 107 
CPS O1   O N N 108 
CPS O2   O N N 109 
CPS O3   O N N 110 
CPS O4   O N N 111 
CPS O2S  O N N 112 
CPS O3S  O N N 113 
CPS O1S  O N N 114 
CPS S    S N N 115 
CPS H1   H N N 116 
CPS H1A  H N N 117 
CPS H3   H N N 118 
CPS H3A  H N N 119 
CPS H4   H N N 120 
CPS H6   H N N 121 
CPS H7   H N N 122 
CPS H7A  H N N 123 
CPS H8   H N N 124 
CPS H8A  H N N 125 
CPS H9   H N N 126 
CPS H10  H N N 127 
CPS H10A H N N 128 
CPS H10B H N N 129 
CPS H11  H N N 130 
CPS H11A H N N 131 
CPS H11B H N N 132 
CPS H12  H N N 133 
CPS H12A H N N 134 
CPS H13  H N N 135 
CPS H14  H N N 136 
CPS H14A H N N 137 
CPS H15  H N N 138 
CPS H16  H N N 139 
CPS H16A H N N 140 
CPS H17  H N N 141 
CPS H18  H N N 142 
CPS H19  H N N 143 
CPS H20  H N N 144 
CPS H21  H N N 145 
CPS H21A H N N 146 
CPS H21B H N N 147 
CPS H22  H N N 148 
CPS H22A H N N 149 
CPS H23  H N N 150 
CPS H23A H N N 151 
CPS H25  H N N 152 
CPS H25A H N N 153 
CPS H261 H N N 154 
CPS H271 H N N 155 
CPS H28  H N N 156 
CPS H28A H N N 157 
CPS H28B H N N 158 
CPS H29  H N N 159 
CPS H29A H N N 160 
CPS H29B H N N 161 
CPS H30  H N N 162 
CPS H30A H N N 163 
CPS H31  H N N 164 
CPS H31A H N N 165 
CPS H32  H N N 166 
CPS H32A H N N 167 
CPS HN1  H N N 168 
CPS HO2  H N N 169 
CPS HO3  H N N 170 
CPS HO4  H N N 171 
CPS H272 H N N 172 
CPS H262 H N N 173 
GLN N    N N N 174 
GLN CA   C N S 175 
GLN C    C N N 176 
GLN O    O N N 177 
GLN CB   C N N 178 
GLN CG   C N N 179 
GLN CD   C N N 180 
GLN OE1  O N N 181 
GLN NE2  N N N 182 
GLN OXT  O N N 183 
GLN H    H N N 184 
GLN H2   H N N 185 
GLN HA   H N N 186 
GLN HB2  H N N 187 
GLN HB3  H N N 188 
GLN HG2  H N N 189 
GLN HG3  H N N 190 
GLN HE21 H N N 191 
GLN HE22 H N N 192 
GLN HXT  H N N 193 
GLU N    N N N 194 
GLU CA   C N S 195 
GLU C    C N N 196 
GLU O    O N N 197 
GLU CB   C N N 198 
GLU CG   C N N 199 
GLU CD   C N N 200 
GLU OE1  O N N 201 
GLU OE2  O N N 202 
GLU OXT  O N N 203 
GLU H    H N N 204 
GLU H2   H N N 205 
GLU HA   H N N 206 
GLU HB2  H N N 207 
GLU HB3  H N N 208 
GLU HG2  H N N 209 
GLU HG3  H N N 210 
GLU HE2  H N N 211 
GLU HXT  H N N 212 
GLY N    N N N 213 
GLY CA   C N N 214 
GLY C    C N N 215 
GLY O    O N N 216 
GLY OXT  O N N 217 
GLY H    H N N 218 
GLY H2   H N N 219 
GLY HA2  H N N 220 
GLY HA3  H N N 221 
GLY HXT  H N N 222 
HIS N    N N N 223 
HIS CA   C N S 224 
HIS C    C N N 225 
HIS O    O N N 226 
HIS CB   C N N 227 
HIS CG   C Y N 228 
HIS ND1  N Y N 229 
HIS CD2  C Y N 230 
HIS CE1  C Y N 231 
HIS NE2  N Y N 232 
HIS OXT  O N N 233 
HIS H    H N N 234 
HIS H2   H N N 235 
HIS HA   H N N 236 
HIS HB2  H N N 237 
HIS HB3  H N N 238 
HIS HD1  H N N 239 
HIS HD2  H N N 240 
HIS HE1  H N N 241 
HIS HE2  H N N 242 
HIS HXT  H N N 243 
HOH O    O N N 244 
HOH H1   H N N 245 
HOH H2   H N N 246 
ILE N    N N N 247 
ILE CA   C N S 248 
ILE C    C N N 249 
ILE O    O N N 250 
ILE CB   C N S 251 
ILE CG1  C N N 252 
ILE CG2  C N N 253 
ILE CD1  C N N 254 
ILE OXT  O N N 255 
ILE H    H N N 256 
ILE H2   H N N 257 
ILE HA   H N N 258 
ILE HB   H N N 259 
ILE HG12 H N N 260 
ILE HG13 H N N 261 
ILE HG21 H N N 262 
ILE HG22 H N N 263 
ILE HG23 H N N 264 
ILE HD11 H N N 265 
ILE HD12 H N N 266 
ILE HD13 H N N 267 
ILE HXT  H N N 268 
LEU N    N N N 269 
LEU CA   C N S 270 
LEU C    C N N 271 
LEU O    O N N 272 
LEU CB   C N N 273 
LEU CG   C N N 274 
LEU CD1  C N N 275 
LEU CD2  C N N 276 
LEU OXT  O N N 277 
LEU H    H N N 278 
LEU H2   H N N 279 
LEU HA   H N N 280 
LEU HB2  H N N 281 
LEU HB3  H N N 282 
LEU HG   H N N 283 
LEU HD11 H N N 284 
LEU HD12 H N N 285 
LEU HD13 H N N 286 
LEU HD21 H N N 287 
LEU HD22 H N N 288 
LEU HD23 H N N 289 
LEU HXT  H N N 290 
LYS N    N N N 291 
LYS CA   C N S 292 
LYS C    C N N 293 
LYS O    O N N 294 
LYS CB   C N N 295 
LYS CG   C N N 296 
LYS CD   C N N 297 
LYS CE   C N N 298 
LYS NZ   N N N 299 
LYS OXT  O N N 300 
LYS H    H N N 301 
LYS H2   H N N 302 
LYS HA   H N N 303 
LYS HB2  H N N 304 
LYS HB3  H N N 305 
LYS HG2  H N N 306 
LYS HG3  H N N 307 
LYS HD2  H N N 308 
LYS HD3  H N N 309 
LYS HE2  H N N 310 
LYS HE3  H N N 311 
LYS HZ1  H N N 312 
LYS HZ2  H N N 313 
LYS HZ3  H N N 314 
LYS HXT  H N N 315 
MET N    N N N 316 
MET CA   C N S 317 
MET C    C N N 318 
MET O    O N N 319 
MET CB   C N N 320 
MET CG   C N N 321 
MET SD   S N N 322 
MET CE   C N N 323 
MET OXT  O N N 324 
MET H    H N N 325 
MET H2   H N N 326 
MET HA   H N N 327 
MET HB2  H N N 328 
MET HB3  H N N 329 
MET HG2  H N N 330 
MET HG3  H N N 331 
MET HE1  H N N 332 
MET HE2  H N N 333 
MET HE3  H N N 334 
MET HXT  H N N 335 
PHE N    N N N 336 
PHE CA   C N S 337 
PHE C    C N N 338 
PHE O    O N N 339 
PHE CB   C N N 340 
PHE CG   C Y N 341 
PHE CD1  C Y N 342 
PHE CD2  C Y N 343 
PHE CE1  C Y N 344 
PHE CE2  C Y N 345 
PHE CZ   C Y N 346 
PHE OXT  O N N 347 
PHE H    H N N 348 
PHE H2   H N N 349 
PHE HA   H N N 350 
PHE HB2  H N N 351 
PHE HB3  H N N 352 
PHE HD1  H N N 353 
PHE HD2  H N N 354 
PHE HE1  H N N 355 
PHE HE2  H N N 356 
PHE HZ   H N N 357 
PHE HXT  H N N 358 
PRO N    N N N 359 
PRO CA   C N S 360 
PRO C    C N N 361 
PRO O    O N N 362 
PRO CB   C N N 363 
PRO CG   C N N 364 
PRO CD   C N N 365 
PRO OXT  O N N 366 
PRO H    H N N 367 
PRO HA   H N N 368 
PRO HB2  H N N 369 
PRO HB3  H N N 370 
PRO HG2  H N N 371 
PRO HG3  H N N 372 
PRO HD2  H N N 373 
PRO HD3  H N N 374 
PRO HXT  H N N 375 
SER N    N N N 376 
SER CA   C N S 377 
SER C    C N N 378 
SER O    O N N 379 
SER CB   C N N 380 
SER OG   O N N 381 
SER OXT  O N N 382 
SER H    H N N 383 
SER H2   H N N 384 
SER HA   H N N 385 
SER HB2  H N N 386 
SER HB3  H N N 387 
SER HG   H N N 388 
SER HXT  H N N 389 
SO4 S    S N N 390 
SO4 O1   O N N 391 
SO4 O2   O N N 392 
SO4 O3   O N N 393 
SO4 O4   O N N 394 
THR N    N N N 395 
THR CA   C N S 396 
THR C    C N N 397 
THR O    O N N 398 
THR CB   C N R 399 
THR OG1  O N N 400 
THR CG2  C N N 401 
THR OXT  O N N 402 
THR H    H N N 403 
THR H2   H N N 404 
THR HA   H N N 405 
THR HB   H N N 406 
THR HG1  H N N 407 
THR HG21 H N N 408 
THR HG22 H N N 409 
THR HG23 H N N 410 
THR HXT  H N N 411 
TRP N    N N N 412 
TRP CA   C N S 413 
TRP C    C N N 414 
TRP O    O N N 415 
TRP CB   C N N 416 
TRP CG   C Y N 417 
TRP CD1  C Y N 418 
TRP CD2  C Y N 419 
TRP NE1  N Y N 420 
TRP CE2  C Y N 421 
TRP CE3  C Y N 422 
TRP CZ2  C Y N 423 
TRP CZ3  C Y N 424 
TRP CH2  C Y N 425 
TRP OXT  O N N 426 
TRP H    H N N 427 
TRP H2   H N N 428 
TRP HA   H N N 429 
TRP HB2  H N N 430 
TRP HB3  H N N 431 
TRP HD1  H N N 432 
TRP HE1  H N N 433 
TRP HE3  H N N 434 
TRP HZ2  H N N 435 
TRP HZ3  H N N 436 
TRP HH2  H N N 437 
TRP HXT  H N N 438 
TYR N    N N N 439 
TYR CA   C N S 440 
TYR C    C N N 441 
TYR O    O N N 442 
TYR CB   C N N 443 
TYR CG   C Y N 444 
TYR CD1  C Y N 445 
TYR CD2  C Y N 446 
TYR CE1  C Y N 447 
TYR CE2  C Y N 448 
TYR CZ   C Y N 449 
TYR OH   O N N 450 
TYR OXT  O N N 451 
TYR H    H N N 452 
TYR H2   H N N 453 
TYR HA   H N N 454 
TYR HB2  H N N 455 
TYR HB3  H N N 456 
TYR HD1  H N N 457 
TYR HD2  H N N 458 
TYR HE1  H N N 459 
TYR HE2  H N N 460 
TYR HH   H N N 461 
TYR HXT  H N N 462 
VAL N    N N N 463 
VAL CA   C N S 464 
VAL C    C N N 465 
VAL O    O N N 466 
VAL CB   C N N 467 
VAL CG1  C N N 468 
VAL CG2  C N N 469 
VAL OXT  O N N 470 
VAL H    H N N 471 
VAL H2   H N N 472 
VAL HA   H N N 473 
VAL HB   H N N 474 
VAL HG11 H N N 475 
VAL HG12 H N N 476 
VAL HG13 H N N 477 
VAL HG21 H N N 478 
VAL HG22 H N N 479 
VAL HG23 H N N 480 
VAL HXT  H N N 481 
# 
loop_
_chem_comp_bond.comp_id 
_chem_comp_bond.atom_id_1 
_chem_comp_bond.atom_id_2 
_chem_comp_bond.value_order 
_chem_comp_bond.pdbx_aromatic_flag 
_chem_comp_bond.pdbx_stereo_config 
_chem_comp_bond.pdbx_ordinal 
ALA N   CA   sing N N 1   
ALA N   H    sing N N 2   
ALA N   H2   sing N N 3   
ALA CA  C    sing N N 4   
ALA CA  CB   sing N N 5   
ALA CA  HA   sing N N 6   
ALA C   O    doub N N 7   
ALA C   OXT  sing N N 8   
ALA CB  HB1  sing N N 9   
ALA CB  HB2  sing N N 10  
ALA CB  HB3  sing N N 11  
ALA OXT HXT  sing N N 12  
ARG N   CA   sing N N 13  
ARG N   H    sing N N 14  
ARG N   H2   sing N N 15  
ARG CA  C    sing N N 16  
ARG CA  CB   sing N N 17  
ARG CA  HA   sing N N 18  
ARG C   O    doub N N 19  
ARG C   OXT  sing N N 20  
ARG CB  CG   sing N N 21  
ARG CB  HB2  sing N N 22  
ARG CB  HB3  sing N N 23  
ARG CG  CD   sing N N 24  
ARG CG  HG2  sing N N 25  
ARG CG  HG3  sing N N 26  
ARG CD  NE   sing N N 27  
ARG CD  HD2  sing N N 28  
ARG CD  HD3  sing N N 29  
ARG NE  CZ   sing N N 30  
ARG NE  HE   sing N N 31  
ARG CZ  NH1  sing N N 32  
ARG CZ  NH2  doub N N 33  
ARG NH1 HH11 sing N N 34  
ARG NH1 HH12 sing N N 35  
ARG NH2 HH21 sing N N 36  
ARG NH2 HH22 sing N N 37  
ARG OXT HXT  sing N N 38  
ASN N   CA   sing N N 39  
ASN N   H    sing N N 40  
ASN N   H2   sing N N 41  
ASN CA  C    sing N N 42  
ASN CA  CB   sing N N 43  
ASN CA  HA   sing N N 44  
ASN C   O    doub N N 45  
ASN C   OXT  sing N N 46  
ASN CB  CG   sing N N 47  
ASN CB  HB2  sing N N 48  
ASN CB  HB3  sing N N 49  
ASN CG  OD1  doub N N 50  
ASN CG  ND2  sing N N 51  
ASN ND2 HD21 sing N N 52  
ASN ND2 HD22 sing N N 53  
ASN OXT HXT  sing N N 54  
ASP N   CA   sing N N 55  
ASP N   H    sing N N 56  
ASP N   H2   sing N N 57  
ASP CA  C    sing N N 58  
ASP CA  CB   sing N N 59  
ASP CA  HA   sing N N 60  
ASP C   O    doub N N 61  
ASP C   OXT  sing N N 62  
ASP CB  CG   sing N N 63  
ASP CB  HB2  sing N N 64  
ASP CB  HB3  sing N N 65  
ASP CG  OD1  doub N N 66  
ASP CG  OD2  sing N N 67  
ASP OD2 HD2  sing N N 68  
ASP OXT HXT  sing N N 69  
CPS C1  C2   sing N N 70  
CPS C1  C12  sing N N 71  
CPS C2  C11  sing N N 72  
CPS C2  C15  sing N N 73  
CPS C2  C19  sing N N 74  
CPS C3  C4   sing N N 75  
CPS C3  C19  sing N N 76  
CPS C4  C5   sing N N 77  
CPS C4  O4   sing N N 78  
CPS C5  C6   sing N N 79  
CPS C5  C9   sing N N 80  
CPS C5  C10  sing N N 81  
CPS C6  C7   sing N N 82  
CPS C6  C18  sing N N 83  
CPS C7  C8   sing N N 84  
CPS C8  C9   sing N N 85  
CPS C9  C20  sing N N 86  
CPS C12 C13  sing N N 87  
CPS C13 C14  sing N N 88  
CPS C13 O2   sing N N 89  
CPS C14 C15  sing N N 90  
CPS C15 C16  sing N N 91  
CPS C16 C17  sing N N 92  
CPS C17 C18  sing N N 93  
CPS C17 O3   sing N N 94  
CPS C18 C19  sing N N 95  
CPS C20 C21  sing N N 96  
CPS C20 C22  sing N N 97  
CPS C22 C23  sing N N 98  
CPS C23 C24  sing N N 99  
CPS C24 N1   sing N N 100 
CPS C24 O1   doub N N 101 
CPS C25 C26  sing N N 102 
CPS C25 N1   sing N N 103 
CPS C26 C27  sing N N 104 
CPS C27 N2   sing N N 105 
CPS C28 N2   sing N N 106 
CPS C29 N2   sing N N 107 
CPS C30 C31  sing N N 108 
CPS C30 N2   sing N N 109 
CPS C31 C32  sing N N 110 
CPS C32 S    sing N N 111 
CPS O2S S    sing N N 112 
CPS O3S S    doub N N 113 
CPS O1S S    doub N N 114 
CPS C1  H1   sing N N 115 
CPS C1  H1A  sing N N 116 
CPS C3  H3   sing N N 117 
CPS C3  H3A  sing N N 118 
CPS C4  H4   sing N N 119 
CPS C6  H6   sing N N 120 
CPS C7  H7   sing N N 121 
CPS C7  H7A  sing N N 122 
CPS C8  H8   sing N N 123 
CPS C8  H8A  sing N N 124 
CPS C9  H9   sing N N 125 
CPS C10 H10  sing N N 126 
CPS C10 H10A sing N N 127 
CPS C10 H10B sing N N 128 
CPS C11 H11  sing N N 129 
CPS C11 H11A sing N N 130 
CPS C11 H11B sing N N 131 
CPS C12 H12  sing N N 132 
CPS C12 H12A sing N N 133 
CPS C13 H13  sing N N 134 
CPS C14 H14  sing N N 135 
CPS C14 H14A sing N N 136 
CPS C15 H15  sing N N 137 
CPS C16 H16  sing N N 138 
CPS C16 H16A sing N N 139 
CPS C17 H17  sing N N 140 
CPS C18 H18  sing N N 141 
CPS C19 H19  sing N N 142 
CPS C20 H20  sing N N 143 
CPS C21 H21  sing N N 144 
CPS C21 H21A sing N N 145 
CPS C21 H21B sing N N 146 
CPS C22 H22  sing N N 147 
CPS C22 H22A sing N N 148 
CPS C23 H23  sing N N 149 
CPS C23 H23A sing N N 150 
CPS C25 H25  sing N N 151 
CPS C25 H25A sing N N 152 
CPS C26 H261 sing N N 153 
CPS C27 H271 sing N N 154 
CPS C28 H28  sing N N 155 
CPS C28 H28A sing N N 156 
CPS C28 H28B sing N N 157 
CPS C29 H29  sing N N 158 
CPS C29 H29A sing N N 159 
CPS C29 H29B sing N N 160 
CPS C30 H30  sing N N 161 
CPS C30 H30A sing N N 162 
CPS C31 H31  sing N N 163 
CPS C31 H31A sing N N 164 
CPS C32 H32  sing N N 165 
CPS C32 H32A sing N N 166 
CPS N1  HN1  sing N N 167 
CPS O2  HO2  sing N N 168 
CPS O3  HO3  sing N N 169 
CPS O4  HO4  sing N N 170 
CPS C26 H262 sing N N 171 
CPS C27 H272 sing N N 172 
GLN N   CA   sing N N 173 
GLN N   H    sing N N 174 
GLN N   H2   sing N N 175 
GLN CA  C    sing N N 176 
GLN CA  CB   sing N N 177 
GLN CA  HA   sing N N 178 
GLN C   O    doub N N 179 
GLN C   OXT  sing N N 180 
GLN CB  CG   sing N N 181 
GLN CB  HB2  sing N N 182 
GLN CB  HB3  sing N N 183 
GLN CG  CD   sing N N 184 
GLN CG  HG2  sing N N 185 
GLN CG  HG3  sing N N 186 
GLN CD  OE1  doub N N 187 
GLN CD  NE2  sing N N 188 
GLN NE2 HE21 sing N N 189 
GLN NE2 HE22 sing N N 190 
GLN OXT HXT  sing N N 191 
GLU N   CA   sing N N 192 
GLU N   H    sing N N 193 
GLU N   H2   sing N N 194 
GLU CA  C    sing N N 195 
GLU CA  CB   sing N N 196 
GLU CA  HA   sing N N 197 
GLU C   O    doub N N 198 
GLU C   OXT  sing N N 199 
GLU CB  CG   sing N N 200 
GLU CB  HB2  sing N N 201 
GLU CB  HB3  sing N N 202 
GLU CG  CD   sing N N 203 
GLU CG  HG2  sing N N 204 
GLU CG  HG3  sing N N 205 
GLU CD  OE1  doub N N 206 
GLU CD  OE2  sing N N 207 
GLU OE2 HE2  sing N N 208 
GLU OXT HXT  sing N N 209 
GLY N   CA   sing N N 210 
GLY N   H    sing N N 211 
GLY N   H2   sing N N 212 
GLY CA  C    sing N N 213 
GLY CA  HA2  sing N N 214 
GLY CA  HA3  sing N N 215 
GLY C   O    doub N N 216 
GLY C   OXT  sing N N 217 
GLY OXT HXT  sing N N 218 
HIS N   CA   sing N N 219 
HIS N   H    sing N N 220 
HIS N   H2   sing N N 221 
HIS CA  C    sing N N 222 
HIS CA  CB   sing N N 223 
HIS CA  HA   sing N N 224 
HIS C   O    doub N N 225 
HIS C   OXT  sing N N 226 
HIS CB  CG   sing N N 227 
HIS CB  HB2  sing N N 228 
HIS CB  HB3  sing N N 229 
HIS CG  ND1  sing Y N 230 
HIS CG  CD2  doub Y N 231 
HIS ND1 CE1  doub Y N 232 
HIS ND1 HD1  sing N N 233 
HIS CD2 NE2  sing Y N 234 
HIS CD2 HD2  sing N N 235 
HIS CE1 NE2  sing Y N 236 
HIS CE1 HE1  sing N N 237 
HIS NE2 HE2  sing N N 238 
HIS OXT HXT  sing N N 239 
HOH O   H1   sing N N 240 
HOH O   H2   sing N N 241 
ILE N   CA   sing N N 242 
ILE N   H    sing N N 243 
ILE N   H2   sing N N 244 
ILE CA  C    sing N N 245 
ILE CA  CB   sing N N 246 
ILE CA  HA   sing N N 247 
ILE C   O    doub N N 248 
ILE C   OXT  sing N N 249 
ILE CB  CG1  sing N N 250 
ILE CB  CG2  sing N N 251 
ILE CB  HB   sing N N 252 
ILE CG1 CD1  sing N N 253 
ILE CG1 HG12 sing N N 254 
ILE CG1 HG13 sing N N 255 
ILE CG2 HG21 sing N N 256 
ILE CG2 HG22 sing N N 257 
ILE CG2 HG23 sing N N 258 
ILE CD1 HD11 sing N N 259 
ILE CD1 HD12 sing N N 260 
ILE CD1 HD13 sing N N 261 
ILE OXT HXT  sing N N 262 
LEU N   CA   sing N N 263 
LEU N   H    sing N N 264 
LEU N   H2   sing N N 265 
LEU CA  C    sing N N 266 
LEU CA  CB   sing N N 267 
LEU CA  HA   sing N N 268 
LEU C   O    doub N N 269 
LEU C   OXT  sing N N 270 
LEU CB  CG   sing N N 271 
LEU CB  HB2  sing N N 272 
LEU CB  HB3  sing N N 273 
LEU CG  CD1  sing N N 274 
LEU CG  CD2  sing N N 275 
LEU CG  HG   sing N N 276 
LEU CD1 HD11 sing N N 277 
LEU CD1 HD12 sing N N 278 
LEU CD1 HD13 sing N N 279 
LEU CD2 HD21 sing N N 280 
LEU CD2 HD22 sing N N 281 
LEU CD2 HD23 sing N N 282 
LEU OXT HXT  sing N N 283 
LYS N   CA   sing N N 284 
LYS N   H    sing N N 285 
LYS N   H2   sing N N 286 
LYS CA  C    sing N N 287 
LYS CA  CB   sing N N 288 
LYS CA  HA   sing N N 289 
LYS C   O    doub N N 290 
LYS C   OXT  sing N N 291 
LYS CB  CG   sing N N 292 
LYS CB  HB2  sing N N 293 
LYS CB  HB3  sing N N 294 
LYS CG  CD   sing N N 295 
LYS CG  HG2  sing N N 296 
LYS CG  HG3  sing N N 297 
LYS CD  CE   sing N N 298 
LYS CD  HD2  sing N N 299 
LYS CD  HD3  sing N N 300 
LYS CE  NZ   sing N N 301 
LYS CE  HE2  sing N N 302 
LYS CE  HE3  sing N N 303 
LYS NZ  HZ1  sing N N 304 
LYS NZ  HZ2  sing N N 305 
LYS NZ  HZ3  sing N N 306 
LYS OXT HXT  sing N N 307 
MET N   CA   sing N N 308 
MET N   H    sing N N 309 
MET N   H2   sing N N 310 
MET CA  C    sing N N 311 
MET CA  CB   sing N N 312 
MET CA  HA   sing N N 313 
MET C   O    doub N N 314 
MET C   OXT  sing N N 315 
MET CB  CG   sing N N 316 
MET CB  HB2  sing N N 317 
MET CB  HB3  sing N N 318 
MET CG  SD   sing N N 319 
MET CG  HG2  sing N N 320 
MET CG  HG3  sing N N 321 
MET SD  CE   sing N N 322 
MET CE  HE1  sing N N 323 
MET CE  HE2  sing N N 324 
MET CE  HE3  sing N N 325 
MET OXT HXT  sing N N 326 
PHE N   CA   sing N N 327 
PHE N   H    sing N N 328 
PHE N   H2   sing N N 329 
PHE CA  C    sing N N 330 
PHE CA  CB   sing N N 331 
PHE CA  HA   sing N N 332 
PHE C   O    doub N N 333 
PHE C   OXT  sing N N 334 
PHE CB  CG   sing N N 335 
PHE CB  HB2  sing N N 336 
PHE CB  HB3  sing N N 337 
PHE CG  CD1  doub Y N 338 
PHE CG  CD2  sing Y N 339 
PHE CD1 CE1  sing Y N 340 
PHE CD1 HD1  sing N N 341 
PHE CD2 CE2  doub Y N 342 
PHE CD2 HD2  sing N N 343 
PHE CE1 CZ   doub Y N 344 
PHE CE1 HE1  sing N N 345 
PHE CE2 CZ   sing Y N 346 
PHE CE2 HE2  sing N N 347 
PHE CZ  HZ   sing N N 348 
PHE OXT HXT  sing N N 349 
PRO N   CA   sing N N 350 
PRO N   CD   sing N N 351 
PRO N   H    sing N N 352 
PRO CA  C    sing N N 353 
PRO CA  CB   sing N N 354 
PRO CA  HA   sing N N 355 
PRO C   O    doub N N 356 
PRO C   OXT  sing N N 357 
PRO CB  CG   sing N N 358 
PRO CB  HB2  sing N N 359 
PRO CB  HB3  sing N N 360 
PRO CG  CD   sing N N 361 
PRO CG  HG2  sing N N 362 
PRO CG  HG3  sing N N 363 
PRO CD  HD2  sing N N 364 
PRO CD  HD3  sing N N 365 
PRO OXT HXT  sing N N 366 
SER N   CA   sing N N 367 
SER N   H    sing N N 368 
SER N   H2   sing N N 369 
SER CA  C    sing N N 370 
SER CA  CB   sing N N 371 
SER CA  HA   sing N N 372 
SER C   O    doub N N 373 
SER C   OXT  sing N N 374 
SER CB  OG   sing N N 375 
SER CB  HB2  sing N N 376 
SER CB  HB3  sing N N 377 
SER OG  HG   sing N N 378 
SER OXT HXT  sing N N 379 
SO4 S   O1   doub N N 380 
SO4 S   O2   doub N N 381 
SO4 S   O3   sing N N 382 
SO4 S   O4   sing N N 383 
THR N   CA   sing N N 384 
THR N   H    sing N N 385 
THR N   H2   sing N N 386 
THR CA  C    sing N N 387 
THR CA  CB   sing N N 388 
THR CA  HA   sing N N 389 
THR C   O    doub N N 390 
THR C   OXT  sing N N 391 
THR CB  OG1  sing N N 392 
THR CB  CG2  sing N N 393 
THR CB  HB   sing N N 394 
THR OG1 HG1  sing N N 395 
THR CG2 HG21 sing N N 396 
THR CG2 HG22 sing N N 397 
THR CG2 HG23 sing N N 398 
THR OXT HXT  sing N N 399 
TRP N   CA   sing N N 400 
TRP N   H    sing N N 401 
TRP N   H2   sing N N 402 
TRP CA  C    sing N N 403 
TRP CA  CB   sing N N 404 
TRP CA  HA   sing N N 405 
TRP C   O    doub N N 406 
TRP C   OXT  sing N N 407 
TRP CB  CG   sing N N 408 
TRP CB  HB2  sing N N 409 
TRP CB  HB3  sing N N 410 
TRP CG  CD1  doub Y N 411 
TRP CG  CD2  sing Y N 412 
TRP CD1 NE1  sing Y N 413 
TRP CD1 HD1  sing N N 414 
TRP CD2 CE2  doub Y N 415 
TRP CD2 CE3  sing Y N 416 
TRP NE1 CE2  sing Y N 417 
TRP NE1 HE1  sing N N 418 
TRP CE2 CZ2  sing Y N 419 
TRP CE3 CZ3  doub Y N 420 
TRP CE3 HE3  sing N N 421 
TRP CZ2 CH2  doub Y N 422 
TRP CZ2 HZ2  sing N N 423 
TRP CZ3 CH2  sing Y N 424 
TRP CZ3 HZ3  sing N N 425 
TRP CH2 HH2  sing N N 426 
TRP OXT HXT  sing N N 427 
TYR N   CA   sing N N 428 
TYR N   H    sing N N 429 
TYR N   H2   sing N N 430 
TYR CA  C    sing N N 431 
TYR CA  CB   sing N N 432 
TYR CA  HA   sing N N 433 
TYR C   O    doub N N 434 
TYR C   OXT  sing N N 435 
TYR CB  CG   sing N N 436 
TYR CB  HB2  sing N N 437 
TYR CB  HB3  sing N N 438 
TYR CG  CD1  doub Y N 439 
TYR CG  CD2  sing Y N 440 
TYR CD1 CE1  sing Y N 441 
TYR CD1 HD1  sing N N 442 
TYR CD2 CE2  doub Y N 443 
TYR CD2 HD2  sing N N 444 
TYR CE1 CZ   doub Y N 445 
TYR CE1 HE1  sing N N 446 
TYR CE2 CZ   sing Y N 447 
TYR CE2 HE2  sing N N 448 
TYR CZ  OH   sing N N 449 
TYR OH  HH   sing N N 450 
TYR OXT HXT  sing N N 451 
VAL N   CA   sing N N 452 
VAL N   H    sing N N 453 
VAL N   H2   sing N N 454 
VAL CA  C    sing N N 455 
VAL CA  CB   sing N N 456 
VAL CA  HA   sing N N 457 
VAL C   O    doub N N 458 
VAL C   OXT  sing N N 459 
VAL CB  CG1  sing N N 460 
VAL CB  CG2  sing N N 461 
VAL CB  HB   sing N N 462 
VAL CG1 HG11 sing N N 463 
VAL CG1 HG12 sing N N 464 
VAL CG1 HG13 sing N N 465 
VAL CG2 HG21 sing N N 466 
VAL CG2 HG22 sing N N 467 
VAL CG2 HG23 sing N N 468 
VAL OXT HXT  sing N N 469 
# 
_atom_sites.entry_id                    4X86 
_atom_sites.fract_transf_matrix[1][1]   0.00626987 
_atom_sites.fract_transf_matrix[1][2]   0.01384405 
_atom_sites.fract_transf_matrix[1][3]   -0.00439505 
_atom_sites.fract_transf_matrix[2][1]   0.00433551 
_atom_sites.fract_transf_matrix[2][2]   0.01055513 
_atom_sites.fract_transf_matrix[2][3]   0.01095886 
_atom_sites.fract_transf_matrix[3][1]   0.01885151 
_atom_sites.fract_transf_matrix[3][2]   -0.00835167 
_atom_sites.fract_transf_matrix[3][3]   0.00058602 
_atom_sites.fract_transf_vector[1]      0.144969 
_atom_sites.fract_transf_vector[2]      2.466451 
_atom_sites.fract_transf_vector[3]      0.120583 
# 
loop_
_atom_type.symbol 
C 
N 
O 
S 
# 
loop_
_atom_site.group_PDB 
_atom_site.id 
_atom_site.type_symbol 
_atom_site.label_atom_id 
_atom_site.label_alt_id 
_atom_site.label_comp_id 
_atom_site.label_asym_id 
_atom_site.label_entity_id 
_atom_site.label_seq_id 
_atom_site.pdbx_PDB_ins_code 
_atom_site.Cartn_x 
_atom_site.Cartn_y 
_atom_site.Cartn_z 
_atom_site.occupancy 
_atom_site.B_iso_or_equiv 
_atom_site.pdbx_formal_charge 
_atom_site.auth_seq_id 
_atom_site.auth_comp_id 
_atom_site.auth_asym_id 
_atom_site.auth_atom_id 
_atom_site.pdbx_PDB_model_num 
ATOM   1   N N   . GLY A 1 4  ? -5.252  14.546  6.775   1.00 56.59  ? 93   GLY A N   1 
ATOM   2   C CA  . GLY A 1 4  ? -4.174  13.592  7.004   1.00 59.77  ? 93   GLY A CA  1 
ATOM   3   C C   . GLY A 1 4  ? -4.414  12.326  6.207   1.00 64.63  ? 93   GLY A C   1 
ATOM   4   O O   . GLY A 1 4  ? -5.546  12.093  5.775   1.00 65.32  ? 93   GLY A O   1 
ATOM   5   N N   . SER A 1 5  ? -3.382  11.495  6.006   1.00 51.86  ? 94   SER A N   1 
ATOM   6   C CA  . SER A 1 5  ? -3.562  10.367  5.105   1.00 43.14  ? 94   SER A CA  1 
ATOM   7   C C   . SER A 1 5  ? -2.626  9.186   5.337   1.00 35.84  ? 94   SER A C   1 
ATOM   8   O O   . SER A 1 5  ? -1.561  9.315   5.962   1.00 40.25  ? 94   SER A O   1 
ATOM   9   C CB  . SER A 1 5  ? -3.386  10.827  3.664   1.00 48.86  ? 94   SER A CB  1 
ATOM   10  O OG  . SER A 1 5  ? -2.007  11.006  3.382   1.00 44.15  ? 94   SER A OG  1 
ATOM   11  N N   . VAL A 1 6  ? -2.999  8.047   4.771   1.00 36.76  ? 95   VAL A N   1 
ATOM   12  C CA  . VAL A 1 6  ? -2.113  6.870   4.815   1.00 39.54  ? 95   VAL A CA  1 
ATOM   13  C C   . VAL A 1 6  ? -0.748  7.183   4.163   1.00 39.28  ? 95   VAL A C   1 
ATOM   14  O O   . VAL A 1 6  ? 0.304   6.673   4.600   1.00 36.60  ? 95   VAL A O   1 
ATOM   15  C CB  . VAL A 1 6  ? -2.775  5.658   4.116   1.00 40.97  ? 95   VAL A CB  1 
ATOM   16  C CG1 . VAL A 1 6  ? -2.979  5.919   2.632   1.00 42.45  ? 95   VAL A CG1 1 
ATOM   17  C CG2 . VAL A 1 6  ? -1.948  4.382   4.334   1.00 45.75  ? 95   VAL A CG2 1 
ATOM   18  N N   . TRP A 1 7  ? -0.744  8.045   3.149   1.00 33.08  ? 96   TRP A N   1 
ATOM   19  C CA  . TRP A 1 7  ? 0.519   8.344   2.432   1.00 34.55  ? 96   TRP A CA  1 
ATOM   20  C C   . TRP A 1 7  ? 1.503   9.041   3.351   1.00 36.06  ? 96   TRP A C   1 
ATOM   21  O O   . TRP A 1 7  ? 2.725   8.848   3.287   1.00 34.61  ? 96   TRP A O   1 
ATOM   22  C CB  . TRP A 1 7  ? 0.236   9.195   1.196   1.00 36.56  ? 96   TRP A CB  1 
ATOM   23  C CG  . TRP A 1 7  ? -0.861  8.596   0.346   1.00 45.51  ? 96   TRP A CG  1 
ATOM   24  C CD1 . TRP A 1 7  ? -2.087  9.149   0.056   1.00 46.85  ? 96   TRP A CD1 1 
ATOM   25  C CD2 . TRP A 1 7  ? -0.837  7.315   -0.298  1.00 44.97  ? 96   TRP A CD2 1 
ATOM   26  N NE1 . TRP A 1 7  ? -2.812  8.294   -0.737  1.00 45.94  ? 96   TRP A NE1 1 
ATOM   27  C CE2 . TRP A 1 7  ? -2.067  7.158   -0.968  1.00 48.58  ? 96   TRP A CE2 1 
ATOM   28  C CE3 . TRP A 1 7  ? 0.111   6.277   -0.369  1.00 43.62  ? 96   TRP A CE3 1 
ATOM   29  C CZ2 . TRP A 1 7  ? -2.377  6.019   -1.702  1.00 54.82  ? 96   TRP A CZ2 1 
ATOM   30  C CZ3 . TRP A 1 7  ? -0.196  5.151   -1.099  1.00 51.51  ? 96   TRP A CZ3 1 
ATOM   31  C CH2 . TRP A 1 7  ? -1.429  5.032   -1.764  1.00 51.89  ? 96   TRP A CH2 1 
ATOM   32  N N   . GLN A 1 8  ? 0.965   9.893   4.210   1.00 30.88  ? 97   GLN A N   1 
ATOM   33  C CA  . GLN A 1 8  ? 1.790   10.611  5.163   1.00 31.25  ? 97   GLN A CA  1 
ATOM   34  C C   . GLN A 1 8  ? 2.352   9.678   6.233   1.00 35.10  ? 97   GLN A C   1 
ATOM   35  O O   . GLN A 1 8  ? 3.507   9.809   6.640   1.00 31.77  ? 97   GLN A O   1 
ATOM   36  C CB  . GLN A 1 8  ? 0.948   11.734  5.788   1.00 33.77  ? 97   GLN A CB  1 
ATOM   37  C CG  . GLN A 1 8  ? 0.612   12.842  4.769   1.00 32.27  ? 97   GLN A CG  1 
ATOM   38  C CD  . GLN A 1 8  ? -0.461  13.789  5.302   1.00 35.53  ? 97   GLN A CD  1 
ATOM   39  O OE1 . GLN A 1 8  ? -1.263  13.392  6.149   1.00 37.71  ? 97   GLN A OE1 1 
ATOM   40  N NE2 . GLN A 1 8  ? -0.494  15.010  4.794   1.00 36.26  ? 97   GLN A NE2 1 
ATOM   41  N N   . LEU A 1 9  ? 1.518   8.771   6.728   1.00 34.34  ? 98   LEU A N   1 
ATOM   42  C CA  . LEU A 1 9  ? 1.995   7.787   7.715   1.00 35.62  ? 98   LEU A CA  1 
ATOM   43  C C   . LEU A 1 9  ? 3.027   6.841   7.091   1.00 32.54  ? 98   LEU A C   1 
ATOM   44  O O   . LEU A 1 9  ? 4.058   6.562   7.702   1.00 37.27  ? 98   LEU A O   1 
ATOM   45  C CB  . LEU A 1 9  ? 0.839   6.962   8.273   1.00 33.11  ? 98   LEU A CB  1 
ATOM   46  C CG  . LEU A 1 9  ? -0.187  7.788   9.075   1.00 35.38  ? 98   LEU A CG  1 
ATOM   47  C CD1 . LEU A 1 9  ? -1.277  6.852   9.571   1.00 44.43  ? 98   LEU A CD1 1 
ATOM   48  C CD2 . LEU A 1 9  ? 0.496   8.444   10.221  1.00 43.07  ? 98   LEU A CD2 1 
ATOM   49  N N   . ILE A 1 10 ? 2.748   6.336   5.903   1.00 32.51  ? 99   ILE A N   1 
ATOM   50  C CA  . ILE A 1 10 ? 3.742   5.489   5.202   1.00 36.01  ? 99   ILE A CA  1 
ATOM   51  C C   . ILE A 1 10 ? 5.079   6.223   5.006   1.00 35.93  ? 99   ILE A C   1 
ATOM   52  O O   . ILE A 1 10 ? 6.149   5.649   5.197   1.00 35.91  ? 99   ILE A O   1 
ATOM   53  C CB  . ILE A 1 10 ? 3.182   5.020   3.837   1.00 37.95  ? 99   ILE A CB  1 
ATOM   54  C CG1 . ILE A 1 10 ? 2.032   4.016   4.060   1.00 38.24  ? 99   ILE A CG1 1 
ATOM   55  C CG2 . ILE A 1 10 ? 4.272   4.427   2.953   1.00 42.88  ? 99   ILE A CG2 1 
ATOM   56  C CD1 . ILE A 1 10 ? 1.239   3.717   2.781   1.00 40.24  ? 99   ILE A CD1 1 
ATOM   57  N N   . SER A 1 11 ? 5.028   7.511   4.650   1.00 29.76  ? 100  SER A N   1 
ATOM   58  C CA  . SER A 1 11 ? 6.258   8.278   4.415   1.00 33.80  ? 100  SER A CA  1 
ATOM   59  C C   . SER A 1 11 ? 7.109   8.432   5.678   1.00 39.40  ? 100  SER A C   1 
ATOM   60  O O   . SER A 1 11 ? 8.357   8.444   5.607   1.00 36.17  ? 100  SER A O   1 
ATOM   61  C CB  . SER A 1 11 ? 5.909   9.663   3.846   1.00 37.51  ? 100  SER A CB  1 
ATOM   62  O OG  . SER A 1 11 ? 7.077   10.441  3.659   1.00 50.87  ? 100  SER A OG  1 
ATOM   63  N N   . LYS A 1 12 ? 6.461   8.565   6.834   1.00 36.97  ? 101  LYS A N   1 
ATOM   64  C CA  . LYS A 1 12 ? 7.227   8.605   8.075   1.00 41.46  ? 101  LYS A CA  1 
ATOM   65  C C   . LYS A 1 12 ? 7.925   7.264   8.319   1.00 36.06  ? 101  LYS A C   1 
ATOM   66  O O   . LYS A 1 12 ? 9.009   7.242   8.879   1.00 36.02  ? 101  LYS A O   1 
ATOM   67  C CB  . LYS A 1 12 ? 6.340   8.960   9.268   1.00 39.84  ? 101  LYS A CB  1 
ATOM   68  C CG  . LYS A 1 12 ? 5.926   10.433  9.299   1.00 45.62  ? 101  LYS A CG  1 
ATOM   69  C CD  . LYS A 1 12 ? 5.269   10.768  10.629  1.00 63.72  ? 101  LYS A CD  1 
ATOM   70  C CE  . LYS A 1 12 ? 5.158   12.277  10.844  1.00 73.25  ? 101  LYS A CE  1 
ATOM   71  N NZ  . LYS A 1 12 ? 6.448   12.987  10.594  1.00 70.15  ? 101  LYS A NZ  1 
ATOM   72  N N   . VAL A 1 13 ? 7.274   6.161   7.975   1.00 32.49  ? 102  VAL A N   1 
ATOM   73  C CA  . VAL A 1 13 ? 7.927   4.841   8.119   1.00 38.01  ? 102  VAL A CA  1 
ATOM   74  C C   . VAL A 1 13 ? 9.083   4.717   7.128   1.00 36.83  ? 102  VAL A C   1 
ATOM   75  O O   . VAL A 1 13 ? 10.179  4.277   7.490   1.00 38.65  ? 102  VAL A O   1 
ATOM   76  C CB  . VAL A 1 13 ? 6.928   3.664   7.911   1.00 37.62  ? 102  VAL A CB  1 
ATOM   77  C CG1 . VAL A 1 13 ? 7.668   2.319   7.871   1.00 35.87  ? 102  VAL A CG1 1 
ATOM   78  C CG2 . VAL A 1 13 ? 5.882   3.644   9.038   1.00 37.37  ? 102  VAL A CG2 1 
ATOM   79  N N   . LEU A 1 14 ? 8.858   5.136   5.882   1.00 34.01  ? 103  LEU A N   1 
ATOM   80  C CA  . LEU A 1 14 ? 9.908   5.000   4.853   1.00 33.31  ? 103  LEU A CA  1 
ATOM   81  C C   . LEU A 1 14 ? 11.148  5.815   5.189   1.00 38.49  ? 103  LEU A C   1 
ATOM   82  O O   . LEU A 1 14 ? 12.263  5.442   4.795   1.00 36.87  ? 103  LEU A O   1 
ATOM   83  C CB  . LEU A 1 14 ? 9.395   5.423   3.479   1.00 35.20  ? 103  LEU A CB  1 
ATOM   84  C CG  . LEU A 1 14 ? 8.228   4.594   2.909   1.00 35.04  ? 103  LEU A CG  1 
ATOM   85  C CD1 . LEU A 1 14 ? 7.770   5.183   1.565   1.00 42.52  ? 103  LEU A CD1 1 
ATOM   86  C CD2 . LEU A 1 14 ? 8.610   3.110   2.792   1.00 39.40  ? 103  LEU A CD2 1 
ATOM   87  N N   . ALA A 1 15 ? 10.963  6.926   5.900   1.00 35.44  ? 104  ALA A N   1 
ATOM   88  C CA  . ALA A 1 15 ? 12.088  7.815   6.257   1.00 36.85  ? 104  ALA A CA  1 
ATOM   89  C C   . ALA A 1 15 ? 12.981  7.216   7.323   1.00 37.05  ? 104  ALA A C   1 
ATOM   90  O O   . ALA A 1 15 ? 14.085  7.729   7.574   1.00 37.41  ? 104  ALA A O   1 
ATOM   91  C CB  . ALA A 1 15 ? 11.570  9.179   6.734   1.00 40.93  ? 104  ALA A CB  1 
ATOM   92  N N   . ARG A 1 16 ? 12.517  6.144   7.950   1.00 35.57  ? 105  ARG A N   1 
ATOM   93  C CA  . ARG A 1 16 ? 13.344  5.404   8.920   1.00 32.99  ? 105  ARG A CA  1 
ATOM   94  C C   . ARG A 1 16 ? 14.143  4.261   8.294   1.00 42.94  ? 105  ARG A C   1 
ATOM   95  O O   . ARG A 1 16 ? 15.064  3.732   8.939   1.00 41.49  ? 105  ARG A O   1 
ATOM   96  C CB  . ARG A 1 16 ? 12.466  4.818   10.032  1.00 38.67  ? 105  ARG A CB  1 
ATOM   97  C CG  . ARG A 1 16 ? 11.816  5.861   10.941  1.00 40.39  ? 105  ARG A CG  1 
ATOM   98  C CD  . ARG A 1 16 ? 10.737  5.224   11.833  1.00 43.74  ? 105  ARG A CD  1 
ATOM   99  N NE  . ARG A 1 16 ? 11.204  4.015   12.520  1.00 46.27  ? 105  ARG A NE  1 
ATOM   100 C CZ  . ARG A 1 16 ? 11.941  4.011   13.630  1.00 51.25  ? 105  ARG A CZ  1 
ATOM   101 N NH1 . ARG A 1 16 ? 12.331  5.156   14.188  1.00 49.31  ? 105  ARG A NH1 1 
ATOM   102 N NH2 . ARG A 1 16 ? 12.308  2.854   14.181  1.00 59.54  ? 105  ARG A NH2 1 
ATOM   103 N N   . HIS A 1 17 ? 13.807  3.882   7.057   1.00 37.59  ? 106  HIS A N   1 
ATOM   104 C CA  . HIS A 1 17 ? 14.383  2.651   6.452   1.00 35.94  ? 106  HIS A CA  1 
ATOM   105 C C   . HIS A 1 17 ? 15.000  2.762   5.063   1.00 40.01  ? 106  HIS A C   1 
ATOM   106 O O   . HIS A 1 17 ? 15.596  1.790   4.567   1.00 40.98  ? 106  HIS A O   1 
ATOM   107 C CB  . HIS A 1 17 ? 13.280  1.582   6.410   1.00 36.57  ? 106  HIS A CB  1 
ATOM   108 C CG  . HIS A 1 17 ? 12.737  1.254   7.761   1.00 41.66  ? 106  HIS A CG  1 
ATOM   109 N ND1 . HIS A 1 17 ? 13.431  0.487   8.676   1.00 42.37  ? 106  HIS A ND1 1 
ATOM   110 C CD2 . HIS A 1 17 ? 11.592  1.632   8.378   1.00 39.05  ? 106  HIS A CD2 1 
ATOM   111 C CE1 . HIS A 1 17 ? 12.726  0.389   9.787   1.00 46.72  ? 106  HIS A CE1 1 
ATOM   112 N NE2 . HIS A 1 17 ? 11.606  1.070   9.634   1.00 40.84  ? 106  HIS A NE2 1 
ATOM   113 N N   . PHE A 1 18 ? 14.858  3.928   4.444   1.00 35.27  ? 107  PHE A N   1 
ATOM   114 C CA  . PHE A 1 18 ? 15.341  4.200   3.102   1.00 41.92  ? 107  PHE A CA  1 
ATOM   115 C C   . PHE A 1 18 ? 15.999  5.573   3.076   1.00 38.55  ? 107  PHE A C   1 
ATOM   116 O O   . PHE A 1 18 ? 15.624  6.472   3.832   1.00 39.55  ? 107  PHE A O   1 
ATOM   117 C CB  . PHE A 1 18 ? 14.194  4.173   2.070   1.00 39.47  ? 107  PHE A CB  1 
ATOM   118 C CG  . PHE A 1 18 ? 13.598  2.800   1.819   1.00 38.77  ? 107  PHE A CG  1 
ATOM   119 C CD1 . PHE A 1 18 ? 14.224  1.906   0.951   1.00 43.28  ? 107  PHE A CD1 1 
ATOM   120 C CD2 . PHE A 1 18 ? 12.404  2.419   2.416   1.00 40.83  ? 107  PHE A CD2 1 
ATOM   121 C CE1 . PHE A 1 18 ? 13.666  0.656   0.696   1.00 38.67  ? 107  PHE A CE1 1 
ATOM   122 C CE2 . PHE A 1 18 ? 11.833  1.175   2.160   1.00 41.32  ? 107  PHE A CE2 1 
ATOM   123 C CZ  . PHE A 1 18 ? 12.465  0.289   1.297   1.00 38.69  ? 107  PHE A CZ  1 
ATOM   124 N N   . SER A 1 19 ? 16.959  5.730   2.178   1.00 39.37  ? 108  SER A N   1 
ATOM   125 C CA  . SER A 1 19 ? 17.549  7.024   1.907   1.00 38.72  ? 108  SER A CA  1 
ATOM   126 C C   . SER A 1 19 ? 16.476  7.969   1.423   1.00 39.48  ? 108  SER A C   1 
ATOM   127 O O   . SER A 1 19 ? 15.385  7.531   1.001   1.00 36.26  ? 108  SER A O   1 
ATOM   128 C CB  . SER A 1 19 ? 18.651  6.893   0.850   1.00 45.82  ? 108  SER A CB  1 
ATOM   129 O OG  . SER A 1 19 ? 18.067  6.652   -0.424  1.00 50.33  ? 108  SER A OG  1 
ATOM   130 N N   . ALA A 1 20 ? 16.763  9.266   1.466   1.00 42.86  ? 109  ALA A N   1 
ATOM   131 C CA  . ALA A 1 20 ? 15.749  10.246  1.062   1.00 44.58  ? 109  ALA A CA  1 
ATOM   132 C C   . ALA A 1 20 ? 15.261  9.986   -0.366  1.00 45.04  ? 109  ALA A C   1 
ATOM   133 O O   . ALA A 1 20 ? 14.054  9.917   -0.626  1.00 39.26  ? 109  ALA A O   1 
ATOM   134 C CB  . ALA A 1 20 ? 16.296  11.646  1.175   1.00 45.05  ? 109  ALA A CB  1 
ATOM   135 N N   . ALA A 1 21 ? 16.205  9.838   -1.289  1.00 44.58  ? 110  ALA A N   1 
ATOM   136 C CA  . ALA A 1 21 ? 15.857  9.621   -2.697  1.00 46.88  ? 110  ALA A CA  1 
ATOM   137 C C   . ALA A 1 21 ? 15.037  8.350   -2.880  1.00 49.62  ? 110  ALA A C   1 
ATOM   138 O O   . ALA A 1 21 ? 14.028  8.351   -3.600  1.00 47.23  ? 110  ALA A O   1 
ATOM   139 C CB  . ALA A 1 21 ? 17.105  9.561   -3.556  1.00 45.67  ? 110  ALA A CB  1 
ATOM   140 N N   . ASP A 1 22 ? 15.461  7.274   -2.218  1.00 44.59  ? 111  ASP A N   1 
ATOM   141 C CA  . ASP A 1 22 ? 14.761  6.000   -2.324  1.00 45.49  ? 111  ASP A CA  1 
ATOM   142 C C   . ASP A 1 22 ? 13.355  6.081   -1.728  1.00 42.40  ? 111  ASP A C   1 
ATOM   143 O O   . ASP A 1 22 ? 12.411  5.545   -2.310  1.00 40.67  ? 111  ASP A O   1 
ATOM   144 C CB  . ASP A 1 22 ? 15.563  4.876   -1.654  1.00 42.97  ? 111  ASP A CB  1 
ATOM   145 C CG  . ASP A 1 22 ? 16.632  4.280   -2.576  1.00 53.25  ? 111  ASP A CG  1 
ATOM   146 O OD1 . ASP A 1 22 ? 16.531  4.470   -3.807  1.00 54.93  ? 111  ASP A OD1 1 
ATOM   147 O OD2 . ASP A 1 22 ? 17.565  3.611   -2.067  1.00 51.72  ? 111  ASP A OD2 1 
ATOM   148 N N   . ALA A 1 23 ? 13.210  6.750   -0.581  1.00 38.35  ? 112  ALA A N   1 
ATOM   149 C CA  . ALA A 1 23 ? 11.897  6.875   0.077   1.00 34.30  ? 112  ALA A CA  1 
ATOM   150 C C   . ALA A 1 23 ? 10.909  7.534   -0.856  1.00 42.39  ? 112  ALA A C   1 
ATOM   151 O O   . ALA A 1 23 ? 9.749   7.120   -0.944  1.00 39.57  ? 112  ALA A O   1 
ATOM   152 C CB  . ALA A 1 23 ? 12.007  7.680   1.380   1.00 33.23  ? 112  ALA A CB  1 
ATOM   153 N N   . SER A 1 24 ? 11.369  8.573   -1.554  1.00 38.16  ? 113  SER A N   1 
ATOM   154 C CA  . SER A 1 24 ? 10.486  9.299   -2.459  1.00 40.98  ? 113  SER A CA  1 
ATOM   155 C C   . SER A 1 24 ? 10.105  8.386   -3.629  1.00 43.53  ? 113  SER A C   1 
ATOM   156 O O   . SER A 1 24 ? 8.931   8.319   -4.000  1.00 41.33  ? 113  SER A O   1 
ATOM   157 C CB  . SER A 1 24 ? 11.161  10.586  -2.944  1.00 44.26  ? 113  SER A CB  1 
ATOM   158 O OG  . SER A 1 24 ? 10.330  11.303  -3.838  1.00 52.93  ? 113  SER A OG  1 
ATOM   159 N N   . ARG A 1 25 ? 11.088  7.675   -4.197  1.00 40.59  ? 114  ARG A N   1 
ATOM   160 C CA  . ARG A 1 25 ? 10.819  6.763   -5.312  1.00 43.19  ? 114  ARG A CA  1 
ATOM   161 C C   . ARG A 1 25 ? 9.858   5.653   -4.890  1.00 48.63  ? 114  ARG A C   1 
ATOM   162 O O   . ARG A 1 25 ? 8.959   5.287   -5.649  1.00 47.98  ? 114  ARG A O   1 
ATOM   163 C CB  . ARG A 1 25 ? 12.120  6.155   -5.872  1.00 45.53  ? 114  ARG A CB  1 
ATOM   164 C CG  . ARG A 1 25 ? 12.839  7.067   -6.856  1.00 53.17  ? 114  ARG A CG  1 
ATOM   165 C CD  . ARG A 1 25 ? 14.009  6.353   -7.563  1.00 60.45  ? 114  ARG A CD  1 
ATOM   166 N NE  . ARG A 1 25 ? 15.226  6.361   -6.755  1.00 72.92  ? 114  ARG A NE  1 
ATOM   167 C CZ  . ARG A 1 25 ? 16.150  7.317   -6.800  1.00 83.54  ? 114  ARG A CZ  1 
ATOM   168 N NH1 . ARG A 1 25 ? 16.004  8.356   -7.615  1.00 90.97  ? 114  ARG A NH1 1 
ATOM   169 N NH2 . ARG A 1 25 ? 17.222  7.238   -6.024  1.00 87.64  ? 114  ARG A NH2 1 
ATOM   170 N N   . VAL A 1 26 ? 10.018  5.136   -3.673  1.00 41.39  ? 115  VAL A N   1 
ATOM   171 C CA  . VAL A 1 26 ? 9.141   4.068   -3.204  1.00 41.77  ? 115  VAL A CA  1 
ATOM   172 C C   . VAL A 1 26 ? 7.694   4.569   -3.015  1.00 42.69  ? 115  VAL A C   1 
ATOM   173 O O   . VAL A 1 26 ? 6.740   3.900   -3.429  1.00 40.74  ? 115  VAL A O   1 
ATOM   174 C CB  . VAL A 1 26 ? 9.669   3.440   -1.894  1.00 41.35  ? 115  VAL A CB  1 
ATOM   175 C CG1 . VAL A 1 26 ? 8.674   2.456   -1.341  1.00 41.24  ? 115  VAL A CG1 1 
ATOM   176 C CG2 . VAL A 1 26 ? 11.004  2.719   -2.140  1.00 43.77  ? 115  VAL A CG2 1 
ATOM   177 N N   . LEU A 1 27 ? 7.528   5.744   -2.403  1.00 38.47  ? 116  LEU A N   1 
ATOM   178 C CA  . LEU A 1 27 ? 6.196   6.330   -2.244  1.00 39.87  ? 116  LEU A CA  1 
ATOM   179 C C   . LEU A 1 27 ? 5.494   6.560   -3.590  1.00 45.50  ? 116  LEU A C   1 
ATOM   180 O O   . LEU A 1 27 ? 4.323   6.225   -3.762  1.00 40.25  ? 116  LEU A O   1 
ATOM   181 C CB  . LEU A 1 27 ? 6.295   7.647   -1.477  1.00 38.40  ? 116  LEU A CB  1 
ATOM   182 C CG  . LEU A 1 27 ? 4.957   8.349   -1.243  1.00 36.94  ? 116  LEU A CG  1 
ATOM   183 C CD1 . LEU A 1 27 ? 4.033   7.399   -0.473  1.00 38.49  ? 116  LEU A CD1 1 
ATOM   184 C CD2 . LEU A 1 27 ? 5.155   9.664   -0.506  1.00 40.34  ? 116  LEU A CD2 1 
ATOM   185 N N   . GLU A 1 28 ? 6.212   7.129   -4.550  1.00 43.25  ? 117  GLU A N   1 
ATOM   186 C CA  . GLU A 1 28 ? 5.618   7.367   -5.867  1.00 46.96  ? 117  GLU A CA  1 
ATOM   187 C C   . GLU A 1 28 ? 5.258   6.053   -6.569  1.00 42.47  ? 117  GLU A C   1 
ATOM   188 O O   . GLU A 1 28 ? 4.211   5.946   -7.214  1.00 47.52  ? 117  GLU A O   1 
ATOM   189 C CB  . GLU A 1 28 ? 6.569   8.193   -6.739  1.00 45.57  ? 117  GLU A CB  1 
ATOM   190 C CG  . GLU A 1 28 ? 6.704   9.637   -6.299  1.00 62.36  ? 117  GLU A CG  1 
ATOM   191 C CD  . GLU A 1 28 ? 7.583   10.459  -7.228  1.00 75.49  ? 117  GLU A CD  1 
ATOM   192 O OE1 . GLU A 1 28 ? 8.768   10.095  -7.399  1.00 89.58  ? 117  GLU A OE1 1 
ATOM   193 O OE2 . GLU A 1 28 ? 7.094   11.468  -7.781  1.00 72.16  ? 117  GLU A OE2 1 
ATOM   194 N N   . GLN A 1 29 ? 6.123   5.051   -6.453  1.00 42.19  ? 118  GLN A N   1 
ATOM   195 C CA  . GLN A 1 29 ? 5.832   3.748   -7.052  1.00 43.46  ? 118  GLN A CA  1 
ATOM   196 C C   . GLN A 1 29 ? 4.617   3.088   -6.389  1.00 50.45  ? 118  GLN A C   1 
ATOM   197 O O   . GLN A 1 29 ? 3.790   2.468   -7.057  1.00 48.67  ? 118  GLN A O   1 
ATOM   198 C CB  . GLN A 1 29 ? 7.047   2.817   -6.956  1.00 48.38  ? 118  GLN A CB  1 
ATOM   199 C CG  . GLN A 1 29 ? 6.825   1.474   -7.623  1.00 54.12  ? 118  GLN A CG  1 
ATOM   200 C CD  . GLN A 1 29 ? 6.818   1.579   -9.137  1.00 60.83  ? 118  GLN A CD  1 
ATOM   201 O OE1 . GLN A 1 29 ? 7.750   2.126   -9.726  1.00 58.72  ? 118  GLN A OE1 1 
ATOM   202 N NE2 . GLN A 1 29 ? 5.766   1.057   -9.775  1.00 57.40  ? 118  GLN A NE2 1 
ATOM   203 N N   . LEU A 1 30 ? 4.518   3.226   -5.072  1.00 45.22  ? 119  LEU A N   1 
ATOM   204 C CA  . LEU A 1 30 ? 3.396   2.680   -4.319  1.00 41.69  ? 119  LEU A CA  1 
ATOM   205 C C   . LEU A 1 30 ? 2.072   3.324   -4.735  1.00 41.91  ? 119  LEU A C   1 
ATOM   206 O O   . LEU A 1 30 ? 1.051   2.647   -4.874  1.00 41.69  ? 119  LEU A O   1 
ATOM   207 C CB  . LEU A 1 30 ? 3.624   2.898   -2.824  1.00 40.46  ? 119  LEU A CB  1 
ATOM   208 C CG  . LEU A 1 30 ? 2.673   2.251   -1.816  1.00 48.50  ? 119  LEU A CG  1 
ATOM   209 C CD1 . LEU A 1 30 ? 2.929   0.769   -1.764  1.00 49.45  ? 119  LEU A CD1 1 
ATOM   210 C CD2 . LEU A 1 30 ? 2.879   2.881   -0.431  1.00 56.03  ? 119  LEU A CD2 1 
ATOM   211 N N   . GLN A 1 31 ? 2.085   4.643   -4.888  1.00 37.43  ? 120  GLN A N   1 
ATOM   212 C CA  . GLN A 1 31 ? 0.864   5.365   -5.261  1.00 40.73  ? 120  GLN A CA  1 
ATOM   213 C C   . GLN A 1 31 ? 0.443   4.990   -6.682  1.00 45.83  ? 120  GLN A C   1 
ATOM   214 O O   . GLN A 1 31 ? -0.752  4.859   -6.999  1.00 41.71  ? 120  GLN A O   1 
ATOM   215 C CB  . GLN A 1 31 ? 1.077   6.873   -5.148  1.00 45.09  ? 120  GLN A CB  1 
ATOM   216 C CG  . GLN A 1 31 ? 1.179   7.387   -3.718  1.00 42.46  ? 120  GLN A CG  1 
ATOM   217 C CD  . GLN A 1 31 ? 1.432   8.880   -3.644  1.00 48.41  ? 120  GLN A CD  1 
ATOM   218 O OE1 . GLN A 1 31 ? 1.959   9.483   -4.576  1.00 55.37  ? 120  GLN A OE1 1 
ATOM   219 N NE2 . GLN A 1 31 ? 1.037   9.490   -2.534  1.00 40.96  ? 120  GLN A NE2 1 
ATOM   220 N N   . ARG A 1 32 ? 1.434   4.816   -7.546  1.00 42.96  ? 121  ARG A N   1 
ATOM   221 C CA  . ARG A 1 32 ? 1.151   4.405   -8.923  1.00 55.68  ? 121  ARG A CA  1 
ATOM   222 C C   . ARG A 1 32 ? 0.596   2.980   -9.001  1.00 52.77  ? 121  ARG A C   1 
ATOM   223 O O   . ARG A 1 32 ? -0.362  2.730   -9.743  1.00 49.60  ? 121  ARG A O   1 
ATOM   224 C CB  . ARG A 1 32 ? 2.412   4.525   -9.783  1.00 60.93  ? 121  ARG A CB  1 
ATOM   225 C CG  . ARG A 1 32 ? 2.296   3.890   -11.154 1.00 70.54  ? 121  ARG A CG  1 
ATOM   226 C CD  . ARG A 1 32 ? 3.176   4.623   -12.153 1.00 83.04  ? 121  ARG A CD  1 
ATOM   227 N NE  . ARG A 1 32 ? 4.342   5.213   -11.503 1.00 87.76  ? 121  ARG A NE  1 
ATOM   228 C CZ  . ARG A 1 32 ? 5.123   6.133   -12.060 1.00 97.75  ? 121  ARG A CZ  1 
ATOM   229 N NH1 . ARG A 1 32 ? 4.862   6.570   -13.286 1.00 103.90 ? 121  ARG A NH1 1 
ATOM   230 N NH2 . ARG A 1 32 ? 6.165   6.615   -11.392 1.00 98.22  ? 121  ARG A NH2 1 
ATOM   231 N N   . ASP A 1 33 ? 1.190   2.045   -8.252  1.00 50.22  ? 122  ASP A N   1 
ATOM   232 C CA  . ASP A 1 33 ? 0.702   0.651   -8.232  1.00 57.42  ? 122  ASP A CA  1 
ATOM   233 C C   . ASP A 1 33 ? -0.724  0.593   -7.696  1.00 56.74  ? 122  ASP A C   1 
ATOM   234 O O   . ASP A 1 33 ? -1.592  -0.112  -8.225  1.00 53.20  ? 122  ASP A O   1 
ATOM   235 C CB  . ASP A 1 33 ? 1.590   -0.254  -7.357  1.00 54.59  ? 122  ASP A CB  1 
ATOM   236 C CG  . ASP A 1 33 ? 2.982   -0.464  -7.921  1.00 63.17  ? 122  ASP A CG  1 
ATOM   237 O OD1 . ASP A 1 33 ? 3.207   -0.201  -9.120  1.00 60.19  ? 122  ASP A OD1 1 
ATOM   238 O OD2 . ASP A 1 33 ? 3.857   -0.919  -7.147  1.00 64.06  ? 122  ASP A OD2 1 
ATOM   239 N N   . TYR A 1 34 ? -0.947  1.336   -6.617  1.00 46.24  ? 123  TYR A N   1 
ATOM   240 C CA  . TYR A 1 34 ? -2.247  1.376   -5.958  1.00 47.09  ? 123  TYR A CA  1 
ATOM   241 C C   . TYR A 1 34 ? -3.343  1.863   -6.909  1.00 48.81  ? 123  TYR A C   1 
ATOM   242 O O   . TYR A 1 34 ? -4.412  1.254   -7.029  1.00 49.73  ? 123  TYR A O   1 
ATOM   243 C CB  . TYR A 1 34 ? -2.154  2.270   -4.710  1.00 46.52  ? 123  TYR A CB  1 
ATOM   244 C CG  . TYR A 1 34 ? -3.451  2.430   -3.942  1.00 47.50  ? 123  TYR A CG  1 
ATOM   245 C CD1 . TYR A 1 34 ? -3.834  1.508   -2.975  1.00 56.84  ? 123  TYR A CD1 1 
ATOM   246 C CD2 . TYR A 1 34 ? -4.271  3.521   -4.159  1.00 48.67  ? 123  TYR A CD2 1 
ATOM   247 C CE1 . TYR A 1 34 ? -5.023  1.665   -2.269  1.00 57.03  ? 123  TYR A CE1 1 
ATOM   248 C CE2 . TYR A 1 34 ? -5.455  3.683   -3.456  1.00 54.31  ? 123  TYR A CE2 1 
ATOM   249 C CZ  . TYR A 1 34 ? -5.821  2.755   -2.516  1.00 54.30  ? 123  TYR A CZ  1 
ATOM   250 O OH  . TYR A 1 34 ? -7.000  2.925   -1.833  1.00 56.02  ? 123  TYR A OH  1 
ATOM   251 N N   . GLU A 1 35 ? -3.076  2.955   -7.610  1.00 49.55  ? 124  GLU A N   1 
ATOM   252 C CA  . GLU A 1 35 ? -4.090  3.535   -8.479  1.00 52.65  ? 124  GLU A CA  1 
ATOM   253 C C   . GLU A 1 35 ? -4.342  2.652   -9.710  1.00 61.35  ? 124  GLU A C   1 
ATOM   254 O O   . GLU A 1 35 ? -5.473  2.557   -10.177 1.00 65.49  ? 124  GLU A O   1 
ATOM   255 C CB  . GLU A 1 35 ? -3.690  4.958   -8.870  1.00 59.13  ? 124  GLU A CB  1 
ATOM   256 C CG  . GLU A 1 35 ? -4.884  5.943   -8.878  1.00 80.17  ? 124  GLU A CG  1 
ATOM   257 C CD  . GLU A 1 35 ? -5.446  6.240   -7.475  1.00 88.01  ? 124  GLU A CD  1 
ATOM   258 O OE1 . GLU A 1 35 ? -4.672  6.563   -6.546  1.00 78.30  ? 124  GLU A OE1 1 
ATOM   259 O OE2 . GLU A 1 35 ? -6.682  6.134   -7.305  1.00 96.15  ? 124  GLU A OE2 1 
ATOM   260 N N   . ARG A 1 36 ? -3.304  1.985   -10.213 1.00 60.23  ? 125  ARG A N   1 
ATOM   261 C CA  . ARG A 1 36 ? -3.492  1.019   -11.297 1.00 64.23  ? 125  ARG A CA  1 
ATOM   262 C C   . ARG A 1 36 ? -4.366  -0.150  -10.846 1.00 61.50  ? 125  ARG A C   1 
ATOM   263 O O   . ARG A 1 36 ? -5.218  -0.624  -11.601 1.00 62.16  ? 125  ARG A O   1 
ATOM   264 C CB  . ARG A 1 36 ? -2.147  0.490   -11.803 1.00 62.55  ? 125  ARG A CB  1 
ATOM   265 C CG  . ARG A 1 36 ? -2.259  -0.607  -12.852 1.00 81.15  ? 125  ARG A CG  1 
ATOM   266 C CD  . ARG A 1 36 ? -0.892  -1.040  -13.365 1.00 92.88  ? 125  ARG A CD  1 
ATOM   267 N N   . SER A 1 37 ? -4.133  -0.618  -9.621  1.00 60.26  ? 126  SER A N   1 
ATOM   268 C CA  . SER A 1 37 ? -4.896  -1.722  -9.046  1.00 69.50  ? 126  SER A CA  1 
ATOM   269 C C   . SER A 1 37 ? -6.373  -1.374  -8.913  1.00 64.41  ? 126  SER A C   1 
ATOM   270 O O   . SER A 1 37 ? -7.242  -2.206  -9.167  1.00 70.39  ? 126  SER A O   1 
ATOM   271 C CB  . SER A 1 37 ? -4.332  -2.103  -7.673  1.00 71.92  ? 126  SER A CB  1 
ATOM   272 O OG  . SER A 1 37 ? -3.065  -2.717  -7.806  1.00 76.56  ? 126  SER A OG  1 
ATOM   273 N N   . LEU A 1 38 ? -6.653  -0.143  -8.505  1.00 59.82  ? 127  LEU A N   1 
ATOM   274 C CA  . LEU A 1 38 ? -8.034  0.317   -8.401  1.00 66.97  ? 127  LEU A CA  1 
ATOM   275 C C   . LEU A 1 38 ? -8.691  0.411   -9.766  1.00 71.89  ? 127  LEU A C   1 
ATOM   276 O O   . LEU A 1 38 ? -9.896  0.161   -9.909  1.00 72.42  ? 127  LEU A O   1 
ATOM   277 C CB  . LEU A 1 38 ? -8.096  1.676   -7.708  1.00 70.33  ? 127  LEU A CB  1 
ATOM   278 C CG  . LEU A 1 38 ? -7.777  1.683   -6.219  1.00 71.25  ? 127  LEU A CG  1 
ATOM   279 C CD1 . LEU A 1 38 ? -7.862  3.107   -5.704  1.00 70.45  ? 127  LEU A CD1 1 
ATOM   280 C CD2 . LEU A 1 38 ? -8.753  0.777   -5.488  1.00 74.89  ? 127  LEU A CD2 1 
ATOM   281 N N   . SER A 1 39 ? -7.904  0.781   -10.771 1.00 75.08  ? 128  SER A N   1 
ATOM   282 C CA  . SER A 1 39 ? -8.432  0.938   -12.126 1.00 83.78  ? 128  SER A CA  1 
ATOM   283 C C   . SER A 1 39 ? -8.827  -0.401  -12.734 1.00 81.58  ? 128  SER A C   1 
ATOM   284 O O   . SER A 1 39 ? -9.819  -0.494  -13.453 1.00 86.06  ? 128  SER A O   1 
ATOM   285 C CB  . SER A 1 39 ? -7.408  1.634   -13.021 1.00 91.30  ? 128  SER A CB  1 
ATOM   286 O OG  . SER A 1 39 ? -7.093  2.920   -12.519 1.00 95.12  ? 128  SER A OG  1 
ATOM   287 N N   . ARG A 1 40 ? -8.047  -1.438  -12.450 1.00 83.04  ? 129  ARG A N   1 
ATOM   288 C CA  . ARG A 1 40 ? -8.317  -2.764  -12.996 1.00 91.83  ? 129  ARG A CA  1 
ATOM   289 C C   . ARG A 1 40 ? -9.509  -3.435  -12.318 1.00 90.86  ? 129  ARG A C   1 
ATOM   290 O O   . ARG A 1 40 ? -10.033 -4.430  -12.820 1.00 99.93  ? 129  ARG A O   1 
ATOM   291 C CB  . ARG A 1 40 ? -7.079  -3.656  -12.866 1.00 93.81  ? 129  ARG A CB  1 
ATOM   292 C CG  . ARG A 1 40 ? -5.900  -3.226  -13.725 1.00 95.39  ? 129  ARG A CG  1 
ATOM   293 C CD  . ARG A 1 40 ? -4.659  -4.041  -13.388 1.00 96.75  ? 129  ARG A CD  1 
ATOM   294 N N   . LEU A 1 41 ? -9.941  -2.886  -11.185 1.00 79.94  ? 130  LEU A N   1 
ATOM   295 C CA  . LEU A 1 41 ? -10.997 -3.501  -10.384 1.00 81.06  ? 130  LEU A CA  1 
ATOM   296 C C   . LEU A 1 41 ? -12.321 -3.589  -11.156 1.00 87.99  ? 130  LEU A C   1 
ATOM   297 O O   . LEU A 1 41 ? -12.757 -2.625  -11.788 1.00 90.67  ? 130  LEU A O   1 
ATOM   298 C CB  . LEU A 1 41 ? -11.197 -2.729  -9.077  1.00 82.55  ? 130  LEU A CB  1 
ATOM   299 C CG  . LEU A 1 41 ? -11.324 -3.556  -7.791  1.00 82.64  ? 130  LEU A CG  1 
ATOM   300 C CD1 . LEU A 1 41 ? -10.260 -4.636  -7.740  1.00 78.62  ? 130  LEU A CD1 1 
ATOM   301 C CD2 . LEU A 1 41 ? -11.225 -2.669  -6.559  1.00 78.93  ? 130  LEU A CD2 1 
ATOM   302 N N   . THR A 1 42 ? -12.942 -4.761  -11.105 1.00 93.74  ? 131  THR A N   1 
ATOM   303 C CA  . THR A 1 42 ? -14.217 -4.991  -11.769 1.00 90.54  ? 131  THR A CA  1 
ATOM   304 C C   . THR A 1 42 ? -15.263 -5.397  -10.745 1.00 90.47  ? 131  THR A C   1 
ATOM   305 O O   . THR A 1 42 ? -14.933 -5.692  -9.597  1.00 91.72  ? 131  THR A O   1 
ATOM   306 C CB  . THR A 1 42 ? -14.108 -6.083  -12.837 1.00 105.64 ? 131  THR A CB  1 
ATOM   307 O OG1 . THR A 1 42 ? -13.817 -7.334  -12.202 1.00 113.00 ? 131  THR A OG1 1 
ATOM   308 C CG2 . THR A 1 42 ? -13.000 -5.753  -13.823 1.00 105.49 ? 131  THR A CG2 1 
ATOM   309 N N   . LEU A 1 43 ? -16.523 -5.418  -11.163 1.00 96.27  ? 132  LEU A N   1 
ATOM   310 C CA  . LEU A 1 43 ? -17.607 -5.849  -10.291 1.00 99.10  ? 132  LEU A CA  1 
ATOM   311 C C   . LEU A 1 43 ? -17.376 -7.286  -9.839  1.00 98.06  ? 132  LEU A C   1 
ATOM   312 O O   . LEU A 1 43 ? -17.693 -7.652  -8.705  1.00 95.63  ? 132  LEU A O   1 
ATOM   313 C CB  . LEU A 1 43 ? -18.959 -5.721  -11.001 1.00 103.88 ? 132  LEU A CB  1 
ATOM   314 C CG  . LEU A 1 43 ? -19.545 -4.309  -11.094 1.00 108.61 ? 132  LEU A CG  1 
ATOM   315 N N   . ASP A 1 44 ? -16.810 -8.090  -10.734 1.00 96.28  ? 133  ASP A N   1 
ATOM   316 C CA  . ASP A 1 44 ? -16.481 -9.479  -10.437 1.00 102.41 ? 133  ASP A CA  1 
ATOM   317 C C   . ASP A 1 44 ? -15.525 -9.574  -9.250  1.00 98.01  ? 133  ASP A C   1 
ATOM   318 O O   . ASP A 1 44 ? -15.712 -10.393 -8.350  1.00 99.27  ? 133  ASP A O   1 
ATOM   319 C CB  . ASP A 1 44 ? -15.865 -10.153 -11.665 1.00 112.32 ? 133  ASP A CB  1 
ATOM   320 C CG  . ASP A 1 44 ? -15.394 -11.566 -11.381 1.00 112.75 ? 133  ASP A CG  1 
ATOM   321 N N   . ASP A 1 45 ? -14.510 -8.720  -9.246  1.00 90.53  ? 134  ASP A N   1 
ATOM   322 C CA  . ASP A 1 45 ? -13.510 -8.743  -8.186  1.00 86.55  ? 134  ASP A CA  1 
ATOM   323 C C   . ASP A 1 45 ? -14.090 -8.318  -6.845  1.00 84.11  ? 134  ASP A C   1 
ATOM   324 O O   . ASP A 1 45 ? -13.733 -8.874  -5.806  1.00 84.17  ? 134  ASP A O   1 
ATOM   325 C CB  . ASP A 1 45 ? -12.331 -7.846  -8.548  1.00 85.72  ? 134  ASP A CB  1 
ATOM   326 C CG  . ASP A 1 45 ? -11.669 -8.260  -9.839  1.00 98.84  ? 134  ASP A CG  1 
ATOM   327 O OD1 . ASP A 1 45 ? -11.688 -9.470  -10.153 1.00 101.32 ? 134  ASP A OD1 1 
ATOM   328 O OD2 . ASP A 1 45 ? -11.132 -7.375  -10.538 1.00 105.29 ? 134  ASP A OD2 1 
ATOM   329 N N   . ILE A 1 46 ? -14.978 -7.329  -6.863  1.00 84.81  ? 135  ILE A N   1 
ATOM   330 C CA  . ILE A 1 46 ? -15.576 -6.840  -5.629  1.00 91.01  ? 135  ILE A CA  1 
ATOM   331 C C   . ILE A 1 46 ? -16.466 -7.910  -5.007  1.00 94.05  ? 135  ILE A C   1 
ATOM   332 O O   . ILE A 1 46 ? -16.439 -8.122  -3.790  1.00 94.35  ? 135  ILE A O   1 
ATOM   333 C CB  . ILE A 1 46 ? -16.386 -5.554  -5.858  1.00 98.79  ? 135  ILE A CB  1 
ATOM   334 C CG1 . ILE A 1 46 ? -15.466 -4.436  -6.353  1.00 99.27  ? 135  ILE A CG1 1 
ATOM   335 C CG2 . ILE A 1 46 ? -17.072 -5.122  -4.576  1.00 103.90 ? 135  ILE A CG2 1 
ATOM   336 C CD1 . ILE A 1 46 ? -16.152 -3.089  -6.478  1.00 101.68 ? 135  ILE A CD1 1 
ATOM   337 N N   . GLU A 1 47 ? -17.237 -8.592  -5.850  1.00 94.57  ? 136  GLU A N   1 
ATOM   338 C CA  . GLU A 1 47 ? -18.085 -9.693  -5.406  1.00 96.57  ? 136  GLU A CA  1 
ATOM   339 C C   . GLU A 1 47 ? -17.255 -10.801 -4.757  1.00 100.79 ? 136  GLU A C   1 
ATOM   340 O O   . GLU A 1 47 ? -17.614 -11.314 -3.694  1.00 105.73 ? 136  GLU A O   1 
ATOM   341 C CB  . GLU A 1 47 ? -18.896 -10.257 -6.579  1.00 100.32 ? 136  GLU A CB  1 
ATOM   342 N N   . ARG A 1 48 ? -16.143 -11.156 -5.395  1.00 99.58  ? 137  ARG A N   1 
ATOM   343 C CA  . ARG A 1 48 ? -15.256 -12.199 -4.885  1.00 95.79  ? 137  ARG A CA  1 
ATOM   344 C C   . ARG A 1 48 ? -14.651 -11.809 -3.535  1.00 95.25  ? 137  ARG A C   1 
ATOM   345 O O   . ARG A 1 48 ? -14.462 -12.660 -2.665  1.00 100.15 ? 137  ARG A O   1 
ATOM   346 C CB  . ARG A 1 48 ? -14.146 -12.490 -5.895  1.00 97.36  ? 137  ARG A CB  1 
ATOM   347 C CG  . ARG A 1 48 ? -13.258 -13.663 -5.523  1.00 103.00 ? 137  ARG A CG  1 
ATOM   348 N N   . LEU A 1 49 ? -14.352 -10.522 -3.374  1.00 85.93  ? 138  LEU A N   1 
ATOM   349 C CA  . LEU A 1 49 ? -13.837 -9.989  -2.112  1.00 79.67  ? 138  LEU A CA  1 
ATOM   350 C C   . LEU A 1 49 ? -14.785 -10.257 -0.947  1.00 84.32  ? 138  LEU A C   1 
ATOM   351 O O   . LEU A 1 49 ? -14.361 -10.704 0.118   1.00 88.86  ? 138  LEU A O   1 
ATOM   352 C CB  . LEU A 1 49 ? -13.581 -8.481  -2.225  1.00 76.26  ? 138  LEU A CB  1 
ATOM   353 C CG  . LEU A 1 49 ? -12.152 -8.010  -2.506  1.00 69.78  ? 138  LEU A CG  1 
ATOM   354 C CD1 . LEU A 1 49 ? -12.066 -6.489  -2.448  1.00 70.33  ? 138  LEU A CD1 1 
ATOM   355 C CD2 . LEU A 1 49 ? -11.169 -8.637  -1.527  1.00 68.10  ? 138  LEU A CD2 1 
ATOM   356 N N   . ALA A 1 50 ? -16.069 -9.979  -1.154  1.00 91.53  ? 139  ALA A N   1 
ATOM   357 C CA  . ALA A 1 50 ? -17.071 -10.161 -0.111  1.00 95.57  ? 139  ALA A CA  1 
ATOM   358 C C   . ALA A 1 50 ? -17.189 -11.624 0.323   1.00 102.74 ? 139  ALA A C   1 
ATOM   359 O O   . ALA A 1 50 ? -17.465 -11.913 1.489   1.00 107.86 ? 139  ALA A O   1 
ATOM   360 C CB  . ALA A 1 50 ? -18.418 -9.640  -0.582  1.00 98.85  ? 139  ALA A CB  1 
ATOM   361 N N   . SER A 1 51 ? -16.972 -12.544 -0.610  1.00 101.97 ? 140  SER A N   1 
ATOM   362 C CA  . SER A 1 51 ? -17.065 -13.969 -0.302  1.00 105.42 ? 140  SER A CA  1 
ATOM   363 C C   . SER A 1 51 ? -15.913 -14.431 0.591   1.00 102.14 ? 140  SER A C   1 
ATOM   364 O O   . SER A 1 51 ? -16.057 -15.383 1.357   1.00 105.74 ? 140  SER A O   1 
ATOM   365 C CB  . SER A 1 51 ? -17.092 -14.792 -1.592  1.00 109.36 ? 140  SER A CB  1 
ATOM   366 N N   . ARG A 1 52 ? -14.779 -13.744 0.494   1.00 96.10  ? 141  ARG A N   1 
ATOM   367 C CA  . ARG A 1 52 ? -13.570 -14.132 1.216   1.00 93.59  ? 141  ARG A CA  1 
ATOM   368 C C   . ARG A 1 52 ? -13.681 -13.974 2.734   1.00 93.88  ? 141  ARG A C   1 
ATOM   369 O O   . ARG A 1 52 ? -13.242 -14.842 3.485   1.00 97.84  ? 141  ARG A O   1 
ATOM   370 C CB  . ARG A 1 52 ? -12.372 -13.317 0.720   1.00 84.65  ? 141  ARG A CB  1 
ATOM   371 C CG  . ARG A 1 52 ? -11.516 -14.000 -0.331  1.00 79.68  ? 141  ARG A CG  1 
ATOM   372 C CD  . ARG A 1 52 ? -10.318 -13.135 -0.700  1.00 73.94  ? 141  ARG A CD  1 
ATOM   373 N NE  . ARG A 1 52 ? -9.167  -13.375 0.168   1.00 78.48  ? 141  ARG A NE  1 
ATOM   374 C CZ  . ARG A 1 52 ? -7.985  -12.781 0.023   1.00 73.86  ? 141  ARG A CZ  1 
ATOM   375 N NH1 . ARG A 1 52 ? -7.797  -11.900 -0.948  1.00 73.29  ? 141  ARG A NH1 1 
ATOM   376 N NH2 . ARG A 1 52 ? -6.989  -13.066 0.851   1.00 67.89  ? 141  ARG A NH2 1 
ATOM   377 N N   . PHE A 1 53 ? -14.266 -12.868 3.179   1.00 93.00  ? 142  PHE A N   1 
ATOM   378 C CA  . PHE A 1 53 ? -14.196 -12.479 4.588   1.00 88.06  ? 142  PHE A CA  1 
ATOM   379 C C   . PHE A 1 53 ? -15.438 -12.874 5.380   1.00 92.44  ? 142  PHE A C   1 
ATOM   380 O O   . PHE A 1 53 ? -15.348 -13.546 6.411   1.00 96.54  ? 142  PHE A O   1 
ATOM   381 C CB  . PHE A 1 53 ? -13.963 -10.968 4.691   1.00 75.88  ? 142  PHE A CB  1 
ATOM   382 C CG  . PHE A 1 53 ? -12.610 -10.536 4.200   1.00 70.59  ? 142  PHE A CG  1 
ATOM   383 C CD1 . PHE A 1 53 ? -12.323 -10.502 2.843   1.00 72.82  ? 142  PHE A CD1 1 
ATOM   384 C CD2 . PHE A 1 53 ? -11.614 -10.186 5.100   1.00 69.97  ? 142  PHE A CD2 1 
ATOM   385 C CE1 . PHE A 1 53 ? -11.067 -10.125 2.390   1.00 69.47  ? 142  PHE A CE1 1 
ATOM   386 C CE2 . PHE A 1 53 ? -10.365 -9.801  4.658   1.00 60.90  ? 142  PHE A CE2 1 
ATOM   387 C CZ  . PHE A 1 53 ? -10.086 -9.772  3.302   1.00 66.43  ? 142  PHE A CZ  1 
ATOM   388 N N   . LEU A 1 54 ? -16.595 -12.450 4.894   1.00 88.31  ? 143  LEU A N   1 
ATOM   389 C CA  . LEU A 1 54 ? -17.852 -12.719 5.582   1.00 100.55 ? 143  LEU A CA  1 
ATOM   390 C C   . LEU A 1 54 ? -18.703 -13.702 4.783   1.00 98.40  ? 143  LEU A C   1 
ATOM   391 O O   . LEU A 1 54 ? -18.287 -14.838 4.544   1.00 94.11  ? 143  LEU A O   1 
ATOM   392 C CB  . LEU A 1 54 ? -18.606 -11.406 5.827   1.00 99.07  ? 143  LEU A CB  1 
ATOM   393 C CG  . LEU A 1 54 ? -17.833 -10.451 6.749   1.00 96.26  ? 143  LEU A CG  1 
ATOM   394 C CD1 . LEU A 1 54 ? -18.459 -9.078  6.802   1.00 96.66  ? 143  LEU A CD1 1 
ATOM   395 C CD2 . LEU A 1 54 ? -17.714 -11.032 8.154   1.00 102.06 ? 143  LEU A CD2 1 
ATOM   396 N N   . GLU B 2 15 ? -2.761  -9.229  -10.348 1.00 131.82 ? 1058 GLU B N   1 
ATOM   397 C CA  . GLU B 2 15 ? -3.745  -10.079 -9.685  1.00 134.31 ? 1058 GLU B CA  1 
ATOM   398 C C   . GLU B 2 15 ? -4.898  -9.240  -9.146  1.00 127.94 ? 1058 GLU B C   1 
ATOM   399 O O   . GLU B 2 15 ? -6.019  -9.307  -9.657  1.00 128.63 ? 1058 GLU B O   1 
ATOM   400 C CB  . GLU B 2 15 ? -3.089  -10.873 -8.554  1.00 136.36 ? 1058 GLU B CB  1 
ATOM   401 C CG  . GLU B 2 15 ? -4.055  -11.696 -7.723  1.00 139.14 ? 1058 GLU B CG  1 
ATOM   402 C CD  . GLU B 2 15 ? -3.821  -13.184 -7.884  1.00 147.33 ? 1058 GLU B CD  1 
ATOM   403 O OE1 . GLU B 2 15 ? -2.677  -13.573 -8.203  1.00 151.11 ? 1058 GLU B OE1 1 
ATOM   404 O OE2 . GLU B 2 15 ? -4.778  -13.966 -7.698  1.00 149.54 ? 1058 GLU B OE2 1 
ATOM   405 N N   . GLY B 2 16 ? -4.613  -8.451  -8.114  1.00 119.55 ? 1059 GLY B N   1 
ATOM   406 C CA  . GLY B 2 16 ? -5.612  -7.580  -7.524  1.00 111.94 ? 1059 GLY B CA  1 
ATOM   407 C C   . GLY B 2 16 ? -4.972  -6.558  -6.604  1.00 102.31 ? 1059 GLY B C   1 
ATOM   408 O O   . GLY B 2 16 ? -3.749  -6.539  -6.458  1.00 101.69 ? 1059 GLY B O   1 
ATOM   409 N N   . PRO B 2 17 ? -5.793  -5.697  -5.979  1.00 93.48  ? 1060 PRO B N   1 
ATOM   410 C CA  . PRO B 2 17 ? -5.256  -4.732  -5.014  1.00 87.20  ? 1060 PRO B CA  1 
ATOM   411 C C   . PRO B 2 17 ? -4.703  -5.470  -3.803  1.00 77.59  ? 1060 PRO B C   1 
ATOM   412 O O   . PRO B 2 17 ? -5.356  -6.376  -3.284  1.00 78.63  ? 1060 PRO B O   1 
ATOM   413 C CB  . PRO B 2 17 ? -6.472  -3.872  -4.651  1.00 85.67  ? 1060 PRO B CB  1 
ATOM   414 C CG  . PRO B 2 17 ? -7.636  -4.758  -4.889  1.00 89.99  ? 1060 PRO B CG  1 
ATOM   415 C CD  . PRO B 2 17 ? -7.263  -5.652  -6.043  1.00 93.89  ? 1060 PRO B CD  1 
ATOM   416 N N   . GLN B 2 18 ? -3.498  -5.106  -3.384  1.00 72.65  ? 1061 GLN B N   1 
ATOM   417 C CA  . GLN B 2 18 ? -2.830  -5.805  -2.297  1.00 67.18  ? 1061 GLN B CA  1 
ATOM   418 C C   . GLN B 2 18 ? -3.475  -5.456  -0.960  1.00 59.62  ? 1061 GLN B C   1 
ATOM   419 O O   . GLN B 2 18 ? -3.556  -4.291  -0.587  1.00 56.58  ? 1061 GLN B O   1 
ATOM   420 C CB  . GLN B 2 18 ? -1.338  -5.463  -2.284  1.00 64.64  ? 1061 GLN B CB  1 
ATOM   421 C CG  . GLN B 2 18 ? -0.552  -6.238  -1.253  1.00 68.35  ? 1061 GLN B CG  1 
ATOM   422 C CD  . GLN B 2 18 ? -0.801  -7.725  -1.345  1.00 77.43  ? 1061 GLN B CD  1 
ATOM   423 O OE1 . GLN B 2 18 ? -1.194  -8.364  -0.365  1.00 73.45  ? 1061 GLN B OE1 1 
ATOM   424 N NE2 . GLN B 2 18 ? -0.576  -8.289  -2.528  1.00 84.13  ? 1061 GLN B NE2 1 
ATOM   425 N N   . LEU B 2 19 ? -3.943  -6.467  -0.240  1.00 53.53  ? 1062 LEU B N   1 
ATOM   426 C CA  . LEU B 2 19 ? -4.652  -6.211  1.007   1.00 47.08  ? 1062 LEU B CA  1 
ATOM   427 C C   . LEU B 2 19 ? -3.684  -5.964  2.166   1.00 52.60  ? 1062 LEU B C   1 
ATOM   428 O O   . LEU B 2 19 ? -4.049  -5.357  3.169   1.00 58.44  ? 1062 LEU B O   1 
ATOM   429 C CB  . LEU B 2 19 ? -5.580  -7.376  1.332   1.00 50.49  ? 1062 LEU B CB  1 
ATOM   430 C CG  . LEU B 2 19 ? -6.672  -7.677  0.303   1.00 57.24  ? 1062 LEU B CG  1 
ATOM   431 C CD1 . LEU B 2 19 ? -7.566  -8.781  0.822   1.00 68.69  ? 1062 LEU B CD1 1 
ATOM   432 C CD2 . LEU B 2 19 ? -7.478  -6.436  0.008   1.00 57.75  ? 1062 LEU B CD2 1 
ATOM   433 N N   . LEU B 2 20 ? -2.455  -6.449  2.024   1.00 49.85  ? 1063 LEU B N   1 
ATOM   434 C CA  . LEU B 2 20 ? -1.441  -6.276  3.056   1.00 51.45  ? 1063 LEU B CA  1 
ATOM   435 C C   . LEU B 2 20 ? -0.466  -5.179  2.669   1.00 49.07  ? 1063 LEU B C   1 
ATOM   436 O O   . LEU B 2 20 ? 0.263   -5.298  1.680   1.00 51.15  ? 1063 LEU B O   1 
ATOM   437 C CB  . LEU B 2 20 ? -0.689  -7.574  3.304   1.00 57.41  ? 1063 LEU B CB  1 
ATOM   438 C CG  . LEU B 2 20 ? -1.535  -8.734  3.816   1.00 73.66  ? 1063 LEU B CG  1 
ATOM   439 C CD1 . LEU B 2 20 ? -0.627  -9.885  4.188   1.00 76.53  ? 1063 LEU B CD1 1 
ATOM   440 C CD2 . LEU B 2 20 ? -2.387  -8.290  4.997   1.00 77.28  ? 1063 LEU B CD2 1 
ATOM   441 N N   . LEU B 2 21 ? -0.450  -4.116  3.454   1.00 45.86  ? 1064 LEU B N   1 
ATOM   442 C CA  . LEU B 2 21 ? 0.400   -2.981  3.149   1.00 50.08  ? 1064 LEU B CA  1 
ATOM   443 C C   . LEU B 2 21 ? 1.882   -3.377  3.081   1.00 42.47  ? 1064 LEU B C   1 
ATOM   444 O O   . LEU B 2 21 ? 2.625   -2.853  2.253   1.00 48.08  ? 1064 LEU B O   1 
ATOM   445 C CB  . LEU B 2 21 ? 0.195   -1.874  4.179   1.00 52.31  ? 1064 LEU B CB  1 
ATOM   446 C CG  . LEU B 2 21 ? 1.152   -0.699  3.992   1.00 50.26  ? 1064 LEU B CG  1 
ATOM   447 C CD1 . LEU B 2 21 ? 0.983   -0.021  2.627   1.00 42.22  ? 1064 LEU B CD1 1 
ATOM   448 C CD2 . LEU B 2 21 ? 0.977   0.288   5.123   1.00 59.91  ? 1064 LEU B CD2 1 
ATOM   449 N N   . SER B 2 22 ? 2.305   -4.303  3.935   1.00 44.42  ? 1065 SER B N   1 
ATOM   450 C CA  . SER B 2 22 ? 3.704   -4.720  3.941   1.00 54.80  ? 1065 SER B CA  1 
ATOM   451 C C   . SER B 2 22 ? 4.110   -5.322  2.590   1.00 56.02  ? 1065 SER B C   1 
ATOM   452 O O   . SER B 2 22 ? 5.211   -5.081  2.102   1.00 50.20  ? 1065 SER B O   1 
ATOM   453 C CB  . SER B 2 22 ? 3.972   -5.726  5.064   1.00 61.20  ? 1065 SER B CB  1 
ATOM   454 O OG  . SER B 2 22 ? 3.258   -6.933  4.858   1.00 65.03  ? 1065 SER B OG  1 
ATOM   455 N N   . GLU B 2 23 ? 3.213   -6.092  1.981   1.00 54.47  ? 1066 GLU B N   1 
ATOM   456 C CA  . GLU B 2 23 ? 3.487   -6.672  0.668   1.00 59.83  ? 1066 GLU B CA  1 
ATOM   457 C C   . GLU B 2 23 ? 3.432   -5.616  -0.452  1.00 48.77  ? 1066 GLU B C   1 
ATOM   458 O O   . GLU B 2 23 ? 4.200   -5.683  -1.409  1.00 52.13  ? 1066 GLU B O   1 
ATOM   459 C CB  . GLU B 2 23 ? 2.504   -7.812  0.374   1.00 66.64  ? 1066 GLU B CB  1 
ATOM   460 C CG  . GLU B 2 23 ? 2.730   -8.517  -0.953  1.00 82.61  ? 1066 GLU B CG  1 
ATOM   461 C CD  . GLU B 2 23 ? 4.055   -9.263  -1.027  1.00 95.39  ? 1066 GLU B CD  1 
ATOM   462 O OE1 . GLU B 2 23 ? 4.708   -9.471  0.021   1.00 99.00  ? 1066 GLU B OE1 1 
ATOM   463 O OE2 . GLU B 2 23 ? 4.447   -9.641  -2.149  1.00 103.50 ? 1066 GLU B OE2 1 
ATOM   464 N N   . ALA B 2 24 ? 2.522   -4.658  -0.334  1.00 43.95  ? 1067 ALA B N   1 
ATOM   465 C CA  . ALA B 2 24 ? 2.455   -3.541  -1.283  1.00 42.66  ? 1067 ALA B CA  1 
ATOM   466 C C   . ALA B 2 24 ? 3.777   -2.753  -1.311  1.00 49.23  ? 1067 ALA B C   1 
ATOM   467 O O   . ALA B 2 24 ? 4.282   -2.397  -2.384  1.00 46.12  ? 1067 ALA B O   1 
ATOM   468 C CB  . ALA B 2 24 ? 1.318   -2.614  -0.935  1.00 42.48  ? 1067 ALA B CB  1 
ATOM   469 N N   . VAL B 2 25 ? 4.317   -2.462  -0.129  1.00 44.18  ? 1068 VAL B N   1 
ATOM   470 C CA  . VAL B 2 25 ? 5.574   -1.698  -0.037  1.00 41.23  ? 1068 VAL B CA  1 
ATOM   471 C C   . VAL B 2 25 ? 6.760   -2.511  -0.568  1.00 43.67  ? 1068 VAL B C   1 
ATOM   472 O O   . VAL B 2 25 ? 7.629   -1.986  -1.265  1.00 45.23  ? 1068 VAL B O   1 
ATOM   473 C CB  . VAL B 2 25 ? 5.855   -1.248  1.416   1.00 43.17  ? 1068 VAL B CB  1 
ATOM   474 C CG1 . VAL B 2 25 ? 7.203   -0.536  1.500   1.00 50.29  ? 1068 VAL B CG1 1 
ATOM   475 C CG2 . VAL B 2 25 ? 4.751   -0.317  1.911   1.00 47.06  ? 1068 VAL B CG2 1 
ATOM   476 N N   . SER B 2 26 ? 6.792   -3.799  -0.240  1.00 48.59  ? 1069 SER B N   1 
ATOM   477 C CA  . SER B 2 26 ? 7.829   -4.680  -0.757  1.00 47.93  ? 1069 SER B CA  1 
ATOM   478 C C   . SER B 2 26 ? 7.857   -4.669  -2.283  1.00 52.71  ? 1069 SER B C   1 
ATOM   479 O O   . SER B 2 26 ? 8.924   -4.544  -2.899  1.00 55.98  ? 1069 SER B O   1 
ATOM   480 C CB  . SER B 2 26 ? 7.619   -6.107  -0.245  1.00 52.52  ? 1069 SER B CB  1 
ATOM   481 O OG  . SER B 2 26 ? 8.582   -6.981  -0.807  1.00 68.39  ? 1069 SER B OG  1 
ATOM   482 N N   . ARG B 2 27 ? 6.688   -4.815  -2.898  1.00 51.65  ? 1070 ARG B N   1 
ATOM   483 C CA  . ARG B 2 27 ? 6.619   -4.814  -4.353  1.00 52.84  ? 1070 ARG B CA  1 
ATOM   484 C C   . ARG B 2 27 ? 7.052   -3.471  -4.929  1.00 53.96  ? 1070 ARG B C   1 
ATOM   485 O O   . ARG B 2 27 ? 7.754   -3.428  -5.938  1.00 55.68  ? 1070 ARG B O   1 
ATOM   486 C CB  . ARG B 2 27 ? 5.204   -5.161  -4.828  1.00 53.41  ? 1070 ARG B CB  1 
ATOM   487 C CG  . ARG B 2 27 ? 4.872   -6.624  -4.640  1.00 68.05  ? 1070 ARG B CG  1 
ATOM   488 C CD  . ARG B 2 27 ? 3.395   -6.897  -4.817  1.00 76.41  ? 1070 ARG B CD  1 
ATOM   489 N NE  . ARG B 2 27 ? 3.136   -8.330  -4.922  1.00 90.30  ? 1070 ARG B NE  1 
ATOM   490 C CZ  . ARG B 2 27 ? 2.876   -8.957  -6.064  1.00 100.80 ? 1070 ARG B CZ  1 
ATOM   491 N NH1 . ARG B 2 27 ? 2.826   -8.275  -7.202  1.00 104.42 ? 1070 ARG B NH1 1 
ATOM   492 N NH2 . ARG B 2 27 ? 2.658   -10.264 -6.069  1.00 106.44 ? 1070 ARG B NH2 1 
ATOM   493 N N   . ALA B 2 28 ? 6.641   -2.382  -4.283  1.00 45.23  ? 1071 ALA B N   1 
ATOM   494 C CA  . ALA B 2 28 ? 6.962   -1.036  -4.764  1.00 51.66  ? 1071 ALA B CA  1 
ATOM   495 C C   . ALA B 2 28 ? 8.476   -0.794  -4.737  1.00 51.31  ? 1071 ALA B C   1 
ATOM   496 O O   . ALA B 2 28 ? 9.064   -0.286  -5.696  1.00 53.31  ? 1071 ALA B O   1 
ATOM   497 C CB  . ALA B 2 28 ? 6.241   0.006   -3.932  1.00 44.20  ? 1071 ALA B CB  1 
ATOM   498 N N   . ALA B 2 29 ? 9.093   -1.195  -3.637  1.00 44.08  ? 1072 ALA B N   1 
ATOM   499 C CA  . ALA B 2 29 ? 10.533  -1.018  -3.445  1.00 42.14  ? 1072 ALA B CA  1 
ATOM   500 C C   . ALA B 2 29 ? 11.315  -1.813  -4.463  1.00 52.98  ? 1072 ALA B C   1 
ATOM   501 O O   . ALA B 2 29 ? 12.319  -1.349  -5.007  1.00 55.57  ? 1072 ALA B O   1 
ATOM   502 C CB  . ALA B 2 29 ? 10.919  -1.421  -2.042  1.00 43.19  ? 1072 ALA B CB  1 
ATOM   503 N N   . LYS B 2 30 ? 10.844  -3.022  -4.735  1.00 54.10  ? 1073 LYS B N   1 
ATOM   504 C CA  . LYS B 2 30 ? 11.525  -3.856  -5.707  1.00 57.88  ? 1073 LYS B CA  1 
ATOM   505 C C   . LYS B 2 30 ? 11.419  -3.248  -7.105  1.00 65.57  ? 1073 LYS B C   1 
ATOM   506 O O   . LYS B 2 30 ? 12.388  -3.264  -7.862  1.00 64.19  ? 1073 LYS B O   1 
ATOM   507 C CB  . LYS B 2 30 ? 10.969  -5.276  -5.674  1.00 70.71  ? 1073 LYS B CB  1 
ATOM   508 C CG  . LYS B 2 30 ? 11.583  -6.102  -4.552  1.00 80.88  ? 1073 LYS B CG  1 
ATOM   509 C CD  . LYS B 2 30 ? 11.367  -7.593  -4.779  1.00 93.61  ? 1073 LYS B CD  1 
ATOM   510 C CE  . LYS B 2 30 ? 11.174  -8.313  -3.456  1.00 96.94  ? 1073 LYS B CE  1 
ATOM   511 N NZ  . LYS B 2 30 ? 9.797   -8.863  -3.341  1.00 104.51 ? 1073 LYS B NZ  1 
ATOM   512 N N   . ALA B 2 31 ? 10.257  -2.694  -7.446  1.00 60.38  ? 1074 ALA B N   1 
ATOM   513 C CA  . ALA B 2 31 ? 10.111  -2.058  -8.750  1.00 64.35  ? 1074 ALA B CA  1 
ATOM   514 C C   . ALA B 2 31 ? 10.978  -0.799  -8.835  1.00 63.72  ? 1074 ALA B C   1 
ATOM   515 O O   . ALA B 2 31 ? 11.515  -0.484  -9.902  1.00 68.57  ? 1074 ALA B O   1 
ATOM   516 C CB  . ALA B 2 31 ? 8.646   -1.729  -9.036  1.00 57.12  ? 1074 ALA B CB  1 
ATOM   517 N N   . ALA B 2 32 ? 11.116  -0.095  -7.712  1.00 59.07  ? 1075 ALA B N   1 
ATOM   518 C CA  . ALA B 2 32 ? 11.932  1.120   -7.647  1.00 57.60  ? 1075 ALA B CA  1 
ATOM   519 C C   . ALA B 2 32 ? 13.429  0.841   -7.476  1.00 63.70  ? 1075 ALA B C   1 
ATOM   520 O O   . ALA B 2 32 ? 14.237  1.767   -7.494  1.00 60.12  ? 1075 ALA B O   1 
ATOM   521 C CB  . ALA B 2 32 ? 11.452  2.011   -6.520  1.00 49.67  ? 1075 ALA B CB  1 
ATOM   522 N N   . GLY B 2 33 ? 13.794  -0.424  -7.294  1.00 55.47  ? 1076 GLY B N   1 
ATOM   523 C CA  . GLY B 2 33 ? 15.184  -0.778  -7.045  1.00 58.60  ? 1076 GLY B CA  1 
ATOM   524 C C   . GLY B 2 33 ? 15.745  -0.216  -5.749  1.00 59.09  ? 1076 GLY B C   1 
ATOM   525 O O   . GLY B 2 33 ? 16.940  0.072   -5.647  1.00 58.21  ? 1076 GLY B O   1 
ATOM   526 N N   . ALA B 2 34 ? 14.881  -0.056  -4.748  1.00 49.50  ? 1077 ALA B N   1 
ATOM   527 C CA  . ALA B 2 34 ? 15.289  0.498   -3.457  1.00 53.93  ? 1077 ALA B CA  1 
ATOM   528 C C   . ALA B 2 34 ? 15.571  -0.597  -2.431  1.00 52.32  ? 1077 ALA B C   1 
ATOM   529 O O   . ALA B 2 34 ? 14.741  -1.471  -2.219  1.00 51.79  ? 1077 ALA B O   1 
ATOM   530 C CB  . ALA B 2 34 ? 14.205  1.436   -2.920  1.00 49.65  ? 1077 ALA B CB  1 
ATOM   531 N N   . ARG B 2 35 ? 16.724  -0.537  -1.774  1.00 43.99  ? 1078 ARG B N   1 
ATOM   532 C CA  . ARG B 2 35 ? 17.039  -1.489  -0.709  1.00 49.86  ? 1078 ARG B CA  1 
ATOM   533 C C   . ARG B 2 35 ? 17.130  -0.763  0.623   1.00 47.18  ? 1078 ARG B C   1 
ATOM   534 O O   . ARG B 2 35 ? 17.613  0.369   0.684   1.00 49.16  ? 1078 ARG B O   1 
ATOM   535 C CB  . ARG B 2 35 ? 18.342  -2.241  -1.008  1.00 59.32  ? 1078 ARG B CB  1 
ATOM   536 C CG  . ARG B 2 35 ? 18.261  -3.093  -2.274  1.00 75.06  ? 1078 ARG B CG  1 
ATOM   537 C CD  . ARG B 2 35 ? 17.280  -4.251  -2.084  1.00 85.72  ? 1078 ARG B CD  1 
ATOM   538 N NE  . ARG B 2 35 ? 17.198  -5.136  -3.247  1.00 100.37 ? 1078 ARG B NE  1 
ATOM   539 C CZ  . ARG B 2 35 ? 16.292  -5.026  -4.217  1.00 98.51  ? 1078 ARG B CZ  1 
ATOM   540 N NH1 . ARG B 2 35 ? 15.372  -4.071  -4.170  1.00 90.40  ? 1078 ARG B NH1 1 
ATOM   541 N NH2 . ARG B 2 35 ? 16.304  -5.883  -5.232  1.00 102.53 ? 1078 ARG B NH2 1 
ATOM   542 N N   . PRO B 2 36 ? 16.620  -1.391  1.689   1.00 52.06  ? 1079 PRO B N   1 
ATOM   543 C CA  . PRO B 2 36 ? 16.506  -0.620  2.931   1.00 48.77  ? 1079 PRO B CA  1 
ATOM   544 C C   . PRO B 2 36 ? 17.858  -0.381  3.588   1.00 45.91  ? 1079 PRO B C   1 
ATOM   545 O O   . PRO B 2 36 ? 18.798  -1.150  3.386   1.00 47.02  ? 1079 PRO B O   1 
ATOM   546 C CB  . PRO B 2 36 ? 15.606  -1.495  3.824   1.00 49.70  ? 1079 PRO B CB  1 
ATOM   547 C CG  . PRO B 2 36 ? 14.944  -2.455  2.895   1.00 57.07  ? 1079 PRO B CG  1 
ATOM   548 C CD  . PRO B 2 36 ? 15.895  -2.668  1.755   1.00 59.20  ? 1079 PRO B CD  1 
ATOM   549 N N   . LEU B 2 37 ? 17.948  0.712   4.331   1.00 39.04  ? 1080 LEU B N   1 
ATOM   550 C CA  . LEU B 2 37 ? 19.119  1.038   5.137   1.00 44.03  ? 1080 LEU B CA  1 
ATOM   551 C C   . LEU B 2 37 ? 19.229  0.047   6.280   1.00 46.56  ? 1080 LEU B C   1 
ATOM   552 O O   . LEU B 2 37 ? 20.319  -0.312  6.718   1.00 46.75  ? 1080 LEU B O   1 
ATOM   553 C CB  . LEU B 2 37 ? 19.015  2.458   5.694   1.00 52.59  ? 1080 LEU B CB  1 
ATOM   554 C CG  . LEU B 2 37 ? 18.830  3.634   4.733   1.00 52.39  ? 1080 LEU B CG  1 
ATOM   555 C CD1 . LEU B 2 37 ? 18.771  4.936   5.509   1.00 48.51  ? 1080 LEU B CD1 1 
ATOM   556 C CD2 . LEU B 2 37 ? 19.969  3.675   3.749   1.00 56.90  ? 1080 LEU B CD2 1 
ATOM   557 N N   . THR B 2 38 ? 18.073  -0.397  6.762   1.00 44.58  ? 1081 THR B N   1 
ATOM   558 C CA  . THR B 2 38 ? 18.000  -1.311  7.895   1.00 45.06  ? 1081 THR B CA  1 
ATOM   559 C C   . THR B 2 38 ? 17.925  -2.764  7.414   1.00 47.35  ? 1081 THR B C   1 
ATOM   560 O O   . THR B 2 38 ? 18.947  -3.391  7.142   1.00 49.76  ? 1081 THR B O   1 
ATOM   561 C CB  . THR B 2 38 ? 16.771  -0.989  8.768   1.00 47.68  ? 1081 THR B CB  1 
ATOM   562 O OG1 . THR B 2 38 ? 15.625  -0.893  7.918   1.00 46.24  ? 1081 THR B OG1 1 
ATOM   563 C CG2 . THR B 2 38 ? 16.931  0.365   9.437   1.00 41.35  ? 1081 THR B CG2 1 
ATOM   564 N N   . SER B 2 39 ? 16.706  -3.284  7.310   1.00 49.96  ? 1082 SER B N   1 
ATOM   565 C CA  . SER B 2 39 ? 16.451  -4.641  6.822   1.00 58.29  ? 1082 SER B CA  1 
ATOM   566 C C   . SER B 2 39 ? 14.979  -4.735  6.407   1.00 51.49  ? 1082 SER B C   1 
ATOM   567 O O   . SER B 2 39 ? 14.167  -3.949  6.882   1.00 52.88  ? 1082 SER B O   1 
ATOM   568 C CB  . SER B 2 39 ? 16.761  -5.683  7.894   1.00 59.28  ? 1082 SER B CB  1 
ATOM   569 O OG  . SER B 2 39 ? 15.894  -5.514  9.004   1.00 56.13  ? 1082 SER B OG  1 
ATOM   570 N N   . PRO B 2 40 ? 14.629  -5.690  5.521   1.00 56.38  ? 1083 PRO B N   1 
ATOM   571 C CA  . PRO B 2 40 ? 13.203  -5.809  5.184   1.00 57.37  ? 1083 PRO B CA  1 
ATOM   572 C C   . PRO B 2 40 ? 12.358  -6.134  6.407   1.00 61.45  ? 1083 PRO B C   1 
ATOM   573 O O   . PRO B 2 40 ? 11.219  -5.691  6.514   1.00 60.00  ? 1083 PRO B O   1 
ATOM   574 C CB  . PRO B 2 40 ? 13.171  -6.967  4.183   1.00 59.83  ? 1083 PRO B CB  1 
ATOM   575 C CG  . PRO B 2 40 ? 14.529  -6.963  3.584   1.00 63.00  ? 1083 PRO B CG  1 
ATOM   576 C CD  . PRO B 2 40 ? 15.454  -6.595  4.707   1.00 62.34  ? 1083 PRO B CD  1 
ATOM   577 N N   . GLU B 2 41 ? 12.932  -6.906  7.321   1.00 62.57  ? 1084 GLU B N   1 
ATOM   578 C CA  . GLU B 2 41 ? 12.250  -7.301  8.543   1.00 61.28  ? 1084 GLU B CA  1 
ATOM   579 C C   . GLU B 2 41 ? 11.936  -6.113  9.452   1.00 56.56  ? 1084 GLU B C   1 
ATOM   580 O O   . GLU B 2 41 ? 10.853  -6.032  10.023  1.00 57.27  ? 1084 GLU B O   1 
ATOM   581 C CB  . GLU B 2 41 ? 13.100  -8.335  9.288   1.00 66.09  ? 1084 GLU B CB  1 
ATOM   582 C CG  . GLU B 2 41 ? 13.165  -9.693  8.594   1.00 74.90  ? 1084 GLU B CG  1 
ATOM   583 C CD  . GLU B 2 41 ? 14.240  -9.779  7.514   1.00 76.01  ? 1084 GLU B CD  1 
ATOM   584 O OE1 . GLU B 2 41 ? 15.072  -8.850  7.405   1.00 71.48  ? 1084 GLU B OE1 1 
ATOM   585 O OE2 . GLU B 2 41 ? 14.257  -10.788 6.775   1.00 80.41  ? 1084 GLU B OE2 1 
ATOM   586 N N   . SER B 2 42 ? 12.869  -5.178  9.581   1.00 53.60  ? 1085 SER B N   1 
ATOM   587 C CA  . SER B 2 42 ? 12.611  -3.975  10.388  1.00 50.85  ? 1085 SER B CA  1 
ATOM   588 C C   . SER B 2 42 ? 11.573  -3.051  9.745   1.00 45.76  ? 1085 SER B C   1 
ATOM   589 O O   . SER B 2 42 ? 10.720  -2.488  10.433  1.00 45.72  ? 1085 SER B O   1 
ATOM   590 C CB  . SER B 2 42 ? 13.908  -3.198  10.632  1.00 59.65  ? 1085 SER B CB  1 
ATOM   591 O OG  . SER B 2 42 ? 14.824  -3.987  11.374  1.00 67.55  ? 1085 SER B OG  1 
ATOM   592 N N   . LEU B 2 43 ? 11.654  -2.897  8.427   1.00 59.67  ? 1086 LEU B N   1 
ATOM   593 C CA  . LEU B 2 43 ? 10.672  -2.110  7.673   1.00 50.07  ? 1086 LEU B CA  1 
ATOM   594 C C   . LEU B 2 43 ? 9.263   -2.698  7.846   1.00 41.58  ? 1086 LEU B C   1 
ATOM   595 O O   . LEU B 2 43 ? 8.325   -1.995  8.188   1.00 46.30  ? 1086 LEU B O   1 
ATOM   596 C CB  . LEU B 2 43 ? 11.043  -2.072  6.182   1.00 45.84  ? 1086 LEU B CB  1 
ATOM   597 C CG  . LEU B 2 43 ? 9.947   -1.568  5.238   1.00 45.39  ? 1086 LEU B CG  1 
ATOM   598 C CD1 . LEU B 2 43 ? 9.598   -0.105  5.561   1.00 39.24  ? 1086 LEU B CD1 1 
ATOM   599 C CD2 . LEU B 2 43 ? 10.368  -1.761  3.774   1.00 46.50  ? 1086 LEU B CD2 1 
ATOM   600 N N   . SER B 2 44 ? 9.138   -4.003  7.643   1.00 47.97  ? 1087 SER B N   1 
ATOM   601 C CA  . SER B 2 44 ? 7.838   -4.669  7.749   1.00 49.79  ? 1087 SER B CA  1 
ATOM   602 C C   . SER B 2 44 ? 7.224   -4.578  9.153   1.00 56.35  ? 1087 SER B C   1 
ATOM   603 O O   . SER B 2 44 ? 6.008   -4.461  9.298   1.00 56.86  ? 1087 SER B O   1 
ATOM   604 C CB  . SER B 2 44 ? 7.957   -6.132  7.333   1.00 60.28  ? 1087 SER B CB  1 
ATOM   605 O OG  . SER B 2 44 ? 6.708   -6.774  7.517   1.00 80.07  ? 1087 SER B OG  1 
ATOM   606 N N   . ARG B 2 45 ? 8.064   -4.632  10.181  1.00 54.60  ? 1088 ARG B N   1 
ATOM   607 C CA  . ARG B 2 45 ? 7.604   -4.471  11.558  1.00 57.71  ? 1088 ARG B CA  1 
ATOM   608 C C   . ARG B 2 45 ? 6.944   -3.115  11.766  1.00 55.39  ? 1088 ARG B C   1 
ATOM   609 O O   . ARG B 2 45 ? 5.905   -2.995  12.425  1.00 52.53  ? 1088 ARG B O   1 
ATOM   610 C CB  . ARG B 2 45 ? 8.782   -4.633  12.518  1.00 63.39  ? 1088 ARG B CB  1 
ATOM   611 C CG  . ARG B 2 45 ? 8.443   -4.446  13.985  1.00 76.09  ? 1088 ARG B CG  1 
ATOM   612 C CD  . ARG B 2 45 ? 9.697   -4.662  14.832  1.00 82.43  ? 1088 ARG B CD  1 
ATOM   613 N NE  . ARG B 2 45 ? 10.476  -5.802  14.352  1.00 89.46  ? 1088 ARG B NE  1 
ATOM   614 C CZ  . ARG B 2 45 ? 11.797  -5.797  14.189  1.00 92.65  ? 1088 ARG B CZ  1 
ATOM   615 N NH1 . ARG B 2 45 ? 12.503  -4.706  14.464  1.00 93.94  ? 1088 ARG B NH1 1 
ATOM   616 N NH2 . ARG B 2 45 ? 12.417  -6.883  13.745  1.00 91.68  ? 1088 ARG B NH2 1 
ATOM   617 N N   . ASP B 2 46 ? 7.561   -2.084  11.196  1.00 48.43  ? 1089 ASP B N   1 
ATOM   618 C CA  . ASP B 2 46 ? 7.030   -0.729  11.312  1.00 47.15  ? 1089 ASP B CA  1 
ATOM   619 C C   . ASP B 2 46 ? 5.746   -0.542  10.492  1.00 45.16  ? 1089 ASP B C   1 
ATOM   620 O O   . ASP B 2 46 ? 4.852   0.198   10.893  1.00 45.22  ? 1089 ASP B O   1 
ATOM   621 C CB  . ASP B 2 46 ? 8.099   0.294   10.889  1.00 46.98  ? 1089 ASP B CB  1 
ATOM   622 C CG  . ASP B 2 46 ? 9.103   0.601   12.006  1.00 56.71  ? 1089 ASP B CG  1 
ATOM   623 O OD1 . ASP B 2 46 ? 8.926   0.088   13.135  1.00 58.32  ? 1089 ASP B OD1 1 
ATOM   624 O OD2 . ASP B 2 46 ? 10.058  1.375   11.767  1.00 57.06  ? 1089 ASP B OD2 1 
ATOM   625 N N   . LEU B 2 47 ? 5.649   -1.209  9.348   1.00 44.34  ? 1090 LEU B N   1 
ATOM   626 C CA  . LEU B 2 47 ? 4.449   -1.096  8.509   1.00 45.82  ? 1090 LEU B CA  1 
ATOM   627 C C   . LEU B 2 47 ? 3.232   -1.765  9.154   1.00 50.37  ? 1090 LEU B C   1 
ATOM   628 O O   . LEU B 2 47 ? 2.075   -1.456  8.824   1.00 47.20  ? 1090 LEU B O   1 
ATOM   629 C CB  . LEU B 2 47 ? 4.709   -1.702  7.131   1.00 46.00  ? 1090 LEU B CB  1 
ATOM   630 C CG  . LEU B 2 47 ? 5.676   -0.870  6.283   1.00 39.59  ? 1090 LEU B CG  1 
ATOM   631 C CD1 . LEU B 2 47 ? 5.963   -1.601  4.986   1.00 42.76  ? 1090 LEU B CD1 1 
ATOM   632 C CD2 . LEU B 2 47 ? 5.079   0.497   6.017   1.00 44.85  ? 1090 LEU B CD2 1 
ATOM   633 N N   . GLU B 2 48 ? 3.495   -2.671  10.087  1.00 48.01  ? 1091 GLU B N   1 
ATOM   634 C CA  . GLU B 2 48 ? 2.419   -3.372  10.784  1.00 60.30  ? 1091 GLU B CA  1 
ATOM   635 C C   . GLU B 2 48 ? 1.861   -2.599  11.995  1.00 53.69  ? 1091 GLU B C   1 
ATOM   636 O O   . GLU B 2 48 ? 0.917   -3.056  12.634  1.00 57.80  ? 1091 GLU B O   1 
ATOM   637 C CB  . GLU B 2 48 ? 2.909   -4.758  11.213  1.00 58.19  ? 1091 GLU B CB  1 
ATOM   638 C CG  . GLU B 2 48 ? 3.007   -5.749  10.050  1.00 77.66  ? 1091 GLU B CG  1 
ATOM   639 C CD  . GLU B 2 48 ? 4.030   -6.868  10.283  1.00 90.41  ? 1091 GLU B CD  1 
ATOM   640 O OE1 . GLU B 2 48 ? 4.426   -7.094  11.449  1.00 94.26  ? 1091 GLU B OE1 1 
ATOM   641 O OE2 . GLU B 2 48 ? 4.433   -7.533  9.298   1.00 94.18  ? 1091 GLU B OE2 1 
ATOM   642 N N   . ALA B 2 49 ? 2.435   -1.436  12.306  1.00 50.09  ? 1092 ALA B N   1 
ATOM   643 C CA  . ALA B 2 49 ? 1.894   -0.585  13.373  1.00 50.57  ? 1092 ALA B CA  1 
ATOM   644 C C   . ALA B 2 49 ? 0.394   -0.391  13.142  1.00 51.44  ? 1092 ALA B C   1 
ATOM   645 O O   . ALA B 2 49 ? -0.025  -0.125  12.005  1.00 48.84  ? 1092 ALA B O   1 
ATOM   646 C CB  . ALA B 2 49 ? 2.605   0.767   13.412  1.00 46.07  ? 1092 ALA B CB  1 
ATOM   647 N N   . PRO B 2 50 ? -0.415  -0.551  14.200  1.00 48.61  ? 1093 PRO B N   1 
ATOM   648 C CA  . PRO B 2 50 ? -1.882  -0.520  14.040  1.00 48.91  ? 1093 PRO B CA  1 
ATOM   649 C C   . PRO B 2 50 ? -2.410  0.716   13.314  1.00 50.03  ? 1093 PRO B C   1 
ATOM   650 O O   . PRO B 2 50 ? -3.311  0.573   12.485  1.00 52.61  ? 1093 PRO B O   1 
ATOM   651 C CB  . PRO B 2 50 ? -2.398  -0.548  15.489  1.00 52.33  ? 1093 PRO B CB  1 
ATOM   652 C CG  . PRO B 2 50 ? -1.340  -1.252  16.255  1.00 51.88  ? 1093 PRO B CG  1 
ATOM   653 C CD  . PRO B 2 50 ? -0.009  -0.953  15.566  1.00 47.25  ? 1093 PRO B CD  1 
ATOM   654 N N   . GLU B 2 51 ? -1.866  1.892   13.623  1.00 48.24  ? 1094 GLU B N   1 
ATOM   655 C CA  . GLU B 2 51 ? -2.275  3.140   12.978  1.00 42.78  ? 1094 GLU B CA  1 
ATOM   656 C C   . GLU B 2 51 ? -2.043  3.109   11.474  1.00 53.08  ? 1094 GLU B C   1 
ATOM   657 O O   . GLU B 2 51 ? -2.872  3.569   10.693  1.00 48.77  ? 1094 GLU B O   1 
ATOM   658 C CB  . GLU B 2 51 ? -1.521  4.340   13.557  1.00 50.99  ? 1094 GLU B CB  1 
ATOM   659 C CG  . GLU B 2 51 ? -1.754  4.595   15.028  1.00 65.37  ? 1094 GLU B CG  1 
ATOM   660 C CD  . GLU B 2 51 ? -0.750  3.884   15.909  1.00 68.22  ? 1094 GLU B CD  1 
ATOM   661 O OE1 . GLU B 2 51 ? -0.153  2.876   15.458  1.00 61.17  ? 1094 GLU B OE1 1 
ATOM   662 O OE2 . GLU B 2 51 ? -0.549  4.346   17.054  1.00 73.79  ? 1094 GLU B OE2 1 
ATOM   663 N N   . VAL B 2 52 ? -0.894  2.582   11.070  1.00 46.69  ? 1095 VAL B N   1 
ATOM   664 C CA  . VAL B 2 52 ? -0.543  2.539   9.662   1.00 47.81  ? 1095 VAL B CA  1 
ATOM   665 C C   . VAL B 2 52 ? -1.447  1.562   8.909   1.00 46.72  ? 1095 VAL B C   1 
ATOM   666 O O   . VAL B 2 52 ? -1.991  1.899   7.859   1.00 41.68  ? 1095 VAL B O   1 
ATOM   667 C CB  . VAL B 2 52 ? 0.935   2.157   9.477   1.00 46.05  ? 1095 VAL B CB  1 
ATOM   668 C CG1 . VAL B 2 52 ? 1.324   2.242   8.018   1.00 55.87  ? 1095 VAL B CG1 1 
ATOM   669 C CG2 . VAL B 2 52 ? 1.808   3.089   10.300  1.00 45.54  ? 1095 VAL B CG2 1 
ATOM   670 N N   . GLN B 2 53 ? -1.618  0.356   9.449   1.00 41.64  ? 1096 GLN B N   1 
ATOM   671 C CA  . GLN B 2 53 ? -2.479  -0.650  8.818   1.00 43.00  ? 1096 GLN B CA  1 
ATOM   672 C C   . GLN B 2 53 ? -3.950  -0.199  8.751   1.00 43.27  ? 1096 GLN B C   1 
ATOM   673 O O   . GLN B 2 53 ? -4.652  -0.442  7.766   1.00 39.76  ? 1096 GLN B O   1 
ATOM   674 C CB  . GLN B 2 53 ? -2.376  -1.985  9.569   1.00 54.06  ? 1096 GLN B CB  1 
ATOM   675 C CG  . GLN B 2 53 ? -3.304  -3.078  9.033   1.00 67.11  ? 1096 GLN B CG  1 
ATOM   676 C CD  . GLN B 2 53 ? -3.131  -3.335  7.535   1.00 70.55  ? 1096 GLN B CD  1 
ATOM   677 O OE1 . GLN B 2 53 ? -2.019  -3.546  7.048   1.00 61.40  ? 1096 GLN B OE1 1 
ATOM   678 N NE2 . GLN B 2 53 ? -4.240  -3.305  6.799   1.00 70.40  ? 1096 GLN B NE2 1 
ATOM   679 N N   . GLU B 2 54 ? -4.407  0.484   9.792   1.00 43.76  ? 1097 GLU B N   1 
ATOM   680 C CA  . GLU B 2 54 ? -5.791  0.936   9.842   1.00 44.35  ? 1097 GLU B CA  1 
ATOM   681 C C   . GLU B 2 54 ? -6.036  2.070   8.844   1.00 48.65  ? 1097 GLU B C   1 
ATOM   682 O O   . GLU B 2 54 ? -7.066  2.107   8.168   1.00 48.53  ? 1097 GLU B O   1 
ATOM   683 C CB  . GLU B 2 54 ? -6.156  1.382   11.263  1.00 49.37  ? 1097 GLU B CB  1 
ATOM   684 C CG  . GLU B 2 54 ? -7.554  1.979   11.407  1.00 49.51  ? 1097 GLU B CG  1 
ATOM   685 C CD  . GLU B 2 54 ? -8.661  0.957   11.210  1.00 50.87  ? 1097 GLU B CD  1 
ATOM   686 O OE1 . GLU B 2 54 ? -8.372  -0.253  11.046  1.00 54.39  ? 1097 GLU B OE1 1 
ATOM   687 O OE2 . GLU B 2 54 ? -9.834  1.370   11.222  1.00 57.89  ? 1097 GLU B OE2 1 
ATOM   688 N N   . SER B 2 55 ? -5.091  2.995   8.745   1.00 44.56  ? 1098 SER B N   1 
ATOM   689 C CA  . SER B 2 55 ? -5.216  4.060   7.762   1.00 46.58  ? 1098 SER B CA  1 
ATOM   690 C C   . SER B 2 55 ? -5.272  3.469   6.343   1.00 44.58  ? 1098 SER B C   1 
ATOM   691 O O   . SER B 2 55 ? -6.070  3.903   5.507   1.00 42.10  ? 1098 SER B O   1 
ATOM   692 C CB  . SER B 2 55 ? -4.072  5.056   7.906   1.00 43.98  ? 1098 SER B CB  1 
ATOM   693 O OG  . SER B 2 55 ? -4.182  6.072   6.938   1.00 57.94  ? 1098 SER B OG  1 
ATOM   694 N N   . TYR B 2 56 ? -4.447  2.458   6.080   1.00 39.26  ? 1099 TYR B N   1 
ATOM   695 C CA  . TYR B 2 56 ? -4.447  1.803   4.772   1.00 43.59  ? 1099 TYR B CA  1 
ATOM   696 C C   . TYR B 2 56 ? -5.800  1.138   4.490   1.00 44.44  ? 1099 TYR B C   1 
ATOM   697 O O   . TYR B 2 56 ? -6.366  1.316   3.402   1.00 46.32  ? 1099 TYR B O   1 
ATOM   698 C CB  . TYR B 2 56 ? -3.322  0.765   4.690   1.00 42.71  ? 1099 TYR B CB  1 
ATOM   699 C CG  . TYR B 2 56 ? -3.199  0.088   3.336   1.00 39.39  ? 1099 TYR B CG  1 
ATOM   700 C CD1 . TYR B 2 56 ? -2.778  0.802   2.215   1.00 49.15  ? 1099 TYR B CD1 1 
ATOM   701 C CD2 . TYR B 2 56 ? -3.499  -1.259  3.183   1.00 42.26  ? 1099 TYR B CD2 1 
ATOM   702 C CE1 . TYR B 2 56 ? -2.661  0.188   0.968   1.00 54.31  ? 1099 TYR B CE1 1 
ATOM   703 C CE2 . TYR B 2 56 ? -3.374  -1.894  1.935   1.00 51.39  ? 1099 TYR B CE2 1 
ATOM   704 C CZ  . TYR B 2 56 ? -2.961  -1.161  0.833   1.00 54.04  ? 1099 TYR B CZ  1 
ATOM   705 O OH  . TYR B 2 56 ? -2.831  -1.777  -0.401  1.00 58.04  ? 1099 TYR B OH  1 
ATOM   706 N N   . ARG B 2 57 ? -6.315  0.392   5.471   1.00 38.23  ? 1100 ARG B N   1 
ATOM   707 C CA  . ARG B 2 57 ? -7.612  -0.277  5.352   1.00 41.98  ? 1100 ARG B CA  1 
ATOM   708 C C   . ARG B 2 57 ? -8.737  0.726   5.023   1.00 42.39  ? 1100 ARG B C   1 
ATOM   709 O O   . ARG B 2 57 ? -9.600  0.480   4.164   1.00 45.72  ? 1100 ARG B O   1 
ATOM   710 C CB  . ARG B 2 57 ? -7.965  -1.019  6.657   1.00 44.63  ? 1100 ARG B CB  1 
ATOM   711 C CG  . ARG B 2 57 ? -9.280  -1.781  6.601   1.00 46.93  ? 1100 ARG B CG  1 
ATOM   712 C CD  . ARG B 2 57 ? -9.760  -2.211  7.990   1.00 44.12  ? 1100 ARG B CD  1 
ATOM   713 N NE  . ARG B 2 57 ? -10.127 -1.048  8.793   1.00 50.00  ? 1100 ARG B NE  1 
ATOM   714 C CZ  . ARG B 2 57 ? -11.350 -0.534  8.846   1.00 51.31  ? 1100 ARG B CZ  1 
ATOM   715 N NH1 . ARG B 2 57 ? -12.348 -1.109  8.172   1.00 51.44  ? 1100 ARG B NH1 1 
ATOM   716 N NH2 . ARG B 2 57 ? -11.590 0.532   9.597   1.00 56.84  ? 1100 ARG B NH2 1 
ATOM   717 N N   . GLN B 2 58 ? -8.734  1.842   5.727   1.00 42.14  ? 1101 GLN B N   1 
ATOM   718 C CA  . GLN B 2 58 ? -9.740  2.885   5.496   1.00 46.99  ? 1101 GLN B CA  1 
ATOM   719 C C   . GLN B 2 58 ? -9.624  3.527   4.105   1.00 52.24  ? 1101 GLN B C   1 
ATOM   720 O O   . GLN B 2 58 ? -10.634 3.824   3.467   1.00 44.68  ? 1101 GLN B O   1 
ATOM   721 C CB  . GLN B 2 58 ? -9.630  3.955   6.579   1.00 45.94  ? 1101 GLN B CB  1 
ATOM   722 C CG  . GLN B 2 58 ? -10.059 3.478   7.961   1.00 50.71  ? 1101 GLN B CG  1 
ATOM   723 C CD  . GLN B 2 58 ? -9.799  4.508   9.046   1.00 64.33  ? 1101 GLN B CD  1 
ATOM   724 O OE1 . GLN B 2 58 ? -8.786  5.203   9.024   1.00 73.19  ? 1101 GLN B OE1 1 
ATOM   725 N NE2 . GLN B 2 58 ? -10.718 4.614   9.997   1.00 69.15  ? 1101 GLN B NE2 1 
ATOM   726 N N   . GLN B 2 59 ? -8.397  3.757   3.642   1.00 40.74  ? 1102 GLN B N   1 
ATOM   727 C CA  . GLN B 2 59 ? -8.182  4.320   2.305   1.00 46.98  ? 1102 GLN B CA  1 
ATOM   728 C C   . GLN B 2 59 ? -8.735  3.372   1.258   1.00 46.88  ? 1102 GLN B C   1 
ATOM   729 O O   . GLN B 2 59 ? -9.456  3.782   0.341   1.00 51.95  ? 1102 GLN B O   1 
ATOM   730 C CB  . GLN B 2 59 ? -6.693  4.574   2.037   1.00 47.26  ? 1102 GLN B CB  1 
ATOM   731 C CG  . GLN B 2 59 ? -6.409  5.305   0.710   1.00 45.92  ? 1102 GLN B CG  1 
ATOM   732 C CD  . GLN B 2 59 ? -6.986  6.711   0.669   1.00 50.68  ? 1102 GLN B CD  1 
ATOM   733 O OE1 . GLN B 2 59 ? -6.725  7.543   1.544   1.00 55.82  ? 1102 GLN B OE1 1 
ATOM   734 N NE2 . GLN B 2 59 ? -7.785  6.984   -0.363  1.00 59.65  ? 1102 GLN B NE2 1 
ATOM   735 N N   . LEU B 2 60 ? -8.402  2.097   1.421   1.00 42.55  ? 1103 LEU B N   1 
ATOM   736 C CA  . LEU B 2 60 ? -8.861  1.046   0.523   1.00 47.57  ? 1103 LEU B CA  1 
ATOM   737 C C   . LEU B 2 60 ? -10.385 0.962   0.491   1.00 52.33  ? 1103 LEU B C   1 
ATOM   738 O O   . LEU B 2 60 ? -10.994 0.897   -0.584  1.00 53.40  ? 1103 LEU B O   1 
ATOM   739 C CB  . LEU B 2 60 ? -8.271  -0.300  0.947   1.00 55.66  ? 1103 LEU B CB  1 
ATOM   740 C CG  . LEU B 2 60 ? -8.260  -1.438  -0.069  1.00 68.38  ? 1103 LEU B CG  1 
ATOM   741 C CD1 . LEU B 2 60 ? -8.029  -0.910  -1.477  1.00 72.29  ? 1103 LEU B CD1 1 
ATOM   742 C CD2 . LEU B 2 60 ? -7.175  -2.436  0.305   1.00 74.29  ? 1103 LEU B CD2 1 
ATOM   743 N N   . ARG B 2 61 ? -11.007 0.969   1.664   1.00 42.32  ? 1104 ARG B N   1 
ATOM   744 C CA  . ARG B 2 61 ? -12.471 0.855   1.720   1.00 45.13  ? 1104 ARG B CA  1 
ATOM   745 C C   . ARG B 2 61 ? -13.135 2.048   1.030   1.00 52.72  ? 1104 ARG B C   1 
ATOM   746 O O   . ARG B 2 61 ? -14.097 1.879   0.288   1.00 58.89  ? 1104 ARG B O   1 
ATOM   747 C CB  . ARG B 2 61 ? -12.954 0.745   3.166   1.00 51.83  ? 1104 ARG B CB  1 
ATOM   748 C CG  . ARG B 2 61 ? -14.453 0.591   3.294   1.00 58.20  ? 1104 ARG B CG  1 
ATOM   749 C CD  . ARG B 2 61 ? -14.885 0.510   4.754   1.00 73.75  ? 1104 ARG B CD  1 
ATOM   750 N NE  . ARG B 2 61 ? -14.529 1.724   5.489   1.00 81.67  ? 1104 ARG B NE  1 
ATOM   751 C CZ  . ARG B 2 61 ? -14.525 1.831   6.815   1.00 87.27  ? 1104 ARG B CZ  1 
ATOM   752 N NH1 . ARG B 2 61 ? -14.877 0.798   7.572   1.00 86.94  ? 1104 ARG B NH1 1 
ATOM   753 N NH2 . ARG B 2 61 ? -14.180 2.980   7.386   1.00 88.58  ? 1104 ARG B NH2 1 
ATOM   754 N N   . SER B 2 62 ? -12.607 3.247   1.269   1.00 49.16  ? 1105 SER B N   1 
ATOM   755 C CA  . SER B 2 62 ? -13.149 4.467   0.663   1.00 55.76  ? 1105 SER B CA  1 
ATOM   756 C C   . SER B 2 62 ? -13.047 4.454   -0.860  1.00 56.20  ? 1105 SER B C   1 
ATOM   757 O O   . SER B 2 62 ? -14.018 4.766   -1.573  1.00 54.72  ? 1105 SER B O   1 
ATOM   758 C CB  . SER B 2 62 ? -12.429 5.706   1.206   1.00 54.40  ? 1105 SER B CB  1 
ATOM   759 O OG  . SER B 2 62 ? -12.966 6.894   0.626   1.00 64.29  ? 1105 SER B OG  1 
ATOM   760 N N   . ASP B 2 63 ? -11.870 4.098   -1.357  1.00 50.16  ? 1106 ASP B N   1 
ATOM   761 C CA  . ASP B 2 63 ? -11.619 4.103   -2.791  1.00 54.25  ? 1106 ASP B CA  1 
ATOM   762 C C   . ASP B 2 63 ? -12.419 3.035   -3.538  1.00 59.73  ? 1106 ASP B C   1 
ATOM   763 O O   . ASP B 2 63 ? -12.892 3.268   -4.655  1.00 54.54  ? 1106 ASP B O   1 
ATOM   764 C CB  . ASP B 2 63 ? -10.127 3.935   -3.065  1.00 51.29  ? 1106 ASP B CB  1 
ATOM   765 C CG  . ASP B 2 63 ? -9.343  5.206   -2.785  1.00 63.10  ? 1106 ASP B CG  1 
ATOM   766 O OD1 . ASP B 2 63 ? -9.946  6.299   -2.860  1.00 52.69  ? 1106 ASP B OD1 1 
ATOM   767 O OD2 . ASP B 2 63 ? -8.125  5.121   -2.494  1.00 49.16  ? 1106 ASP B OD2 1 
ATOM   768 N N   . ILE B 2 64 ? -12.580 1.867   -2.931  1.00 52.91  ? 1107 ILE B N   1 
ATOM   769 C CA  . ILE B 2 64 ? -13.339 0.812   -3.593  1.00 60.88  ? 1107 ILE B CA  1 
ATOM   770 C C   . ILE B 2 64 ? -14.805 1.221   -3.722  1.00 65.47  ? 1107 ILE B C   1 
ATOM   771 O O   . ILE B 2 64 ? -15.412 1.075   -4.790  1.00 72.10  ? 1107 ILE B O   1 
ATOM   772 C CB  . ILE B 2 64 ? -13.221 -0.528  -2.843  1.00 59.89  ? 1107 ILE B CB  1 
ATOM   773 C CG1 . ILE B 2 64 ? -11.791 -1.059  -2.963  1.00 61.67  ? 1107 ILE B CG1 1 
ATOM   774 C CG2 . ILE B 2 64 ? -14.206 -1.555  -3.417  1.00 55.49  ? 1107 ILE B CG2 1 
ATOM   775 C CD1 . ILE B 2 64 ? -11.534 -2.361  -2.237  1.00 58.93  ? 1107 ILE B CD1 1 
ATOM   776 N N   . GLN B 2 65 ? -15.363 1.760   -2.641  1.00 65.62  ? 1108 GLN B N   1 
ATOM   777 C CA  . GLN B 2 65 ? -16.753 2.215   -2.635  1.00 72.84  ? 1108 GLN B CA  1 
ATOM   778 C C   . GLN B 2 65 ? -17.007 3.276   -3.702  1.00 72.87  ? 1108 GLN B C   1 
ATOM   779 O O   . GLN B 2 65 ? -18.059 3.284   -4.349  1.00 73.18  ? 1108 GLN B O   1 
ATOM   780 C CB  . GLN B 2 65 ? -17.117 2.765   -1.254  1.00 77.63  ? 1108 GLN B CB  1 
ATOM   781 C CG  . GLN B 2 65 ? -17.341 1.692   -0.200  1.00 82.77  ? 1108 GLN B CG  1 
ATOM   782 C CD  . GLN B 2 65 ? -17.586 2.273   1.180   1.00 91.19  ? 1108 GLN B CD  1 
ATOM   783 O OE1 . GLN B 2 65 ? -17.133 3.378   1.487   1.00 91.53  ? 1108 GLN B OE1 1 
ATOM   784 N NE2 . GLN B 2 65 ? -18.309 1.534   2.018   1.00 94.31  ? 1108 GLN B NE2 1 
ATOM   785 N N   . LYS B 2 66 ? -16.035 4.166   -3.879  1.00 68.49  ? 1109 LYS B N   1 
ATOM   786 C CA  . LYS B 2 66 ? -16.160 5.279   -4.812  1.00 79.09  ? 1109 LYS B CA  1 
ATOM   787 C C   . LYS B 2 66 ? -16.136 4.824   -6.268  1.00 84.69  ? 1109 LYS B C   1 
ATOM   788 O O   . LYS B 2 66 ? -16.870 5.358   -7.103  1.00 87.53  ? 1109 LYS B O   1 
ATOM   789 C CB  . LYS B 2 66 ? -15.053 6.299   -4.562  1.00 78.35  ? 1109 LYS B CB  1 
ATOM   790 C CG  . LYS B 2 66 ? -15.341 7.234   -3.396  1.00 84.03  ? 1109 LYS B CG  1 
ATOM   791 C CD  . LYS B 2 66 ? -14.110 8.034   -2.980  1.00 87.41  ? 1109 LYS B CD  1 
ATOM   792 C CE  . LYS B 2 66 ? -13.320 8.539   -4.181  1.00 92.78  ? 1109 LYS B CE  1 
ATOM   793 N NZ  . LYS B 2 66 ? -14.174 9.320   -5.131  1.00 98.33  ? 1109 LYS B NZ  1 
ATOM   794 N N   . ARG B 2 67 ? -15.297 3.840   -6.578  1.00 80.57  ? 1110 ARG B N   1 
ATOM   795 C CA  . ARG B 2 67 ? -15.267 3.303   -7.932  1.00 87.63  ? 1110 ARG B CA  1 
ATOM   796 C C   . ARG B 2 67 ? -16.517 2.469   -8.180  1.00 92.27  ? 1110 ARG B C   1 
ATOM   797 O O   . ARG B 2 67 ? -17.026 2.403   -9.299  1.00 95.29  ? 1110 ARG B O   1 
ATOM   798 C CB  . ARG B 2 67 ? -14.000 2.479   -8.172  1.00 87.06  ? 1110 ARG B CB  1 
ATOM   799 C CG  . ARG B 2 67 ? -13.048 3.131   -9.169  1.00 92.49  ? 1110 ARG B CG  1 
ATOM   800 C CD  . ARG B 2 67 ? -11.592 2.877   -8.811  1.00 96.86  ? 1110 ARG B CD  1 
ATOM   801 N NE  . ARG B 2 67 ? -10.676 3.668   -9.632  1.00 99.80  ? 1110 ARG B NE  1 
ATOM   802 C CZ  . ARG B 2 67 ? -10.319 4.920   -9.362  1.00 100.22 ? 1110 ARG B CZ  1 
ATOM   803 N NH1 . ARG B 2 67 ? -10.794 5.534   -8.286  1.00 100.80 ? 1110 ARG B NH1 1 
ATOM   804 N NH2 . ARG B 2 67 ? -9.484  5.559   -10.167 1.00 105.08 ? 1110 ARG B NH2 1 
ATOM   805 N N   . LEU B 2 68 ? -17.028 1.862   -7.115  1.00 85.90  ? 1111 LEU B N   1 
ATOM   806 C CA  . LEU B 2 68 ? -18.269 1.106   -7.189  1.00 92.19  ? 1111 LEU B CA  1 
ATOM   807 C C   . LEU B 2 68 ? -19.444 2.037   -7.499  1.00 100.52 ? 1111 LEU B C   1 
ATOM   808 O O   . LEU B 2 68 ? -20.479 1.595   -7.999  1.00 107.82 ? 1111 LEU B O   1 
ATOM   809 C CB  . LEU B 2 68 ? -18.511 0.351   -5.877  1.00 83.16  ? 1111 LEU B CB  1 
ATOM   810 C CG  . LEU B 2 68 ? -19.281 -0.970  -5.955  1.00 85.34  ? 1111 LEU B CG  1 
ATOM   811 N N   . GLN B 2 69 ? -19.264 3.331   -7.231  1.00 102.63 ? 1112 GLN B N   1 
ATOM   812 C CA  . GLN B 2 69 ? -20.338 4.319   -7.374  1.00 109.28 ? 1112 GLN B CA  1 
ATOM   813 C C   . GLN B 2 69 ? -20.661 4.692   -8.816  1.00 117.14 ? 1112 GLN B C   1 
ATOM   814 O O   . GLN B 2 69 ? -21.295 5.712   -9.062  1.00 123.23 ? 1112 GLN B O   1 
ATOM   815 C CB  . GLN B 2 69 ? -20.003 5.600   -6.602  1.00 109.82 ? 1112 GLN B CB  1 
ATOM   816 C CG  . GLN B 2 69 ? -20.757 5.757   -5.290  1.00 113.65 ? 1112 GLN B CG  1 
ATOM   817 C CD  . GLN B 2 69 ? -20.216 6.896   -4.453  1.00 115.06 ? 1112 GLN B CD  1 
ATOM   818 O OE1 . GLN B 2 69 ? -19.967 7.986   -4.964  1.00 119.35 ? 1112 GLN B OE1 1 
ATOM   819 N NE2 . GLN B 2 69 ? -20.028 6.650   -3.161  1.00 113.11 ? 1112 GLN B NE2 1 
ATOM   820 N N   . GLU B 2 70 ? -20.230 3.872   -9.768  1.00 114.78 ? 1113 GLU B N   1 
ATOM   821 C CA  . GLU B 2 70 ? -20.623 4.062   -11.162 1.00 117.51 ? 1113 GLU B CA  1 
ATOM   822 C C   . GLU B 2 70 ? -21.673 3.027   -11.546 1.00 122.08 ? 1113 GLU B C   1 
ATOM   823 O O   . GLU B 2 70 ? -22.711 3.372   -12.099 1.00 129.29 ? 1113 GLU B O   1 
ATOM   824 C CB  . GLU B 2 70 ? -19.420 3.969   -12.113 1.00 117.85 ? 1113 GLU B CB  1 
ATOM   825 C CG  . GLU B 2 70 ? -19.334 2.659   -12.876 1.00 122.16 ? 1113 GLU B CG  1 
ATOM   826 C CD  . GLU B 2 70 ? -18.406 2.734   -14.078 1.00 125.11 ? 1113 GLU B CD  1 
ATOM   827 O OE1 . GLU B 2 70 ? -18.267 3.827   -14.676 1.00 127.90 ? 1113 GLU B OE1 1 
ATOM   828 O OE2 . GLU B 2 70 ? -17.833 1.688   -14.442 1.00 123.47 ? 1113 GLU B OE2 1 
HETATM 829 C C1  . CPS C 3 .  ? -11.524 -3.040  2.858   1.00 44.71  ? 1201 CPS B C1  1 
HETATM 830 C C2  . CPS C 3 .  ? -12.084 -4.340  2.288   1.00 49.45  ? 1201 CPS B C2  1 
HETATM 831 C C3  . CPS C 3 .  ? -13.914 -2.982  1.171   1.00 52.71  ? 1201 CPS B C3  1 
HETATM 832 C C4  . CPS C 3 .  ? -15.415 -2.811  0.870   1.00 53.38  ? 1201 CPS B C4  1 
HETATM 833 C C5  . CPS C 3 .  ? -16.043 -4.110  0.377   1.00 58.79  ? 1201 CPS B C5  1 
HETATM 834 C C6  . CPS C 3 .  ? -15.691 -5.225  1.343   1.00 60.51  ? 1201 CPS B C6  1 
HETATM 835 C C7  . CPS C 3 .  ? -16.534 -6.406  0.884   1.00 72.81  ? 1201 CPS B C7  1 
HETATM 836 C C8  . CPS C 3 .  ? -17.831 -5.744  0.414   1.00 72.40  ? 1201 CPS B C8  1 
HETATM 837 C C9  . CPS C 3 .  ? -17.578 -4.231  0.411   1.00 71.33  ? 1201 CPS B C9  1 
HETATM 838 C C10 . CPS C 3 .  ? -15.490 -4.462  -1.005  1.00 61.45  ? 1201 CPS B C10 1 
HETATM 839 C C11 . CPS C 3 .  ? -11.377 -4.633  0.972   1.00 50.97  ? 1201 CPS B C11 1 
HETATM 840 C C12 . CPS C 3 .  ? -12.019 -2.755  4.272   1.00 44.83  ? 1201 CPS B C12 1 
HETATM 841 C C13 . CPS C 3 .  ? -11.717 -3.922  5.211   1.00 48.38  ? 1201 CPS B C13 1 
HETATM 842 C C14 . CPS C 3 .  ? -12.337 -5.200  4.661   1.00 51.81  ? 1201 CPS B C14 1 
HETATM 843 C C15 . CPS C 3 .  ? -11.835 -5.502  3.249   1.00 56.01  ? 1201 CPS B C15 1 
HETATM 844 C C16 . CPS C 3 .  ? -12.429 -6.809  2.712   1.00 60.98  ? 1201 CPS B C16 1 
HETATM 845 C C17 . CPS C 3 .  ? -13.913 -6.691  2.338   1.00 58.37  ? 1201 CPS B C17 1 
HETATM 846 C C18 . CPS C 3 .  ? -14.193 -5.464  1.472   1.00 56.36  ? 1201 CPS B C18 1 
HETATM 847 C C19 . CPS C 3 .  ? -13.592 -4.191  2.055   1.00 50.16  ? 1201 CPS B C19 1 
HETATM 848 C C20 . CPS C 3 .  ? -18.502 -3.574  -0.629  1.00 81.84  ? 1201 CPS B C20 1 
HETATM 849 C C21 . CPS C 3 .  ? -18.136 -2.162  -1.078  1.00 76.76  ? 1201 CPS B C21 1 
HETATM 850 C C22 . CPS C 3 .  ? -19.919 -3.568  -0.044  1.00 93.76  ? 1201 CPS B C22 1 
HETATM 851 C C23 . CPS C 3 .  ? -21.004 -3.239  -1.073  1.00 103.89 ? 1201 CPS B C23 1 
HETATM 852 C C24 . CPS C 3 .  ? -22.216 -2.604  -0.414  1.00 110.63 ? 1201 CPS B C24 1 
HETATM 853 C C25 . CPS C 3 .  ? -22.816 -1.354  -2.418  1.00 120.04 ? 1201 CPS B C25 1 
HETATM 854 C C26 . CPS C 3 .  ? -24.146 -0.714  -2.804  1.00 122.29 ? 1201 CPS B C26 1 
HETATM 855 C C27 . CPS C 3 .  ? -24.421 -0.821  -4.301  1.00 125.79 ? 1201 CPS B C27 1 
HETATM 856 C C28 . CPS C 3 .  ? -26.757 -1.061  -3.785  1.00 131.30 ? 1201 CPS B C28 1 
HETATM 857 C C29 . CPS C 3 .  ? -25.846 1.111   -4.247  1.00 132.26 ? 1201 CPS B C29 1 
HETATM 858 C C30 . CPS C 3 .  ? -26.080 -0.492  -6.016  1.00 130.53 ? 1201 CPS B C30 1 
HETATM 859 C C31 . CPS C 3 .  ? -27.481 0.038   -6.299  1.00 130.78 ? 1201 CPS B C31 1 
HETATM 860 C C32 . CPS C 3 .  ? -28.143 -0.743  -7.425  1.00 131.91 ? 1201 CPS B C32 1 
HETATM 861 N N1  . CPS C 3 .  ? -22.691 -1.494  -0.978  1.00 116.60 ? 1201 CPS B N1  1 
HETATM 862 N N2  . CPS C 3 .  ? -25.774 -0.317  -4.588  1.00 130.60 ? 1201 CPS B N2  1 
HETATM 863 O O1  . CPS C 3 .  ? -22.717 -3.092  0.588   1.00 111.14 ? 1201 CPS B O1  1 
HETATM 864 O O2  . CPS C 3 .  ? -12.270 -3.621  6.496   1.00 49.53  ? 1201 CPS B O2  1 
HETATM 865 O O3  . CPS C 3 .  ? -14.724 -6.639  3.517   1.00 64.22  ? 1201 CPS B O3  1 
HETATM 866 O O4  . CPS C 3 .  ? -16.108 -2.344  2.031   1.00 51.52  ? 1201 CPS B O4  1 
HETATM 867 O O2S . CPS C 3 .  ? -29.970 -0.595  -5.624  1.00 193.47 ? 1201 CPS B O2S 1 
HETATM 868 O O3S . CPS C 3 .  ? -30.636 -0.379  -7.937  1.00 193.58 ? 1201 CPS B O3S 1 
HETATM 869 O O1S . CPS C 3 .  ? -29.954 -2.529  -7.074  1.00 193.65 ? 1201 CPS B O1S 1 
HETATM 870 S S   . CPS C 3 .  ? -29.718 -1.070  -7.003  1.00 193.98 ? 1201 CPS B S   1 
HETATM 871 S S   . SO4 D 4 .  ? 11.997  -4.152  0.821   1.00 107.36 ? 1202 SO4 B S   1 
HETATM 872 O O1  . SO4 D 4 .  ? 12.532  -4.521  2.130   1.00 108.17 ? 1202 SO4 B O1  1 
HETATM 873 O O2  . SO4 D 4 .  ? 10.723  -3.467  1.002   1.00 105.36 ? 1202 SO4 B O2  1 
HETATM 874 O O3  . SO4 D 4 .  ? 12.935  -3.261  0.144   1.00 102.49 ? 1202 SO4 B O3  1 
HETATM 875 O O4  . SO4 D 4 .  ? 11.796  -5.354  0.014   1.00 107.22 ? 1202 SO4 B O4  1 
HETATM 876 S S   . SO4 E 4 .  ? -7.681  -5.697  4.939   1.00 130.81 ? 1203 SO4 B S   1 
HETATM 877 O O1  . SO4 E 4 .  ? -6.470  -6.515  4.952   1.00 131.91 ? 1203 SO4 B O1  1 
HETATM 878 O O2  . SO4 E 4 .  ? -8.206  -5.601  6.298   1.00 132.66 ? 1203 SO4 B O2  1 
HETATM 879 O O3  . SO4 E 4 .  ? -7.363  -4.363  4.439   1.00 128.63 ? 1203 SO4 B O3  1 
HETATM 880 O O4  . SO4 E 4 .  ? -8.681  -6.314  4.074   1.00 130.02 ? 1203 SO4 B O4  1 
HETATM 881 O O   . HOH F 5 .  ? 3.094   7.953   -8.460  1.00 83.69  ? 201  HOH A O   1 
HETATM 882 O O   . HOH F 5 .  ? 12.384  11.463  0.701   1.00 39.46  ? 202  HOH A O   1 
HETATM 883 O O   . HOH F 5 .  ? 9.794   9.400   3.518   1.00 50.60  ? 203  HOH A O   1 
HETATM 884 O O   . HOH F 5 .  ? 9.994   9.389   10.240  1.00 58.09  ? 204  HOH A O   1 
HETATM 885 O O   . HOH F 5 .  ? 4.592   12.356  6.494   1.00 45.22  ? 205  HOH A O   1 
HETATM 886 O O   . HOH F 5 .  ? 19.317  10.177  2.221   1.00 41.05  ? 206  HOH A O   1 
HETATM 887 O O   . HOH F 5 .  ? -5.043  9.032   -2.290  1.00 49.63  ? 207  HOH A O   1 
HETATM 888 O O   . HOH F 5 .  ? 8.249   9.237   1.315   1.00 52.41  ? 208  HOH A O   1 
HETATM 889 O O   . HOH F 5 .  ? -2.893  16.591  5.203   1.00 37.39  ? 209  HOH A O   1 
HETATM 890 O O   . HOH F 5 .  ? 13.775  10.438  -5.634  1.00 53.84  ? 210  HOH A O   1 
HETATM 891 O O   . HOH F 5 .  ? 1.518   11.930  9.585   1.00 56.59  ? 211  HOH A O   1 
HETATM 892 O O   . HOH G 5 .  ? -8.189  -5.676  8.672   1.00 52.26  ? 1301 HOH B O   1 
HETATM 893 O O   . HOH G 5 .  ? 22.491  1.052   6.301   1.00 48.75  ? 1302 HOH B O   1 
HETATM 894 O O   . HOH G 5 .  ? -4.860  5.356   11.383  1.00 66.03  ? 1303 HOH B O   1 
HETATM 895 O O   . HOH G 5 .  ? -6.820  7.474   -3.682  1.00 61.42  ? 1304 HOH B O   1 
HETATM 896 O O   . HOH G 5 .  ? 17.736  3.240   0.912   1.00 38.98  ? 1305 HOH B O   1 
HETATM 897 O O   . HOH G 5 .  ? -5.668  8.138   3.961   1.00 46.25  ? 1306 HOH B O   1 
HETATM 898 O O   . HOH G 5 .  ? 2.810   -1.839  -4.552  1.00 45.47  ? 1307 HOH B O   1 
HETATM 899 O O   . HOH G 5 .  ? 0.902   -4.126  -5.178  1.00 74.18  ? 1308 HOH B O   1 
HETATM 900 O O   . HOH G 5 .  ? -7.123  6.434   5.602   1.00 54.32  ? 1309 HOH B O   1 
HETATM 901 O O   . HOH G 5 .  ? -1.750  -1.532  -2.991  1.00 56.82  ? 1310 HOH B O   1 
# 
loop_
_atom_site_anisotrop.id 
_atom_site_anisotrop.type_symbol 
_atom_site_anisotrop.pdbx_label_atom_id 
_atom_site_anisotrop.pdbx_label_alt_id 
_atom_site_anisotrop.pdbx_label_comp_id 
_atom_site_anisotrop.pdbx_label_asym_id 
_atom_site_anisotrop.pdbx_label_seq_id 
_atom_site_anisotrop.pdbx_PDB_ins_code 
_atom_site_anisotrop.U[1][1] 
_atom_site_anisotrop.U[2][2] 
_atom_site_anisotrop.U[3][3] 
_atom_site_anisotrop.U[1][2] 
_atom_site_anisotrop.U[1][3] 
_atom_site_anisotrop.U[2][3] 
_atom_site_anisotrop.pdbx_auth_seq_id 
_atom_site_anisotrop.pdbx_auth_comp_id 
_atom_site_anisotrop.pdbx_auth_asym_id 
_atom_site_anisotrop.pdbx_auth_atom_id 
1   N N   . GLY A 4  ? 0.6387 0.6141 0.8973 -0.0163 0.0358  -0.0006 93   GLY A N   
2   C CA  . GLY A 4  ? 0.7011 0.6735 0.8964 -0.0273 0.0257  -0.0156 93   GLY A CA  
3   C C   . GLY A 4  ? 0.7765 0.7639 0.9151 -0.0274 0.0064  0.0036  93   GLY A C   
4   O O   . GLY A 4  ? 0.7797 0.7829 0.9195 -0.0236 0.0003  0.0208  93   GLY A O   
5   N N   . SER A 5  ? 0.6319 0.6153 0.7231 -0.0327 -0.0018 0.0004  94   SER A N   
6   C CA  . SER A 5  ? 0.5343 0.5279 0.5770 -0.0339 -0.0155 0.0166  94   SER A CA  
7   C C   . SER A 5  ? 0.4609 0.4471 0.4539 -0.0399 -0.0218 0.0018  94   SER A C   
8   O O   . SER A 5  ? 0.5183 0.4956 0.5153 -0.0424 -0.0176 -0.0128 94   SER A O   
9   C CB  . SER A 5  ? 0.5999 0.6029 0.6539 -0.0298 -0.0167 0.0500  94   SER A CB  
10  O OG  . SER A 5  ? 0.5446 0.5382 0.5949 -0.0303 -0.0129 0.0487  94   SER A OG  
11  N N   . VAL A 6  ? 0.4852 0.4764 0.4353 -0.0432 -0.0311 0.0077  95   VAL A N   
12  C CA  . VAL A 6  ? 0.5367 0.5179 0.4477 -0.0466 -0.0348 -0.0030 95   VAL A CA  
13  C C   . VAL A 6  ? 0.5324 0.5093 0.4508 -0.0425 -0.0280 0.0029  95   VAL A C   
14  O O   . VAL A 6  ? 0.5037 0.4727 0.4143 -0.0424 -0.0270 -0.0081 95   VAL A O   
15  C CB  . VAL A 6  ? 0.5685 0.5525 0.4356 -0.0523 -0.0421 0.0014  95   VAL A CB  
16  C CG1 . VAL A 6  ? 0.5844 0.5826 0.4459 -0.0544 -0.0401 0.0234  95   VAL A CG1 
17  C CG2 . VAL A 6  ? 0.6445 0.6128 0.4812 -0.0545 -0.0434 -0.0122 95   VAL A CG2 
18  N N   . TRP A 7  ? 0.4444 0.4305 0.3821 -0.0401 -0.0239 0.0230  96   TRP A N   
19  C CA  . TRP A 7  ? 0.4613 0.4479 0.4037 -0.0384 -0.0177 0.0301  96   TRP A CA  
20  C C   . TRP A 7  ? 0.4738 0.4512 0.4452 -0.0359 -0.0122 0.0188  96   TRP A C   
21  O O   . TRP A 7  ? 0.4573 0.4332 0.4246 -0.0352 -0.0086 0.0150  96   TRP A O   
22  C CB  . TRP A 7  ? 0.4750 0.4794 0.4346 -0.0400 -0.0166 0.0585  96   TRP A CB  
23  C CG  . TRP A 7  ? 0.5917 0.6140 0.5233 -0.0478 -0.0231 0.0721  96   TRP A CG  
24  C CD1 . TRP A 7  ? 0.5963 0.6360 0.5478 -0.0493 -0.0286 0.0943  96   TRP A CD1 
25  C CD2 . TRP A 7  ? 0.6006 0.6267 0.4814 -0.0572 -0.0239 0.0642  96   TRP A CD2 
26  N NE1 . TRP A 7  ? 0.5917 0.6506 0.5032 -0.0615 -0.0346 0.1024  96   TRP A NE1 
27  C CE2 . TRP A 7  ? 0.6437 0.6923 0.5097 -0.0675 -0.0307 0.0814  96   TRP A CE2 
28  C CE3 . TRP A 7  ? 0.5978 0.6108 0.4485 -0.0582 -0.0177 0.0437  96   TRP A CE3 
29  C CZ2 . TRP A 7  ? 0.7366 0.7937 0.5526 -0.0825 -0.0311 0.0756  96   TRP A CZ2 
30  C CZ3 . TRP A 7  ? 0.7110 0.7279 0.5181 -0.0698 -0.0159 0.0366  96   TRP A CZ3 
31  C CH2 . TRP A 7  ? 0.7153 0.7539 0.5023 -0.0837 -0.0224 0.0509  96   TRP A CH2 
32  N N   . GLN A 8  ? 0.3989 0.3724 0.4019 -0.0362 -0.0097 0.0123  97   GLN A N   
33  C CA  . GLN A 8  ? 0.3973 0.3641 0.4260 -0.0397 -0.0028 -0.0023 97   GLN A CA  
34  C C   . GLN A 8  ? 0.4538 0.4214 0.4585 -0.0463 -0.0076 -0.0219 97   GLN A C   
35  O O   . GLN A 8  ? 0.4088 0.3788 0.4193 -0.0506 -0.0050 -0.0269 97   GLN A O   
36  C CB  . GLN A 8  ? 0.4168 0.3788 0.4874 -0.0408 0.0049  -0.0087 97   GLN A CB  
37  C CG  . GLN A 8  ? 0.3847 0.3462 0.4952 -0.0335 0.0101  0.0174  97   GLN A CG  
38  C CD  . GLN A 8  ? 0.4117 0.3674 0.5708 -0.0309 0.0194  0.0131  97   GLN A CD  
39  O OE1 . GLN A 8  ? 0.4411 0.3989 0.5927 -0.0337 0.0193  -0.0061 97   GLN A OE1 
40  N NE2 . GLN A 8  ? 0.4054 0.3549 0.6171 -0.0256 0.0279  0.0317  97   GLN A NE2 
41  N N   . LEU A 9  ? 0.4516 0.4208 0.4326 -0.0490 -0.0153 -0.0300 98   LEU A N   
42  C CA  . LEU A 9  ? 0.4729 0.4466 0.4339 -0.0567 -0.0225 -0.0419 98   LEU A CA  
43  C C   . LEU A 9  ? 0.4407 0.4118 0.3840 -0.0503 -0.0249 -0.0328 98   LEU A C   
44  O O   . LEU A 9  ? 0.4966 0.4746 0.4448 -0.0538 -0.0264 -0.0346 98   LEU A O   
45  C CB  . LEU A 9  ? 0.4475 0.4239 0.3867 -0.0618 -0.0315 -0.0490 98   LEU A CB  
46  C CG  . LEU A 9  ? 0.4674 0.4506 0.4264 -0.0694 -0.0272 -0.0627 98   LEU A CG  
47  C CD1 . LEU A 9  ? 0.5883 0.5783 0.5216 -0.0754 -0.0374 -0.0680 98   LEU A CD1 
48  C CD2 . LEU A 9  ? 0.5552 0.5475 0.5337 -0.0834 -0.0211 -0.0799 98   LEU A CD2 
49  N N   . ILE A 10 ? 0.4486 0.4133 0.3736 -0.0426 -0.0240 -0.0233 99   ILE A N   
50  C CA  . ILE A 10 ? 0.4981 0.4594 0.4109 -0.0366 -0.0206 -0.0192 99   ILE A CA  
51  C C   . ILE A 10 ? 0.4866 0.4553 0.4232 -0.0338 -0.0130 -0.0140 99   ILE A C   
52  O O   . ILE A 10 ? 0.4838 0.4557 0.4248 -0.0307 -0.0115 -0.0139 99   ILE A O   
53  C CB  . ILE A 10 ? 0.5320 0.4898 0.4200 -0.0347 -0.0171 -0.0135 99   ILE A CB  
54  C CG1 . ILE A 10 ? 0.5476 0.4976 0.4077 -0.0394 -0.0247 -0.0196 99   ILE A CG1 
55  C CG2 . ILE A 10 ? 0.5969 0.5535 0.4787 -0.0301 -0.0072 -0.0134 99   ILE A CG2 
56  C CD1 . ILE A 10 ? 0.5811 0.5341 0.4139 -0.0441 -0.0222 -0.0142 99   ILE A CD1 
57  N N   . SER A 11 ? 0.4005 0.3733 0.3569 -0.0351 -0.0082 -0.0076 100  SER A N   
58  C CA  . SER A 11 ? 0.4420 0.4222 0.4200 -0.0347 -0.0013 -0.0017 100  SER A CA  
59  C C   . SER A 11 ? 0.5053 0.4929 0.4990 -0.0417 -0.0030 -0.0098 100  SER A C   
60  O O   . SER A 11 ? 0.4576 0.4557 0.4611 -0.0409 0.0003  -0.0050 100  SER A O   
61  C CB  . SER A 11 ? 0.4813 0.4617 0.4822 -0.0362 0.0032  0.0093  100  SER A CB  
62  O OG  . SER A 11 ? 0.6414 0.6284 0.6629 -0.0382 0.0094  0.0152  100  SER A OG  
63  N N   . LYS A 12 ? 0.4735 0.4612 0.4698 -0.0512 -0.0078 -0.0217 101  LYS A N   
64  C CA  . LYS A 12 ? 0.5220 0.5252 0.5279 -0.0643 -0.0107 -0.0289 101  LYS A CA  
65  C C   . LYS A 12 ? 0.4537 0.4670 0.4493 -0.0606 -0.0184 -0.0214 101  LYS A C   
66  O O   . LYS A 12 ? 0.4423 0.4750 0.4512 -0.0673 -0.0201 -0.0161 101  LYS A O   
67  C CB  . LYS A 12 ? 0.4996 0.5065 0.5075 -0.0798 -0.0128 -0.0459 101  LYS A CB  
68  C CG  . LYS A 12 ? 0.5674 0.5654 0.6006 -0.0856 -0.0008 -0.0563 101  LYS A CG  
69  C CD  . LYS A 12 ? 0.7922 0.7988 0.8301 -0.1051 0.0015  -0.0796 101  LYS A CD  
70  C CE  . LYS A 12 ? 0.9048 0.9016 0.9769 -0.1143 0.0184  -0.0950 101  LYS A CE  
71  N NZ  . LYS A 12 ? 0.8597 0.8582 0.9473 -0.1191 0.0245  -0.0890 101  LYS A NZ  
72  N N   . VAL A 13 ? 0.4190 0.4206 0.3949 -0.0518 -0.0230 -0.0198 102  VAL A N   
73  C CA  . VAL A 13 ? 0.4879 0.4932 0.4629 -0.0457 -0.0278 -0.0113 102  VAL A CA  
74  C C   . VAL A 13 ? 0.4687 0.4748 0.4558 -0.0324 -0.0173 -0.0028 102  VAL A C   
75  O O   . VAL A 13 ? 0.4800 0.5016 0.4871 -0.0302 -0.0180 0.0072  102  VAL A O   
76  C CB  . VAL A 13 ? 0.4969 0.4839 0.4486 -0.0405 -0.0328 -0.0140 102  VAL A CB  
77  C CG1 . VAL A 13 ? 0.4731 0.4567 0.4332 -0.0312 -0.0333 -0.0048 102  VAL A CG1 
78  C CG2 . VAL A 13 ? 0.4953 0.4882 0.4365 -0.0552 -0.0445 -0.0210 102  VAL A CG2 
79  N N   . LEU A 14 ? 0.4399 0.4348 0.4176 -0.0255 -0.0074 -0.0047 103  LEU A N   
80  C CA  . LEU A 14 ? 0.4267 0.4263 0.4128 -0.0156 0.0047  0.0005  103  LEU A CA  
81  C C   . LEU A 14 ? 0.4763 0.4977 0.4886 -0.0192 0.0067  0.0086  103  LEU A C   
82  O O   . LEU A 14 ? 0.4468 0.4797 0.4745 -0.0112 0.0142  0.0149  103  LEU A O   
83  C CB  . LEU A 14 ? 0.4586 0.4514 0.4273 -0.0143 0.0132  -0.0008 103  LEU A CB  
84  C CG  . LEU A 14 ? 0.4720 0.4486 0.4106 -0.0140 0.0131  -0.0080 103  LEU A CG  
85  C CD1 . LEU A 14 ? 0.5700 0.5523 0.4932 -0.0186 0.0196  -0.0037 103  LEU A CD1 
86  C CD2 . LEU A 14 ? 0.5323 0.4979 0.4667 -0.0063 0.0194  -0.0155 103  LEU A CD2 
87  N N   . ALA A 15 ? 0.4332 0.4608 0.4526 -0.0323 0.0019  0.0069  104  ALA A N   
88  C CA  . ALA A 15 ? 0.4367 0.4851 0.4784 -0.0409 0.0041  0.0129  104  ALA A CA  
89  C C   . ALA A 15 ? 0.4258 0.4989 0.4829 -0.0466 -0.0031 0.0204  104  ALA A C   
90  O O   . ALA A 15 ? 0.4163 0.5134 0.4920 -0.0540 -0.0016 0.0285  104  ALA A O   
91  C CB  . ALA A 15 ? 0.4880 0.5320 0.5350 -0.0561 0.0043  0.0047  104  ALA A CB  
92  N N   . ARG A 16 ? 0.4097 0.4809 0.4610 -0.0451 -0.0119 0.0211  105  ARG A N   
93  C CA  . ARG A 16 ? 0.3607 0.4602 0.4324 -0.0501 -0.0212 0.0363  105  ARG A CA  
94  C C   . ARG A 16 ? 0.4800 0.5798 0.5718 -0.0288 -0.0153 0.0497  105  ARG A C   
95  O O   . ARG A 16 ? 0.4424 0.5707 0.5635 -0.0296 -0.0211 0.0691  105  ARG A O   
96  C CB  . ARG A 16 ? 0.4355 0.5376 0.4963 -0.0624 -0.0354 0.0345  105  ARG A CB  
97  C CG  . ARG A 16 ? 0.4584 0.5695 0.5067 -0.0877 -0.0395 0.0192  105  ARG A CG  
98  C CD  . ARG A 16 ? 0.5063 0.6178 0.5381 -0.0988 -0.0515 0.0139  105  ARG A CD  
99  N NE  . ARG A 16 ? 0.5261 0.6607 0.5712 -0.1010 -0.0651 0.0361  105  ARG A NE  
100 C CZ  . ARG A 16 ? 0.5689 0.7488 0.6295 -0.1234 -0.0760 0.0514  105  ARG A CZ  
101 N NH1 . ARG A 16 ? 0.5359 0.7414 0.5962 -0.1476 -0.0730 0.0418  105  ARG A NH1 
102 N NH2 . ARG A 16 ? 0.6605 0.8620 0.7396 -0.1236 -0.0898 0.0781  105  ARG A NH2 
103 N N   . HIS A 17 ? 0.4255 0.4975 0.5051 -0.0118 -0.0026 0.0400  106  HIS A N   
104 C CA  . HIS A 17 ? 0.4004 0.4657 0.4994 0.0080  0.0077  0.0451  106  HIS A CA  
105 C C   . HIS A 17 ? 0.4521 0.5141 0.5539 0.0205  0.0279  0.0380  106  HIS A C   
106 O O   . HIS A 17 ? 0.4583 0.5168 0.5822 0.0361  0.0411  0.0384  106  HIS A O   
107 C CB  . HIS A 17 ? 0.4248 0.4591 0.5055 0.0129  0.0054  0.0361  106  HIS A CB  
108 C CG  . HIS A 17 ? 0.4868 0.5285 0.5676 0.0004  -0.0143 0.0453  106  HIS A CG  
109 N ND1 . HIS A 17 ? 0.4768 0.5403 0.5930 0.0007  -0.0239 0.0679  106  HIS A ND1 
110 C CD2 . HIS A 17 ? 0.4649 0.5016 0.5174 -0.0149 -0.0263 0.0367  106  HIS A CD2 
111 C CE1 . HIS A 17 ? 0.5324 0.6053 0.6374 -0.0165 -0.0421 0.0729  106  HIS A CE1 
112 N NE2 . HIS A 17 ? 0.4766 0.5326 0.5425 -0.0258 -0.0427 0.0517  106  HIS A NE2 
113 N N   . PHE A 18 ? 0.3977 0.4616 0.4806 0.0125  0.0315  0.0315  107  PHE A N   
114 C CA  . PHE A 18 ? 0.4820 0.5493 0.5616 0.0181  0.0486  0.0260  107  PHE A CA  
115 C C   . PHE A 18 ? 0.4293 0.5195 0.5159 0.0075  0.0470  0.0347  107  PHE A C   
116 O O   . PHE A 18 ? 0.4431 0.5342 0.5254 -0.0059 0.0351  0.0373  107  PHE A O   
117 C CB  . PHE A 18 ? 0.4711 0.5154 0.5134 0.0155  0.0544  0.0112  107  PHE A CB  
118 C CG  . PHE A 18 ? 0.4739 0.4942 0.5049 0.0233  0.0608  -0.0015 107  PHE A CG  
119 C CD1 . PHE A 18 ? 0.5283 0.5468 0.5694 0.0334  0.0817  -0.0121 107  PHE A CD1 
120 C CD2 . PHE A 18 ? 0.5136 0.5130 0.5247 0.0188  0.0482  -0.0054 107  PHE A CD2 
121 C CE1 . PHE A 18 ? 0.4819 0.4737 0.5138 0.0381  0.0907  -0.0273 107  PHE A CE1 
122 C CE2 . PHE A 18 ? 0.5318 0.5071 0.5311 0.0234  0.0543  -0.0174 107  PHE A CE2 
123 C CZ  . PHE A 18 ? 0.4970 0.4664 0.5068 0.0327  0.0760  -0.0290 107  PHE A CZ  
124 N N   . SER A 19 ? 0.4299 0.5380 0.5280 0.0123  0.0608  0.0370  108  SER A N   
125 C CA  . SER A 19 ? 0.4137 0.5416 0.5157 0.0012  0.0609  0.0453  108  SER A CA  
126 C C   . SER A 19 ? 0.4378 0.5486 0.5136 -0.0098 0.0566  0.0419  108  SER A C   
127 O O   . SER A 19 ? 0.4119 0.5017 0.4642 -0.0077 0.0567  0.0331  108  SER A O   
128 C CB  . SER A 19 ? 0.4914 0.6431 0.6064 0.0078  0.0782  0.0468  108  SER A CB  
129 O OG  . SER A 19 ? 0.5606 0.7021 0.6497 0.0081  0.0900  0.0343  108  SER A OG  
130 N N   . ALA A 20 ? 0.4834 0.5598 0.5854 -0.0827 0.0283  0.1054  109  ALA A N   
131 C CA  . ALA A 20 ? 0.5233 0.5666 0.6038 -0.0863 0.0458  0.0966  109  ALA A CA  
132 C C   . ALA A 20 ? 0.5206 0.5919 0.5987 -0.0459 0.0576  0.0920  109  ALA A C   
133 O O   . ALA A 20 ? 0.4643 0.5027 0.5245 -0.0359 0.0600  0.0749  109  ALA A O   
134 C CB  . ALA A 20 ? 0.5235 0.5697 0.6186 -0.1177 0.0526  0.1202  109  ALA A CB  
135 N N   . ALA A 21 ? 0.4855 0.6269 0.5815 -0.0275 0.0657  0.1063  110  ALA A N   
136 C CA  . ALA A 21 ? 0.5042 0.6908 0.5862 -0.0004 0.0792  0.1000  110  ALA A CA  
137 C C   . ALA A 21 ? 0.5526 0.7158 0.6167 0.0282  0.0740  0.0586  110  ALA A C   
138 O O   . ALA A 21 ? 0.5339 0.6905 0.5699 0.0359  0.0760  0.0498  110  ALA A O   
139 C CB  . ALA A 21 ? 0.4498 0.7322 0.5531 0.0091  0.0949  0.1121  110  ALA A CB  
140 N N   . ASP A 22 ? 0.4855 0.6356 0.5730 0.0402  0.0618  0.0388  111  ASP A N   
141 C CA  . ASP A 22 ? 0.5085 0.6285 0.5911 0.0645  0.0513  0.0013  111  ASP A CA  
142 C C   . ASP A 22 ? 0.5044 0.5542 0.5523 0.0474  0.0388  -0.0030 111  ASP A C   
143 O O   . ASP A 22 ? 0.4943 0.5303 0.5207 0.0621  0.0368  -0.0263 111  ASP A O   
144 C CB  . ASP A 22 ? 0.4602 0.5755 0.5968 0.0774  0.0323  -0.0074 111  ASP A CB  
145 C CG  . ASP A 22 ? 0.5489 0.7371 0.7373 0.1135  0.0495  -0.0305 111  ASP A CG  
146 O OD1 . ASP A 22 ? 0.5614 0.8019 0.7237 0.1273  0.0770  -0.0521 111  ASP A OD1 
147 O OD2 . ASP A 22 ? 0.5018 0.7016 0.7617 0.1255  0.0352  -0.0272 111  ASP A OD2 
148 N N   . ALA A 23 ? 0.4670 0.4798 0.5105 0.0135  0.0325  0.0151  112  ALA A N   
149 C CA  . ALA A 23 ? 0.4416 0.4009 0.4606 -0.0058 0.0281  0.0044  112  ALA A CA  
150 C C   . ALA A 23 ? 0.5469 0.5083 0.5555 0.0052  0.0412  0.0027  112  ALA A C   
151 O O   . ALA A 23 ? 0.5232 0.4608 0.5196 0.0099  0.0359  -0.0135 112  ALA A O   
152 C CB  . ALA A 23 ? 0.4374 0.3723 0.4527 -0.0495 0.0290  0.0137  112  ALA A CB  
153 N N   . SER A 24 ? 0.4787 0.4728 0.4984 0.0052  0.0536  0.0269  113  SER A N   
154 C CA  . SER A 24 ? 0.5112 0.5126 0.5334 0.0099  0.0574  0.0412  113  SER A CA  
155 C C   . SER A 24 ? 0.5410 0.5775 0.5354 0.0334  0.0526  0.0281  113  SER A C   
156 O O   . SER A 24 ? 0.5196 0.5434 0.5073 0.0363  0.0450  0.0251  113  SER A O   
157 C CB  . SER A 24 ? 0.5350 0.5662 0.5807 -0.0028 0.0640  0.0815  113  SER A CB  
158 O OG  . SER A 24 ? 0.6366 0.6775 0.6968 -0.0024 0.0587  0.1090  113  SER A OG  
159 N N   . ARG A 25 ? 0.4913 0.5758 0.4751 0.0486  0.0583  0.0154  114  ARG A N   
160 C CA  . ARG A 25 ? 0.5213 0.6434 0.4763 0.0671  0.0587  -0.0125 114  ARG A CA  
161 C C   . ARG A 25 ? 0.6114 0.6781 0.5582 0.0762  0.0422  -0.0478 114  ARG A C   
162 O O   . ARG A 25 ? 0.6099 0.6835 0.5297 0.0789  0.0352  -0.0613 114  ARG A O   
163 C CB  . ARG A 25 ? 0.5274 0.7134 0.4892 0.0841  0.0752  -0.0352 114  ARG A CB  
164 C CG  . ARG A 25 ? 0.5986 0.8717 0.5499 0.0710  0.0936  -0.0040 114  ARG A CG  
165 C CD  . ARG A 25 ? 0.6604 1.0164 0.6202 0.0887  0.1184  -0.0404 114  ARG A CD  
166 N NE  . ARG A 25 ? 0.7981 1.1586 0.8140 0.0959  0.1236  -0.0330 114  ARG A NE  
167 C CZ  . ARG A 25 ? 0.9091 1.3232 0.9419 0.0772  0.1346  0.0090  114  ARG A CZ  
168 N NH1 . ARG A 25 ? 0.9972 1.4617 0.9974 0.0497  0.1402  0.0510  114  ARG A NH1 
169 N NH2 . ARG A 25 ? 0.9411 1.3605 1.0284 0.0817  0.1347  0.0161  114  ARG A NH2 
170 N N   . VAL A 26 ? 0.5295 0.5454 0.4979 0.0737  0.0318  -0.0564 115  VAL A N   
171 C CA  . VAL A 26 ? 0.5524 0.5180 0.5167 0.0748  0.0117  -0.0808 115  VAL A CA  
172 C C   . VAL A 26 ? 0.5775 0.5166 0.5281 0.0580  0.0070  -0.0704 115  VAL A C   
173 O O   . VAL A 26 ? 0.5614 0.4894 0.4971 0.0615  -0.0056 -0.0875 115  VAL A O   
174 C CB  . VAL A 26 ? 0.5508 0.4778 0.5427 0.0649  -0.0048 -0.0783 115  VAL A CB  
175 C CG1 . VAL A 26 ? 0.5672 0.4448 0.5549 0.0552  -0.0296 -0.0908 115  VAL A CG1 
176 C CG2 . VAL A 26 ? 0.5595 0.5129 0.5906 0.0890  -0.0061 -0.0908 115  VAL A CG2 
177 N N   . LEU A 27 ? 0.5220 0.4526 0.4870 0.0397  0.0178  -0.0461 116  LEU A N   
178 C CA  . LEU A 27 ? 0.5415 0.4551 0.5182 0.0286  0.0186  -0.0402 116  LEU A CA  
179 C C   . LEU A 27 ? 0.6033 0.5501 0.5754 0.0400  0.0126  -0.0271 116  LEU A C   
180 O O   . LEU A 27 ? 0.5387 0.4784 0.5121 0.0386  0.0008  -0.0325 116  LEU A O   
181 C CB  . LEU A 27 ? 0.5163 0.4172 0.5257 0.0108  0.0356  -0.0259 116  LEU A CB  
182 C CG  . LEU A 27 ? 0.4896 0.3757 0.5382 0.0039  0.0421  -0.0273 116  LEU A CG  
183 C CD1 . LEU A 27 ? 0.5199 0.3877 0.5549 -0.0081 0.0369  -0.0542 116  LEU A CD1 
184 C CD2 . LEU A 27 ? 0.5236 0.3921 0.6168 -0.0119 0.0624  -0.0264 116  LEU A CD2 
185 N N   . GLU A 28 ? 0.5618 0.5541 0.5274 0.0451  0.0177  -0.0047 117  GLU A N   
186 C CA  . GLU A 28 ? 0.5978 0.6361 0.5504 0.0444  0.0068  0.0174  117  GLU A CA  
187 C C   . GLU A 28 ? 0.5517 0.6050 0.4568 0.0510  -0.0048 -0.0186 117  GLU A C   
188 O O   . GLU A 28 ? 0.6141 0.6821 0.5092 0.0437  -0.0221 -0.0105 117  GLU A O   
189 C CB  . GLU A 28 ? 0.5625 0.6598 0.5093 0.0380  0.0141  0.0531  117  GLU A CB  
190 C CG  . GLU A 28 ? 0.7617 0.8421 0.7655 0.0267  0.0171  0.0970  117  GLU A CG  
191 C CD  . GLU A 28 ? 0.9082 1.0517 0.9085 0.0127  0.0177  0.1442  117  GLU A CD  
192 O OE1 . GLU A 28 ? 1.0842 1.2663 1.0531 0.0145  0.0335  0.1301  117  GLU A OE1 
193 O OE2 . GLU A 28 ? 0.8483 1.0072 0.8861 -0.0019 0.0006  0.1992  117  GLU A OE2 
194 N N   . GLN A 29 ? 0.5563 0.6054 0.4415 0.0640  0.0022  -0.0591 118  GLN A N   
195 C CA  . GLN A 29 ? 0.5825 0.6338 0.4351 0.0713  -0.0082 -0.1052 118  GLN A CA  
196 C C   . GLN A 29 ? 0.6873 0.6803 0.5492 0.0653  -0.0302 -0.1158 118  GLN A C   
197 O O   . GLN A 29 ? 0.6712 0.6704 0.5077 0.0594  -0.0467 -0.1333 118  GLN A O   
198 C CB  . GLN A 29 ? 0.6425 0.6933 0.5024 0.0916  0.0031  -0.1490 118  GLN A CB  
199 C CG  . GLN A 29 ? 0.7229 0.7699 0.5633 0.1015  -0.0053 -0.2082 118  GLN A CG  
200 C CD  . GLN A 29 ? 0.7989 0.9270 0.5851 0.0922  0.0068  -0.2269 118  GLN A CD  
201 O OE1 . GLN A 29 ? 0.7524 0.9508 0.5279 0.0919  0.0316  -0.2211 118  GLN A OE1 
202 N NE2 . GLN A 29 ? 0.7685 0.8960 0.5166 0.0774  -0.0120 -0.2469 118  GLN A NE2 
203 N N   . LEU A 30 ? 0.6262 0.5711 0.5208 0.0603  -0.0304 -0.1052 119  LEU A N   
204 C CA  . LEU A 30 ? 0.5922 0.4947 0.4972 0.0469  -0.0475 -0.1102 119  LEU A CA  
205 C C   . LEU A 30 ? 0.5848 0.5075 0.5001 0.0364  -0.0535 -0.0873 119  LEU A C   
206 O O   . LEU A 30 ? 0.5866 0.5009 0.4966 0.0273  -0.0730 -0.0965 119  LEU A O   
207 C CB  . LEU A 30 ? 0.5796 0.4478 0.5099 0.0328  -0.0409 -0.1006 119  LEU A CB  
208 C CG  . LEU A 30 ? 0.6901 0.5252 0.6276 0.0092  -0.0555 -0.1045 119  LEU A CG  
209 C CD1 . LEU A 30 ? 0.7155 0.5179 0.6454 0.0105  -0.0834 -0.1237 119  LEU A CD1 
210 C CD2 . LEU A 30 ? 0.7835 0.6101 0.7352 -0.0155 -0.0396 -0.0933 119  LEU A CD2 
211 N N   . GLN A 31 ? 0.5104 0.4586 0.4532 0.0363  -0.0401 -0.0536 120  GLN A N   
212 C CA  . GLN A 31 ? 0.5327 0.5019 0.5130 0.0296  -0.0493 -0.0237 120  GLN A CA  
213 C C   . GLN A 31 ? 0.5946 0.6089 0.5378 0.0251  -0.0730 -0.0147 120  GLN A C   
214 O O   . GLN A 31 ? 0.5327 0.5602 0.4919 0.0151  -0.0939 -0.0022 120  GLN A O   
215 C CB  . GLN A 31 ? 0.5660 0.5452 0.6022 0.0315  -0.0346 0.0125  120  GLN A CB  
216 C CG  . GLN A 31 ? 0.5318 0.4712 0.6103 0.0275  -0.0102 -0.0030 120  GLN A CG  
217 C CD  . GLN A 31 ? 0.5857 0.5253 0.7282 0.0293  0.0033  0.0244  120  GLN A CD  
218 O OE1 . GLN A 31 ? 0.6644 0.6312 0.8082 0.0324  -0.0057 0.0615  120  GLN A OE1 
219 N NE2 . GLN A 31 ? 0.4817 0.3938 0.6809 0.0231  0.0252  0.0045  120  GLN A NE2 
220 N N   . ARG A 32 ? 0.5639 0.6115 0.4567 0.0279  -0.0688 -0.0227 121  ARG A N   
221 C CA  . ARG A 32 ? 0.7243 0.8267 0.5642 0.0142  -0.0873 -0.0243 121  ARG A CA  
222 C C   . ARG A 32 ? 0.7079 0.7845 0.5127 0.0105  -0.1035 -0.0753 121  ARG A C   
223 O O   . ARG A 32 ? 0.6651 0.7699 0.4498 -0.0090 -0.1290 -0.0680 121  ARG A O   
224 C CB  . ARG A 32 ? 0.7886 0.9458 0.5806 0.0137  -0.0702 -0.0318 121  ARG A CB  
225 C CG  . ARG A 32 ? 0.9131 1.1350 0.6320 -0.0067 -0.0809 -0.0554 121  ARG A CG  
226 C CD  . ARG A 32 ? 1.0541 1.3645 0.7367 -0.0239 -0.0678 -0.0278 121  ARG A CD  
227 N NE  . ARG A 32 ? 1.1063 1.4038 0.8242 -0.0046 -0.0400 -0.0181 121  ARG A NE  
228 C CZ  . ARG A 32 ? 1.2132 1.5772 0.9238 -0.0198 -0.0294 0.0246  121  ARG A CZ  
229 N NH1 . ARG A 32 ? 1.2764 1.7289 0.9426 -0.0574 -0.0453 0.0658  121  ARG A NH1 
230 N NH2 . ARG A 32 ? 1.2126 1.5602 0.9591 -0.0041 -0.0066 0.0316  121  ARG A NH2 
231 N N   . ASP A 33 ? 0.6936 0.7170 0.4974 0.0254  -0.0943 -0.1219 122  ASP A N   
232 C CA  . ASP A 33 ? 0.8038 0.7883 0.5897 0.0210  -0.1146 -0.1685 122  ASP A CA  
233 C C   . ASP A 33 ? 0.7926 0.7552 0.6078 0.0038  -0.1375 -0.1446 122  ASP A C   
234 O O   . ASP A 33 ? 0.7539 0.7194 0.5483 -0.0135 -0.1634 -0.1587 122  ASP A O   
235 C CB  . ASP A 33 ? 0.7810 0.7060 0.5871 0.0390  -0.1085 -0.2064 122  ASP A CB  
236 C CG  . ASP A 33 ? 0.8857 0.8355 0.6789 0.0598  -0.0862 -0.2427 122  ASP A CG  
237 O OD1 . ASP A 33 ? 0.8404 0.8561 0.5905 0.0550  -0.0750 -0.2548 122  ASP A OD1 
238 O OD2 . ASP A 33 ? 0.8975 0.8088 0.7277 0.0773  -0.0810 -0.2574 122  ASP A OD2 
239 N N   . TYR A 34 ? 0.6486 0.5940 0.5144 0.0057  -0.1254 -0.1129 123  TYR A N   
240 C CA  . TYR A 34 ? 0.6484 0.5853 0.5554 -0.0101 -0.1370 -0.0941 123  TYR A CA  
241 C C   . TYR A 34 ? 0.6483 0.6377 0.5685 -0.0219 -0.1567 -0.0621 123  TYR A C   
242 O O   . TYR A 34 ? 0.6572 0.6503 0.5820 -0.0398 -0.1817 -0.0628 123  TYR A O   
243 C CB  . TYR A 34 ? 0.6279 0.5525 0.5870 -0.0074 -0.1098 -0.0767 123  TYR A CB  
244 C CG  . TYR A 34 ? 0.6206 0.5517 0.6323 -0.0240 -0.1097 -0.0655 123  TYR A CG  
245 C CD1 . TYR A 34 ? 0.7494 0.6536 0.7567 -0.0454 -0.1161 -0.0819 123  TYR A CD1 
246 C CD2 . TYR A 34 ? 0.6006 0.5705 0.6780 -0.0203 -0.1033 -0.0361 123  TYR A CD2 
247 C CE1 . TYR A 34 ? 0.7280 0.6549 0.7840 -0.0652 -0.1102 -0.0744 123  TYR A CE1 
248 C CE2 . TYR A 34 ? 0.6451 0.6321 0.7864 -0.0324 -0.0967 -0.0332 123  TYR A CE2 
249 C CZ  . TYR A 34 ? 0.6559 0.6265 0.7809 -0.0560 -0.0969 -0.0551 123  TYR A CZ  
250 O OH  . TYR A 34 ? 0.6453 0.6489 0.8343 -0.0723 -0.0851 -0.0546 123  TYR A OH  
251 N N   . GLU A 35 ? 0.6393 0.6730 0.5705 -0.0162 -0.1511 -0.0266 124  GLU A N   
252 C CA  . GLU A 35 ? 0.6505 0.7398 0.6102 -0.0307 -0.1772 0.0200  124  GLU A CA  
253 C C   . GLU A 35 ? 0.7749 0.8983 0.6580 -0.0546 -0.2082 0.0049  124  GLU A C   
254 O O   . GLU A 35 ? 0.8110 0.9672 0.7100 -0.0758 -0.2399 0.0302  124  GLU A O   
255 C CB  . GLU A 35 ? 0.7067 0.8317 0.7083 -0.0235 -0.1700 0.0724  124  GLU A CB  
256 C CG  . GLU A 35 ? 0.9276 1.0817 1.0367 -0.0255 -0.1877 0.1301  124  GLU A CG  
257 C CD  . GLU A 35 ? 1.0099 1.1248 1.2094 -0.0096 -0.1612 0.1124  124  GLU A CD  
258 O OE1 . GLU A 35 ? 0.8980 0.9723 1.1047 0.0042  -0.1261 0.0863  124  GLU A OE1 
259 O OE2 . GLU A 35 ? 1.0858 1.2193 1.3482 -0.0156 -0.1748 0.1228  124  GLU A OE2 
260 N N   . ARG A 36 ? 0.7880 0.9074 0.5933 -0.0529 -0.1981 -0.0414 125  ARG A N   
261 C CA  . ARG A 36 ? 0.8552 1.0016 0.5835 -0.0781 -0.2205 -0.0783 125  ARG A CA  
262 C C   . ARG A 36 ? 0.8358 0.9319 0.5692 -0.0884 -0.2431 -0.1123 125  ARG A C   
263 O O   . ARG A 36 ? 0.8445 0.9695 0.5476 -0.1192 -0.2757 -0.1142 125  ARG A O   
264 C CB  . ARG A 36 ? 0.8546 1.0053 0.5168 -0.0689 -0.1954 -0.1379 125  ARG A CB  
265 C CG  . ARG A 36 ? 1.1086 1.2816 0.6930 -0.0945 -0.2102 -0.1998 125  ARG A CG  
266 C CD  . ARG A 36 ? 1.2673 1.4578 0.8039 -0.0817 -0.1760 -0.2673 125  ARG A CD  
267 N N   . SER A 37 ? 0.8316 0.8568 0.6012 -0.0692 -0.2293 -0.1345 126  SER A N   
268 C CA  . SER A 37 ? 0.9613 0.9358 0.7437 -0.0834 -0.2524 -0.1577 126  SER A CA  
269 C C   . SER A 37 ? 0.8704 0.8775 0.6994 -0.1055 -0.2757 -0.1099 126  SER A C   
270 O O   . SER A 37 ? 0.9512 0.9541 0.7692 -0.1325 -0.3082 -0.1205 126  SER A O   
271 C CB  . SER A 37 ? 1.0029 0.9096 0.8200 -0.0666 -0.2358 -0.1712 126  SER A CB  
272 O OG  . SER A 37 ? 1.0824 0.9542 0.8725 -0.0472 -0.2242 -0.2189 126  SER A OG  
273 N N   . LEU A 38 ? 0.7801 0.8201 0.6727 -0.0940 -0.2589 -0.0597 127  LEU A N   
274 C CA  . LEU A 38 ? 0.8329 0.9152 0.7961 -0.1087 -0.2766 -0.0141 127  LEU A CA  
275 C C   . LEU A 38 ? 0.8814 1.0278 0.8221 -0.1340 -0.3156 0.0155  127  LEU A C   
276 O O   . LEU A 38 ? 0.8668 1.0431 0.8416 -0.1581 -0.3466 0.0383  127  LEU A O   
277 C CB  . LEU A 38 ? 0.8392 0.9401 0.8928 -0.0860 -0.2465 0.0232  127  LEU A CB  
278 C CG  . LEU A 38 ? 0.8556 0.9115 0.9400 -0.0743 -0.2094 -0.0013 127  LEU A CG  
279 C CD1 . LEU A 38 ? 0.8076 0.8858 0.9834 -0.0544 -0.1786 0.0248  127  LEU A CD1 
280 C CD2 . LEU A 38 ? 0.8985 0.9468 1.0003 -0.0993 -0.2209 -0.0131 127  LEU A CD2 
281 N N   . SER A 39 ? 0.9308 1.1084 0.8135 -0.1348 -0.3157 0.0191  128  SER A N   
282 C CA  . SER A 39 ? 1.0276 1.2808 0.8747 -0.1699 -0.3553 0.0539  128  SER A CA  
283 C C   . SER A 39 ? 1.0286 1.2757 0.7954 -0.2055 -0.3853 0.0040  128  SER A C   
284 O O   . SER A 39 ? 1.0685 1.3662 0.8351 -0.2394 -0.4225 0.0345  128  SER A O   
285 C CB  . SER A 39 ? 1.1256 1.4244 0.9189 -0.1714 -0.3448 0.0692  128  SER A CB  
286 O OG  . SER A 39 ? 1.1457 1.4469 1.0213 -0.1431 -0.3239 0.1204  128  SER A OG  
287 N N   . ARG A 40 ? 1.0878 1.2679 0.7994 -0.1951 -0.3664 -0.0735 129  ARG A N   
288 C CA  . ARG A 40 ? 1.2263 1.3832 0.8796 -0.2193 -0.3854 -0.1341 129  ARG A CA  
289 C C   . ARG A 40 ? 1.2055 1.3307 0.9159 -0.2311 -0.4069 -0.1245 129  ARG A C   
290 O O   . ARG A 40 ? 1.3303 1.4476 1.0189 -0.2496 -0.4213 -0.1576 129  ARG A O   
291 C CB  . ARG A 40 ? 1.2873 1.3794 0.8977 -0.1958 -0.3572 -0.2192 129  ARG A CB  
292 C CG  . ARG A 40 ? 1.3149 1.4464 0.8630 -0.1862 -0.3288 -0.2417 129  ARG A CG  
293 C CD  . ARG A 40 ? 1.3618 1.4170 0.8975 -0.1560 -0.2965 -0.3149 129  ARG A CD  
294 N N   . LEU A 41 ? 1.1256 1.0727 0.8392 -0.0525 -0.4422 -0.1348 130  LEU A N   
295 C CA  . LEU A 41 ? 1.1062 1.0942 0.8795 -0.0621 -0.4451 -0.1607 130  LEU A CA  
296 C C   . LEU A 41 ? 1.1599 1.2369 0.9465 -0.0780 -0.4626 -0.1904 130  LEU A C   
297 O O   . LEU A 41 ? 1.1893 1.3047 0.9508 -0.0590 -0.4779 -0.1734 130  LEU A O   
298 C CB  . LEU A 41 ? 1.1190 1.0977 0.9199 -0.0274 -0.4458 -0.1293 130  LEU A CB  
299 C CG  . LEU A 41 ? 1.1036 1.0761 0.9601 -0.0326 -0.4389 -0.1381 130  LEU A CG  
300 C CD1 . LEU A 41 ? 1.0752 0.9855 0.9266 -0.0615 -0.4229 -0.1475 130  LEU A CD1 
301 C CD2 . LEU A 41 ? 1.0617 1.0132 0.9243 0.0070  -0.4363 -0.1034 130  LEU A CD2 
302 N N   . THR A 42 ? 1.2097 1.3159 1.0361 -0.1184 -0.4604 -0.2332 131  THR A N   
303 C CA  . THR A 42 ? 1.1353 1.3279 0.9767 -0.1474 -0.4800 -0.2592 131  THR A CA  
304 C C   . THR A 42 ? 1.0908 1.3355 1.0111 -0.1565 -0.4871 -0.2669 131  THR A C   
305 O O   . THR A 42 ? 1.1031 1.3146 1.0674 -0.1454 -0.4721 -0.2615 131  THR A O   
306 C CB  . THR A 42 ? 1.3410 1.5198 1.1528 -0.2025 -0.4736 -0.3062 131  THR A CB  
307 O OG1 . THR A 42 ? 1.4407 1.5621 1.2907 -0.2367 -0.4472 -0.3383 131  THR A OG1 
308 C CG2 . THR A 42 ? 1.3778 1.5141 1.1160 -0.1874 -0.4656 -0.3003 131  THR A CG2 
309 N N   . LEU A 43 ? 1.1286 1.4580 1.0712 -0.1761 -0.5139 -0.2753 132  LEU A N   
310 C CA  . LEU A 43 ? 1.1116 1.5117 1.1423 -0.1863 -0.5236 -0.2820 132  LEU A CA  
311 C C   . LEU A 43 ? 1.0918 1.4553 1.1787 -0.2394 -0.4968 -0.3215 132  LEU A C   
312 O O   . LEU A 43 ? 1.0224 1.4172 1.1938 -0.2384 -0.4845 -0.3212 132  LEU A O   
313 C CB  . LEU A 43 ? 1.1351 1.6286 1.1831 -0.2012 -0.5623 -0.2848 132  LEU A CB  
314 C CG  . LEU A 43 ? 1.1852 1.7306 1.2109 -0.1422 -0.5864 -0.2421 132  LEU A CG  
315 N N   . ASP A 44 ? 1.1090 1.4004 1.1488 -0.2836 -0.4838 -0.3538 133  ASP A N   
316 C CA  . ASP A 44 ? 1.1960 1.4195 1.2756 -0.3336 -0.4478 -0.3911 133  ASP A CA  
317 C C   . ASP A 44 ? 1.1485 1.3126 1.2629 -0.3077 -0.4107 -0.3770 133  ASP A C   
318 O O   . ASP A 44 ? 1.1364 1.2968 1.3383 -0.3332 -0.3798 -0.3879 133  ASP A O   
319 C CB  . ASP A 44 ? 1.3795 1.5106 1.3775 -0.3645 -0.4407 -0.4236 133  ASP A CB  
320 C CG  . ASP A 44 ? 1.4078 1.4421 1.4341 -0.4049 -0.3914 -0.4588 133  ASP A CG  
321 N N   . ASP A 45 ? 1.0905 1.2070 1.1422 -0.2572 -0.4138 -0.3466 134  ASP A N   
322 C CA  . ASP A 45 ? 1.0582 1.1016 1.1287 -0.2282 -0.3900 -0.3203 134  ASP A CA  
323 C C   . ASP A 45 ? 0.9835 1.0870 1.1255 -0.1943 -0.3886 -0.2842 134  ASP A C   
324 O O   . ASP A 45 ? 0.9806 1.0500 1.1678 -0.1897 -0.3376 -0.2586 134  ASP A O   
325 C CB  . ASP A 45 ? 1.0982 1.0815 1.0774 -0.1867 -0.4003 -0.2861 134  ASP A CB  
326 C CG  . ASP A 45 ? 1.3061 1.2384 1.2109 -0.2095 -0.3877 -0.3105 134  ASP A CG  
327 O OD1 . ASP A 45 ? 1.3481 1.2372 1.2642 -0.2548 -0.3598 -0.3547 134  ASP A OD1 
328 O OD2 . ASP A 45 ? 1.4102 1.3430 1.2475 -0.1812 -0.4017 -0.2854 134  ASP A OD2 
329 N N   . ILE A 46 ? 0.9612 1.1550 1.1060 -0.1636 -0.4375 -0.2765 135  ILE A N   
330 C CA  . ILE A 46 ? 0.9994 1.2555 1.2032 -0.1214 -0.4432 -0.2468 135  ILE A CA  
331 C C   . ILE A 46 ? 0.9800 1.3023 1.2913 -0.1611 -0.4077 -0.2579 135  ILE A C   
332 O O   . ILE A 46 ? 0.9656 1.2908 1.3285 -0.1401 -0.3699 -0.2256 135  ILE A O   
333 C CB  . ILE A 46 ? 1.0883 1.4124 1.2529 -0.0739 -0.4753 -0.2222 135  ILE A CB  
334 C CG1 . ILE A 46 ? 1.1566 1.3984 1.2168 -0.0379 -0.4759 -0.1916 135  ILE A CG1 
335 C CG2 . ILE A 46 ? 1.1125 1.5018 1.3334 -0.0258 -0.4786 -0.1965 135  ILE A CG2 
336 C CD1 . ILE A 46 ? 1.1870 1.4649 1.2117 0.0086  -0.4912 -0.1621 135  ILE A CD1 
337 N N   . GLU A 47 ? 0.9579 1.3343 1.3011 -0.2217 -0.4201 -0.3025 136  GLU A N   
338 C CA  . GLU A 47 ? 0.9295 1.3634 1.3762 -0.2769 -0.3876 -0.3159 136  GLU A CA  
339 C C   . GLU A 47 ? 1.0137 1.3344 1.4815 -0.3014 -0.3130 -0.3037 136  GLU A C   
340 O O   . GLU A 47 ? 1.0396 1.3893 1.5885 -0.3041 -0.2723 -0.2769 136  GLU A O   
341 C CB  . GLU A 47 ? 0.9594 1.4428 1.4096 -0.3463 -0.4129 -0.3641 136  GLU A CB  
342 N N   . ARG A 48 ? 1.0650 1.2614 1.4574 -0.3130 -0.2928 -0.3187 137  ARG A N   
343 C CA  . ARG A 48 ? 1.0528 1.1347 1.4520 -0.3267 -0.2198 -0.3047 137  ARG A CA  
344 C C   . ARG A 48 ? 1.0442 1.1151 1.4595 -0.2636 -0.1880 -0.2420 137  ARG A C   
345 O O   . ARG A 48 ? 1.1009 1.1369 1.5676 -0.2695 -0.1272 -0.2172 137  ARG A O   
346 C CB  . ARG A 48 ? 1.1437 1.1082 1.4475 -0.3361 -0.2083 -0.3287 137  ARG A CB  
347 C CG  . ARG A 48 ? 1.2557 1.0986 1.5594 -0.3476 -0.1298 -0.3177 137  ARG A CG  
348 N N   . LEU A 49 ? 0.9338 1.0308 1.3002 -0.2041 -0.2299 -0.2168 138  LEU A N   
349 C CA  . LEU A 49 ? 0.8539 0.9488 1.2243 -0.1441 -0.2123 -0.1636 138  LEU A CA  
350 C C   . LEU A 49 ? 0.8528 1.0332 1.3177 -0.1345 -0.1901 -0.1414 138  LEU A C   
351 O O   . LEU A 49 ? 0.9071 1.0659 1.4033 -0.1146 -0.1391 -0.1039 138  LEU A O   
352 C CB  . LEU A 49 ? 0.8306 0.9379 1.1290 -0.0904 -0.2713 -0.1497 138  LEU A CB  
353 C CG  . LEU A 49 ? 0.8080 0.8240 1.0194 -0.0707 -0.2728 -0.1306 138  LEU A CG  
354 C CD1 . LEU A 49 ? 0.8326 0.8578 0.9819 -0.0225 -0.3313 -0.1141 138  LEU A CD1 
355 C CD2 . LEU A 49 ? 0.7982 0.7635 1.0258 -0.0580 -0.2118 -0.0925 138  LEU A CD2 
356 N N   . ALA A 50 ? 0.8929 1.1814 1.4033 -0.1454 -0.2278 -0.1603 139  ALA A N   
357 C CA  . ALA A 50 ? 0.8782 1.2710 1.4818 -0.1338 -0.2097 -0.1359 139  ALA A CA  
358 C C   . ALA A 50 ? 0.9491 1.3203 1.6341 -0.1888 -0.1413 -0.1296 139  ALA A C   
359 O O   . ALA A 50 ? 0.9778 1.3931 1.7273 -0.1672 -0.1016 -0.0896 139  ALA A O   
360 C CB  . ALA A 50 ? 0.8637 1.3898 1.5022 -0.1390 -0.2635 -0.1570 139  ALA A CB  
361 N N   . SER A 51 ? 0.9673 1.2637 1.6434 -0.2574 -0.1258 -0.1684 140  SER A N   
362 C CA  . SER A 51 ? 1.0048 1.2532 1.7474 -0.3149 -0.0598 -0.1664 140  SER A CA  
363 C C   . SER A 51 ? 1.0021 1.1506 1.7282 -0.2770 0.0072  -0.1203 140  SER A C   
364 O O   . SER A 51 ? 1.0302 1.1636 1.8238 -0.2948 0.0687  -0.0923 140  SER A O   
365 C CB  . SER A 51 ? 1.0873 1.2625 1.8055 -0.3953 -0.0634 -0.2275 140  SER A CB  
366 N N   . ARG A 52 ? 0.9748 1.0630 1.6134 -0.2251 -0.0050 -0.1083 141  ARG A N   
367 C CA  . ARG A 52 ? 0.9792 0.9834 1.5936 -0.1877 0.0530  -0.0647 141  ARG A CA  
368 C C   . ARG A 52 ? 0.9442 1.0130 1.6101 -0.1350 0.0822  -0.0063 141  ARG A C   
369 O O   . ARG A 52 ? 0.9979 1.0247 1.6949 -0.1278 0.1497  0.0314  141  ARG A O   
370 C CB  . ARG A 52 ? 0.9181 0.8671 1.4311 -0.1496 0.0242  -0.0634 141  ARG A CB  
371 C CG  . ARG A 52 ? 0.9124 0.7486 1.3664 -0.1801 0.0472  -0.0901 141  ARG A CG  
372 C CD  . ARG A 52 ? 0.8806 0.6844 1.2445 -0.1395 0.0211  -0.0759 141  ARG A CD  
373 N NE  . ARG A 52 ? 0.9531 0.7212 1.3074 -0.0963 0.0719  -0.0214 141  ARG A NE  
374 C CZ  . ARG A 52 ? 0.9241 0.6703 1.2118 -0.0640 0.0613  0.0026  141  ARG A CZ  
375 N NH1 . ARG A 52 ? 0.9384 0.6845 1.1620 -0.0697 0.0040  -0.0211 141  ARG A NH1 
376 N NH2 . ARG A 52 ? 0.8531 0.5856 1.1406 -0.0268 0.1080  0.0545  141  ARG A NH2 
377 N N   . PHE A 53 ? 0.8987 1.0674 1.5675 -0.0931 0.0332  0.0019  142  PHE A N   
378 C CA  . PHE A 53 ? 0.8112 1.0357 1.4991 -0.0285 0.0515  0.0534  142  PHE A CA  
379 C C   . PHE A 53 ? 0.7974 1.1290 1.5861 -0.0332 0.0747  0.0737  142  PHE A C   
380 O O   . PHE A 53 ? 0.8295 1.1709 1.6677 -0.0171 0.1348  0.1190  142  PHE A O   
381 C CB  . PHE A 53 ? 0.6730 0.9243 1.2858 0.0303  -0.0129 0.0521  142  PHE A CB  
382 C CG  . PHE A 53 ? 0.6681 0.8257 1.1885 0.0407  -0.0285 0.0497  142  PHE A CG  
383 C CD1 . PHE A 53 ? 0.7314 0.8308 1.2047 0.0004  -0.0564 0.0108  142  PHE A CD1 
384 C CD2 . PHE A 53 ? 0.6799 0.8173 1.1615 0.0892  -0.0148 0.0887  142  PHE A CD2 
385 C CE1 . PHE A 53 ? 0.7403 0.7653 1.1338 0.0095  -0.0669 0.0156  142  PHE A CE1 
386 C CE2 . PHE A 53 ? 0.6138 0.6812 1.0191 0.0929  -0.0292 0.0919  142  PHE A CE2 
387 C CZ  . PHE A 53 ? 0.7161 0.7282 1.0796 0.0536  -0.0534 0.0579  142  PHE A CZ  
388 N N   . LEU A 54 ? 0.7045 1.1262 1.5246 -0.0528 0.0281  0.0448  143  LEU A N   
389 C CA  . LEU A 54 ? 0.7837 1.3328 1.7038 -0.0567 0.0440  0.0666  143  LEU A CA  
390 C C   . LEU A 54 ? 0.7247 1.2936 1.7206 -0.1511 0.0527  0.0358  143  LEU A C   
391 O O   . LEU A 54 ? 0.6972 1.1686 1.7100 -0.2074 0.1015  0.0309  143  LEU A O   
392 C CB  . LEU A 54 ? 0.7325 1.3960 1.6357 0.0059  -0.0144 0.0667  143  LEU A CB  
393 C CG  . LEU A 54 ? 0.7311 1.3690 1.5573 0.0961  -0.0222 0.0947  143  LEU A CG  
394 C CD1 . LEU A 54 ? 0.7263 1.4375 1.5087 0.1598  -0.0842 0.0850  143  LEU A CD1 
395 C CD2 . LEU A 54 ? 0.7783 1.4461 1.6536 0.1298  0.0431  0.1499  143  LEU A CD2 
396 N N   . GLU B 15 ? 1.4798 1.7535 1.7752 -0.0142 -0.1379 -0.5915 1058 GLU B N   
397 C CA  . GLU B 15 ? 1.5031 1.7258 1.8744 -0.0214 -0.1533 -0.5903 1058 GLU B CA  
398 C C   . GLU B 15 ? 1.4456 1.6623 1.7532 -0.0265 -0.1681 -0.5294 1058 GLU B C   
399 O O   . GLU B 15 ? 1.4420 1.7032 1.7422 -0.0423 -0.1773 -0.5460 1058 GLU B O   
400 C CB  . GLU B 15 ? 1.5278 1.6564 1.9968 -0.0097 -0.1586 -0.5762 1058 GLU B CB  
401 C CG  . GLU B 15 ? 1.5583 1.6249 2.1035 -0.0202 -0.1742 -0.5542 1058 GLU B CG  
402 C CD  . GLU B 15 ? 1.6266 1.6742 2.2972 -0.0186 -0.1671 -0.5901 1058 GLU B CD  
403 O OE1 . GLU B 15 ? 1.6554 1.7120 2.3740 -0.0052 -0.1549 -0.6183 1058 GLU B OE1 
404 O OE2 . GLU B 15 ? 1.6424 1.6712 2.3684 -0.0311 -0.1730 -0.5903 1058 GLU B OE2 
405 N N   . GLY B 16 ? 1.3703 1.5366 1.6354 -0.0129 -0.1655 -0.4515 1059 GLY B N   
406 C CA  . GLY B 16 ? 1.2940 1.4538 1.5054 -0.0154 -0.1700 -0.3852 1059 GLY B CA  
407 C C   . GLY B 16 ? 1.2029 1.3253 1.3591 -0.0021 -0.1593 -0.3163 1059 GLY B C   
408 O O   . GLY B 16 ? 1.2016 1.3056 1.3564 0.0091  -0.1507 -0.3182 1059 GLY B O   
409 N N   . PRO B 17 ? 1.1066 1.2217 1.2233 -0.0049 -0.1579 -0.2598 1060 PRO B N   
410 C CA  . PRO B 17 ? 1.0534 1.1349 1.1248 0.0024  -0.1438 -0.1998 1060 PRO B CA  
411 C C   . PRO B 17 ? 0.9382 0.9514 1.0586 -0.0025 -0.1435 -0.1771 1060 PRO B C   
412 O O   . PRO B 17 ? 0.9418 0.9239 1.1221 -0.0167 -0.1539 -0.1759 1060 PRO B O   
413 C CB  . PRO B 17 ? 1.0385 1.1314 1.0850 -0.0043 -0.1416 -0.1598 1060 PRO B CB  
414 C CG  . PRO B 17 ? 1.0719 1.1753 1.1719 -0.0181 -0.1569 -0.1875 1060 PRO B CG  
415 C CD  . PRO B 17 ? 1.1017 1.2384 1.2276 -0.0172 -0.1675 -0.2535 1060 PRO B CD  
416 N N   . GLN B 18 ? 0.8895 0.8837 0.9871 0.0071  -0.1340 -0.1569 1061 GLN B N   
417 C CA  . GLN B 18 ? 0.8227 0.7617 0.9683 0.0019  -0.1387 -0.1301 1061 GLN B CA  
418 C C   . GLN B 18 ? 0.7414 0.6520 0.8720 -0.0192 -0.1344 -0.0694 1061 GLN B C   
419 O O   . GLN B 18 ? 0.7193 0.6436 0.7866 -0.0214 -0.1169 -0.0390 1061 GLN B O   
420 C CB  . GLN B 18 ? 0.7978 0.7355 0.9226 0.0172  -0.1305 -0.1277 1061 GLN B CB  
421 C CG  . GLN B 18 ? 0.8414 0.7301 1.0257 0.0130  -0.1414 -0.0980 1061 GLN B CG  
422 C CD  . GLN B 18 ? 0.9305 0.7896 1.2219 0.0092  -0.1624 -0.1246 1061 GLN B CD  
423 O OE1 . GLN B 18 ? 0.8782 0.6966 1.2161 -0.0091 -0.1762 -0.0834 1061 GLN B OE1 
424 N NE2 . GLN B 18 ? 0.9930 0.8761 1.3277 0.0225  -0.1636 -0.1955 1061 GLN B NE2 
425 N N   . LEU B 19 ? 0.6556 0.5295 0.8488 -0.0381 -0.1485 -0.0541 1062 LEU B N   
426 C CA  . LEU B 19 ? 0.5844 0.4419 0.7628 -0.0667 -0.1429 -0.0017 1062 LEU B CA  
427 C C   . LEU B 19 ? 0.6679 0.5048 0.8260 -0.0785 -0.1388 0.0502  1062 LEU B C   
428 O O   . LEU B 19 ? 0.7530 0.5943 0.8730 -0.1041 -0.1252 0.0901  1062 LEU B O   
429 C CB  . LEU B 19 ? 0.6126 0.4443 0.8615 -0.0889 -0.1599 -0.0012 1062 LEU B CB  
430 C CG  . LEU B 19 ? 0.6816 0.5388 0.9543 -0.0841 -0.1644 -0.0520 1062 LEU B CG  
431 C CD1 . LEU B 19 ? 0.8135 0.6410 1.1555 -0.1111 -0.1781 -0.0449 1062 LEU B CD1 
432 C CD2 . LEU B 19 ? 0.6945 0.5967 0.9030 -0.0812 -0.1477 -0.0522 1062 LEU B CD2 
433 N N   . LEU B 20 ? 0.6282 0.4493 0.8167 -0.0625 -0.1502 0.0460  1063 LEU B N   
434 C CA  . LEU B 20 ? 0.6572 0.4658 0.8319 -0.0729 -0.1512 0.0956  1063 LEU B CA  
435 C C   . LEU B 20 ? 0.6394 0.4753 0.7496 -0.0516 -0.1315 0.0844  1063 LEU B C   
436 O O   . LEU B 20 ? 0.6580 0.5030 0.7823 -0.0231 -0.1333 0.0423  1063 LEU B O   
437 C CB  . LEU B 20 ? 0.7140 0.4860 0.9815 -0.0709 -0.1804 0.1082  1063 LEU B CB  
438 C CG  . LEU B 20 ? 0.9064 0.6442 1.2482 -0.0961 -0.2024 0.1303  1063 LEU B CG  
439 C CD1 . LEU B 20 ? 0.9220 0.6219 1.3638 -0.0938 -0.2328 0.1563  1063 LEU B CD1 
440 C CD2 . LEU B 20 ? 0.9671 0.7130 1.2563 -0.1391 -0.1937 0.1842  1063 LEU B CD2 
441 N N   . LEU B 21 ? 0.6160 0.4681 0.6585 -0.0689 -0.1103 0.1183  1064 LEU B N   
442 C CA  . LEU B 21 ? 0.6818 0.5585 0.6624 -0.0524 -0.0885 0.1101  1064 LEU B CA  
443 C C   . LEU B 21 ? 0.5794 0.4497 0.5843 -0.0360 -0.1003 0.1094  1064 LEU B C   
444 O O   . LEU B 21 ? 0.6529 0.5422 0.6318 -0.0114 -0.0891 0.0783  1064 LEU B O   
445 C CB  . LEU B 21 ? 0.7247 0.6180 0.6449 -0.0797 -0.0622 0.1451  1064 LEU B CB  
446 C CG  . LEU B 21 ? 0.7106 0.6256 0.5734 -0.0665 -0.0380 0.1402  1064 LEU B CG  
447 C CD1 . LEU B 21 ? 0.6111 0.5431 0.4502 -0.0354 -0.0272 0.1003  1064 LEU B CD1 
448 C CD2 . LEU B 21 ? 0.8423 0.7744 0.6596 -0.0993 -0.0099 0.1693  1064 LEU B CD2 
449 N N   . SER B 22 ? 0.5938 0.4406 0.6534 -0.0508 -0.1240 0.1455  1065 SER B N   
450 C CA  . SER B 22 ? 0.7134 0.5557 0.8130 -0.0347 -0.1385 0.1487  1065 SER B CA  
451 C C   . SER B 22 ? 0.7106 0.5509 0.8669 0.0013  -0.1451 0.0841  1065 SER B C   
452 O O   . SER B 22 ? 0.6319 0.4886 0.7868 0.0224  -0.1390 0.0592  1065 SER B O   
453 C CB  . SER B 22 ? 0.7805 0.5979 0.9469 -0.0580 -0.1701 0.2067  1065 SER B CB  
454 O OG  . SER B 22 ? 0.8118 0.5957 1.0634 -0.0589 -0.1938 0.1998  1065 SER B OG  
455 N N   . GLU B 23 ? 0.6791 0.5054 0.8852 0.0047  -0.1550 0.0518  1066 GLU B N   
456 C CA  . GLU B 23 ? 0.7261 0.5613 0.9858 0.0315  -0.1573 -0.0198 1066 GLU B CA  
457 C C   . GLU B 23 ? 0.5987 0.4805 0.7739 0.0449  -0.1311 -0.0652 1066 GLU B C   
458 O O   . GLU B 23 ? 0.6285 0.5354 0.8167 0.0637  -0.1250 -0.1175 1066 GLU B O   
459 C CB  . GLU B 23 ? 0.7935 0.6051 1.1333 0.0257  -0.1743 -0.0436 1066 GLU B CB  
460 C CG  . GLU B 23 ? 0.9686 0.7957 1.3745 0.0464  -0.1743 -0.1268 1066 GLU B CG  
461 C CD  . GLU B 23 ? 1.1025 0.9166 1.6054 0.0647  -0.1849 -0.1476 1066 GLU B CD  
462 O OE1 . GLU B 23 ? 1.1463 0.9309 1.6842 0.0613  -0.2011 -0.0882 1066 GLU B OE1 
463 O OE2 . GLU B 23 ? 1.1816 1.0213 1.7297 0.0805  -0.1767 -0.2254 1066 GLU B OE2 
464 N N   . ALA B 24 ? 0.5591 0.4555 0.6551 0.0331  -0.1161 -0.0445 1067 ALA B N   
465 C CA  . ALA B 24 ? 0.5547 0.4941 0.5720 0.0432  -0.0949 -0.0699 1067 ALA B CA  
466 C C   . ALA B 24 ? 0.6471 0.6036 0.6199 0.0537  -0.0788 -0.0666 1067 ALA B C   
467 O O   . ALA B 24 ? 0.6048 0.5974 0.5505 0.0669  -0.0686 -0.1073 1067 ALA B O   
468 C CB  . ALA B 24 ? 0.5695 0.5154 0.5292 0.0292  -0.0828 -0.0379 1067 ALA B CB  
469 N N   . VAL B 25 ? 0.5932 0.5304 0.5549 0.0434  -0.0759 -0.0180 1068 VAL B N   
470 C CA  . VAL B 25 ? 0.5637 0.5179 0.4848 0.0504  -0.0600 -0.0126 1068 VAL B CA  
471 C C   . VAL B 25 ? 0.5719 0.5313 0.5560 0.0694  -0.0710 -0.0514 1068 VAL B C   
472 O O   . VAL B 25 ? 0.5918 0.5818 0.5451 0.0815  -0.0554 -0.0814 1068 VAL B O   
473 C CB  . VAL B 25 ? 0.6004 0.5419 0.4978 0.0288  -0.0551 0.0466  1068 VAL B CB  
474 C CG1 . VAL B 25 ? 0.6955 0.6573 0.5581 0.0352  -0.0396 0.0481  1068 VAL B CG1 
475 C CG2 . VAL B 25 ? 0.6678 0.6118 0.5086 0.0084  -0.0360 0.0732  1068 VAL B CG2 
476 N N   . SER B 26 ? 0.6116 0.5422 0.6922 0.0705  -0.0971 -0.0517 1069 SER B N   
477 C CA  . SER B 26 ? 0.5734 0.5068 0.7409 0.0898  -0.1078 -0.0953 1069 SER B CA  
478 C C   . SER B 26 ? 0.6230 0.5962 0.7836 0.1030  -0.0931 -0.1744 1069 SER B C   
479 O O   . SER B 26 ? 0.6520 0.6559 0.8189 0.1154  -0.0815 -0.2155 1069 SER B O   
480 C CB  . SER B 26 ? 0.6053 0.4963 0.8939 0.0882  -0.1394 -0.0831 1069 SER B CB  
481 O OG  . SER B 26 ? 0.7704 0.6640 1.1640 0.1090  -0.1479 -0.1332 1069 SER B OG  
482 N N   . ARG B 27 ? 0.6113 0.5918 0.7593 0.0965  -0.0936 -0.1972 1070 ARG B N   
483 C CA  . ARG B 27 ? 0.6141 0.6451 0.7483 0.1008  -0.0817 -0.2702 1070 ARG B CA  
484 C C   . ARG B 27 ? 0.6493 0.7268 0.6742 0.1002  -0.0575 -0.2701 1070 ARG B C   
485 O O   . ARG B 27 ? 0.6574 0.7823 0.6758 0.1036  -0.0449 -0.3263 1070 ARG B O   
486 C CB  . ARG B 27 ? 0.6191 0.6552 0.7549 0.0899  -0.0897 -0.2865 1070 ARG B CB  
487 C CG  . ARG B 27 ? 0.7761 0.7762 1.0334 0.0897  -0.1101 -0.3103 1070 ARG B CG  
488 C CD  . ARG B 27 ? 0.8834 0.8816 1.1384 0.0759  -0.1188 -0.3116 1070 ARG B CD  
489 N NE  . ARG B 27 ? 1.0270 0.9995 1.4044 0.0745  -0.1343 -0.3523 1070 ARG B NE  
490 C CZ  . ARG B 27 ? 1.1329 1.1442 1.5529 0.0710  -0.1305 -0.4332 1070 ARG B CZ  
491 N NH1 . ARG B 27 ? 1.1811 1.2646 1.5219 0.0659  -0.1147 -0.4766 1070 ARG B NH1 
492 N NH2 . ARG B 27 ? 1.1728 1.1547 1.7168 0.0690  -0.1424 -0.4703 1070 ARG B NH2 
493 N N   . ALA B 28 ? 0.5691 0.6352 0.5142 0.0931  -0.0495 -0.2089 1071 ALA B N   
494 C CA  . ALA B 28 ? 0.6704 0.7735 0.5188 0.0913  -0.0270 -0.1996 1071 ALA B CA  
495 C C   . ALA B 28 ? 0.6625 0.7790 0.5080 0.0991  -0.0136 -0.2126 1071 ALA B C   
496 O O   . ALA B 28 ? 0.6862 0.8474 0.4918 0.0972  0.0024  -0.2419 1071 ALA B O   
497 C CB  . ALA B 28 ? 0.6030 0.6838 0.3925 0.0824  -0.0193 -0.1349 1071 ALA B CB  
498 N N   . ALA B 29 ? 0.5668 0.6466 0.4613 0.1029  -0.0219 -0.1844 1072 ALA B N   
499 C CA  . ALA B 29 ? 0.5354 0.6272 0.4386 0.1104  -0.0125 -0.1913 1072 ALA B CA  
500 C C   . ALA B 29 ? 0.6404 0.7652 0.6074 0.1218  -0.0121 -0.2667 1072 ALA B C   
501 O O   . ALA B 29 ? 0.6690 0.8326 0.6098 0.1245  0.0067  -0.2971 1072 ALA B O   
502 C CB  . ALA B 29 ? 0.5454 0.5972 0.4982 0.1089  -0.0290 -0.1408 1072 ALA B CB  
503 N N   . LYS B 30 ? 0.6289 0.7413 0.6853 0.1259  -0.0301 -0.3022 1073 LYS B N   
504 C CA  . LYS B 30 ? 0.6392 0.7862 0.7736 0.1340  -0.0261 -0.3858 1073 LYS B CA  
505 C C   . LYS B 30 ? 0.7409 0.9515 0.7989 0.1142  -0.0050 -0.4131 1073 LYS B C   
506 O O   . LYS B 30 ? 0.7054 0.9549 0.7788 0.1054  0.0078  -0.4366 1073 LYS B O   
507 C CB  . LYS B 30 ? 0.7712 0.8873 1.0280 0.1385  -0.0485 -0.4141 1073 LYS B CB  
508 C CG  . LYS B 30 ? 0.8797 0.9433 1.2501 0.1516  -0.0722 -0.3784 1073 LYS B CG  
509 C CD  . LYS B 30 ? 0.9985 1.0389 1.5193 0.1588  -0.0901 -0.4260 1073 LYS B CD  
510 C CE  . LYS B 30 ? 1.0356 1.0078 1.6400 0.1612  -0.1240 -0.3516 1073 LYS B CE  
511 N NZ  . LYS B 30 ? 1.1376 1.0767 1.7566 0.1484  -0.1378 -0.3381 1073 LYS B NZ  
512 N N   . ALA B 31 ? 0.6974 0.9148 0.6818 0.1009  -0.0051 -0.3868 1074 ALA B N   
513 C CA  . ALA B 31 ? 0.7513 1.0161 0.6774 0.0775  0.0079  -0.3797 1074 ALA B CA  
514 C C   . ALA B 31 ? 0.7657 1.0297 0.6256 0.0692  0.0245  -0.3326 1074 ALA B C   
515 O O   . ALA B 31 ? 0.8203 1.1193 0.6656 0.0542  0.0346  -0.3420 1074 ALA B O   
516 C CB  . ALA B 31 ? 0.6750 0.9425 0.5530 0.0679  -0.0001 -0.3565 1074 ALA B CB  
517 N N   . ALA B 32 ? 0.7319 0.9545 0.5581 0.0767  0.0271  -0.2840 1075 ALA B N   
518 C CA  . ALA B 32 ? 0.7349 0.9404 0.5134 0.0666  0.0424  -0.2384 1075 ALA B CA  
519 C C   . ALA B 32 ? 0.7958 1.0140 0.6107 0.0733  0.0494  -0.2630 1075 ALA B C   
520 O O   . ALA B 32 ? 0.7654 0.9701 0.5487 0.0643  0.0614  -0.2335 1075 ALA B O   
521 C CB  . ALA B 32 ? 0.6628 0.8212 0.4032 0.0647  0.0451  -0.1797 1075 ALA B CB  
522 N N   . GLY B 33 ? 0.6652 0.7048 0.7378 -0.0704 -0.0070 -0.2329 1076 GLY B N   
523 C CA  . GLY B 33 ? 0.6746 0.7940 0.7581 -0.0345 0.0043  -0.2401 1076 GLY B CA  
524 C C   . GLY B 33 ? 0.6575 0.8210 0.7665 -0.0456 0.0082  -0.2110 1076 GLY B C   
525 O O   . GLY B 33 ? 0.6120 0.8672 0.7324 -0.0365 0.0183  -0.2092 1076 GLY B O   
526 N N   . ALA B 34 ? 0.5551 0.6529 0.6729 -0.0647 -0.0006 -0.1867 1077 ALA B N   
527 C CA  . ALA B 34 ? 0.5983 0.7210 0.7301 -0.0751 0.0001  -0.1584 1077 ALA B CA  
528 C C   . ALA B 34 ? 0.5820 0.6742 0.7317 -0.0328 -0.0058 -0.1553 1077 ALA B C   
529 O O   . ALA B 34 ? 0.6023 0.6103 0.7551 -0.0167 -0.0133 -0.1568 1077 ALA B O   
530 C CB  . ALA B 34 ? 0.5645 0.6343 0.6876 -0.1193 -0.0030 -0.1311 1077 ALA B CB  
531 N N   . ARG B 35 ? 0.4499 0.6088 0.6130 -0.0162 -0.0040 -0.1490 1078 ARG B N   
532 C CA  . ARG B 35 ? 0.5285 0.6597 0.7062 0.0227  -0.0109 -0.1435 1078 ARG B CA  
533 C C   . ARG B 35 ? 0.4953 0.6249 0.6724 0.0040  -0.0155 -0.1116 1078 ARG B C   
534 O O   . ARG B 35 ? 0.5016 0.6916 0.6747 -0.0270 -0.0147 -0.0996 1078 ARG B O   
535 C CB  . ARG B 35 ? 0.6189 0.8220 0.8128 0.0679  -0.0080 -0.1647 1078 ARG B CB  
536 C CG  . ARG B 35 ? 0.8248 1.0172 1.0099 0.0957  -0.0042 -0.1983 1078 ARG B CG  
537 C CD  . ARG B 35 ? 0.9988 1.0791 1.1790 0.1187  -0.0160 -0.2053 1078 ARG B CD  
538 N NE  . ARG B 35 ? 1.1969 1.2542 1.3625 0.1483  -0.0179 -0.2390 1078 ARG B NE  
539 C CZ  . ARG B 35 ? 1.1960 1.2060 1.3410 0.1280  -0.0214 -0.2512 1078 ARG B CZ  
540 N NH1 . ARG B 35 ? 1.1030 1.0874 1.2444 0.0778  -0.0219 -0.2316 1078 ARG B NH1 
541 N NH2 . ARG B 35 ? 1.2620 1.2466 1.3872 0.1600  -0.0262 -0.2834 1078 ARG B NH2 
542 N N   . PRO B 36 ? 0.5822 0.6367 0.7592 0.0219  -0.0216 -0.0966 1079 PRO B N   
543 C CA  . PRO B 36 ? 0.5508 0.5872 0.7151 0.0025  -0.0256 -0.0653 1079 PRO B CA  
544 C C   . PRO B 36 ? 0.4873 0.5978 0.6591 0.0151  -0.0332 -0.0600 1079 PRO B C   
545 O O   . PRO B 36 ? 0.4780 0.6374 0.6710 0.0508  -0.0350 -0.0770 1079 PRO B O   
546 C CB  . PRO B 36 ? 0.5969 0.5326 0.7590 0.0240  -0.0273 -0.0508 1079 PRO B CB  
547 C CG  . PRO B 36 ? 0.7004 0.5931 0.8748 0.0382  -0.0261 -0.0717 1079 PRO B CG  
548 C CD  . PRO B 36 ? 0.6986 0.6692 0.8815 0.0525  -0.0251 -0.1039 1079 PRO B CD  
549 N N   . LEU B 37 ? 0.4036 0.5224 0.5576 -0.0144 -0.0392 -0.0365 1080 LEU B N   
550 C CA  . LEU B 37 ? 0.4464 0.6218 0.6048 -0.0074 -0.0526 -0.0260 1080 LEU B CA  
551 C C   . LEU B 37 ? 0.4961 0.6201 0.6532 0.0346  -0.0604 -0.0181 1080 LEU B C   
552 O O   . LEU B 37 ? 0.4764 0.6495 0.6505 0.0607  -0.0714 -0.0202 1080 LEU B O   
553 C CB  . LEU B 37 ? 0.5645 0.7393 0.6944 -0.0505 -0.0613 -0.0021 1080 LEU B CB  
554 C CG  . LEU B 37 ? 0.5504 0.7659 0.6743 -0.0983 -0.0562 -0.0036 1080 LEU B CG  
555 C CD1 . LEU B 37 ? 0.5172 0.7183 0.6075 -0.1344 -0.0696 0.0215  1080 LEU B CD1 
556 C CD2 . LEU B 37 ? 0.5589 0.8860 0.7172 -0.0980 -0.0542 -0.0209 1080 LEU B CD2 
557 N N   . THR B 38 ? 0.5100 0.5348 0.6490 0.0408  -0.0545 -0.0073 1081 THR B N   
558 C CA  . THR B 38 ? 0.5392 0.5016 0.6715 0.0783  -0.0597 0.0045  1081 THR B CA  
559 C C   . THR B 38 ? 0.5666 0.5077 0.7247 0.1181  -0.0557 -0.0164 1081 THR B C   
560 O O   . THR B 38 ? 0.5704 0.5689 0.7514 0.1484  -0.0615 -0.0352 1081 THR B O   
561 C CB  . THR B 38 ? 0.6162 0.4807 0.7146 0.0646  -0.0533 0.0331  1081 THR B CB  
562 O OG1 . THR B 38 ? 0.6079 0.4372 0.7119 0.0416  -0.0394 0.0296  1081 THR B OG1 
563 C CG2 . THR B 38 ? 0.5448 0.4185 0.6077 0.0338  -0.0609 0.0539  1081 THR B CG2 
564 N N   . SER B 39 ? 0.6285 0.4860 0.7836 0.1180  -0.0471 -0.0119 1082 SER B N   
565 C CA  . SER B 39 ? 0.7394 0.5601 0.9153 0.1512  -0.0469 -0.0304 1082 SER B CA  
566 C C   . SER B 39 ? 0.6789 0.4223 0.8552 0.1299  -0.0387 -0.0232 1082 SER B C   
567 O O   . SER B 39 ? 0.7141 0.4207 0.8743 0.1005  -0.0317 0.0025  1082 SER B O   
568 C CB  . SER B 39 ? 0.7660 0.5444 0.9423 0.1947  -0.0547 -0.0212 1082 SER B CB  
569 O OG  . SER B 39 ? 0.7594 0.4591 0.9140 0.1871  -0.0504 0.0124  1082 SER B OG  
570 N N   . PRO B 40 ? 0.6796 0.4464 1.0163 0.0045  -0.0172 -0.2400 1083 PRO B N   
571 C CA  . PRO B 40 ? 0.7047 0.4440 1.0311 -0.0190 -0.0061 -0.2075 1083 PRO B CA  
572 C C   . PRO B 40 ? 0.7471 0.4422 1.1454 -0.0021 0.0029  -0.1670 1083 PRO B C   
573 O O   . PRO B 40 ? 0.7382 0.4315 1.1102 -0.0207 0.0109  -0.1517 1083 PRO B O   
574 C CB  . PRO B 40 ? 0.7278 0.4496 1.0959 -0.0280 -0.0022 -0.1990 1083 PRO B CB  
575 C CG  . PRO B 40 ? 0.7610 0.5148 1.1178 -0.0222 -0.0107 -0.2294 1083 PRO B CG  
576 C CD  . PRO B 40 ? 0.7399 0.5086 1.1203 0.0065  -0.0206 -0.2511 1083 PRO B CD  
577 N N   . GLU B 41 ? 0.7430 0.4128 1.2213 0.0429  0.0026  -0.1270 1084 GLU B N   
578 C CA  . GLU B 41 ? 0.7192 0.4097 1.1997 0.0658  0.0138  -0.0297 1084 GLU B CA  
579 C C   . GLU B 41 ? 0.6631 0.4411 1.0449 0.0717  0.0137  -0.0119 1084 GLU B C   
580 O O   . GLU B 41 ? 0.6718 0.4630 1.0411 0.0626  0.0261  0.0390  1084 GLU B O   
581 C CB  . GLU B 41 ? 0.7646 0.4545 1.2921 0.1184  0.0092  0.0282  1084 GLU B CB  
582 C CG  . GLU B 41 ? 0.8768 0.4637 1.5053 0.1173  0.0140  0.0318  1084 GLU B CG  
583 C CD  . GLU B 41 ? 0.8876 0.4779 1.5227 0.1121  -0.0001 -0.0536 1084 GLU B CD  
584 O OE1 . GLU B 41 ? 0.8237 0.4673 1.4250 0.1222  -0.0142 -0.1137 1084 GLU B OE1 
585 O OE2 . GLU B 41 ? 0.9467 0.5032 1.6056 0.0949  0.0039  -0.0600 1084 GLU B OE2 
586 N N   . SER B 42 ? 0.6287 0.4691 0.9387 0.0839  0.0012  -0.0577 1085 SER B N   
587 C CA  . SER B 42 ? 0.6019 0.5192 0.8109 0.0866  0.0026  -0.0502 1085 SER B CA  
588 C C   . SER B 42 ? 0.5635 0.4546 0.7206 0.0463  0.0070  -0.0927 1085 SER B C   
589 O O   . SER B 42 ? 0.5659 0.4958 0.6754 0.0476  0.0145  -0.0591 1085 SER B O   
590 C CB  . SER B 42 ? 0.7133 0.7004 0.8529 0.1029  -0.0093 -0.0959 1085 SER B CB  
591 O OG  . SER B 42 ? 0.7849 0.8161 0.9657 0.1490  -0.0152 -0.0513 1085 SER B OG  
592 N N   . LEU B 43 ? 0.7576 0.5865 0.9231 0.0129  0.0014  -0.1675 1086 LEU B N   
593 C CA  . LEU B 43 ? 0.6626 0.4569 0.7828 -0.0222 0.0027  -0.2100 1086 LEU B CA  
594 C C   . LEU B 43 ? 0.5411 0.3213 0.7175 -0.0299 0.0161  -0.1546 1086 LEU B C   
595 O O   . LEU B 43 ? 0.6084 0.4182 0.7325 -0.0320 0.0202  -0.1432 1086 LEU B O   
596 C CB  . LEU B 43 ? 0.6284 0.4153 0.6981 -0.0419 -0.0070 -0.2038 1086 LEU B CB  
597 C CG  . LEU B 43 ? 0.6332 0.4223 0.6691 -0.0551 -0.0089 -0.1884 1086 LEU B CG  
598 C CD1 . LEU B 43 ? 0.5738 0.3834 0.5335 -0.0486 -0.0132 -0.1884 1086 LEU B CD1 
599 C CD2 . LEU B 43 ? 0.6219 0.4419 0.7031 -0.0632 -0.0039 -0.2028 1086 LEU B CD2 
600 N N   . SER B 44 ? 0.6014 0.3389 0.8823 -0.0340 0.0240  -0.1215 1087 SER B N   
601 C CA  . SER B 44 ? 0.6106 0.3331 0.9482 -0.0509 0.0402  -0.0731 1087 SER B CA  
602 C C   . SER B 44 ? 0.6793 0.4719 0.9899 -0.0290 0.0504  0.0058  1087 SER B C   
603 O O   . SER B 44 ? 0.6789 0.4930 0.9887 -0.0457 0.0613  0.0255  1087 SER B O   
604 C CB  . SER B 44 ? 0.7301 0.3897 1.1706 -0.0597 0.0485  -0.0505 1087 SER B CB  
605 O OG  . SER B 44 ? 0.9689 0.6222 1.4511 -0.0810 0.0667  -0.0032 1087 SER B OG  
606 N N   . ARG B 45 ? 0.6497 0.4866 0.9383 0.0077  0.0469  0.0483  1088 ARG B N   
607 C CA  . ARG B 45 ? 0.6751 0.5876 0.9300 0.0284  0.0555  0.1208  1088 ARG B CA  
608 C C   . ARG B 45 ? 0.6559 0.6279 0.8208 0.0244  0.0541  0.0923  1088 ARG B C   
609 O O   . ARG B 45 ? 0.6069 0.6271 0.7620 0.0211  0.0655  0.1333  1088 ARG B O   
610 C CB  . ARG B 45 ? 0.7382 0.6946 0.9759 0.0704  0.0482  0.1589  1088 ARG B CB  
611 C CG  . ARG B 45 ? 0.8835 0.9258 1.0816 0.0922  0.0561  0.2333  1088 ARG B CG  
612 C CD  . ARG B 45 ? 0.9530 1.0409 1.1380 0.1355  0.0466  0.2667  1088 ARG B CD  
613 N NE  . ARG B 45 ? 1.0404 1.0578 1.3009 0.1500  0.0402  0.2725  1088 ARG B NE  
614 C CZ  . ARG B 45 ? 1.0775 1.1076 1.3350 0.1784  0.0244  0.2389  1088 ARG B CZ  
615 N NH1 . ARG B 45 ? 1.0930 1.2034 1.2727 0.1888  0.0156  0.1968  1088 ARG B NH1 
616 N NH2 . ARG B 45 ? 1.0628 1.0271 1.3935 0.1954  0.0187  0.2440  1088 ARG B NH2 
617 N N   . ASP B 46 ? 0.5930 0.5596 0.6877 0.0241  0.0406  0.0194  1089 ASP B N   
618 C CA  . ASP B 46 ? 0.5971 0.6010 0.5934 0.0239  0.0377  -0.0146 1089 ASP B CA  
619 C C   . ASP B 46 ? 0.5785 0.5517 0.5855 -0.0012 0.0402  -0.0429 1089 ASP B C   
620 O O   . ASP B 46 ? 0.5813 0.6003 0.5365 0.0054  0.0430  -0.0393 1089 ASP B O   
621 C CB  . ASP B 46 ? 0.6283 0.6195 0.5369 0.0251  0.0242  -0.0861 1089 ASP B CB  
622 C CG  . ASP B 46 ? 0.7439 0.8072 0.6037 0.0531  0.0237  -0.0616 1089 ASP B CG  
623 O OD1 . ASP B 46 ? 0.7342 0.8585 0.6233 0.0752  0.0322  0.0132  1089 ASP B OD1 
624 O OD2 . ASP B 46 ? 0.7725 0.8357 0.5597 0.0502  0.0157  -0.1181 1089 ASP B OD2 
625 N N   . LEU B 47 ? 0.5693 0.4716 0.6438 -0.0283 0.0388  -0.0734 1090 LEU B N   
626 C CA  . LEU B 47 ? 0.5898 0.4712 0.6799 -0.0532 0.0405  -0.1027 1090 LEU B CA  
627 C C   . LEU B 47 ? 0.6118 0.5424 0.7597 -0.0593 0.0585  -0.0399 1090 LEU B C   
628 O O   . LEU B 47 ? 0.5654 0.5189 0.7091 -0.0711 0.0610  -0.0565 1090 LEU B O   
629 C CB  . LEU B 47 ? 0.5987 0.3984 0.7508 -0.0847 0.0362  -0.1518 1090 LEU B CB  
630 C CG  . LEU B 47 ? 0.5539 0.3424 0.6081 -0.0723 0.0100  -0.1830 1090 LEU B CG  
631 C CD1 . LEU B 47 ? 0.5955 0.3696 0.6594 -0.0779 -0.0009 -0.1642 1090 LEU B CD1 
632 C CD2 . LEU B 47 ? 0.6492 0.4540 0.6009 -0.0544 -0.0079 -0.1798 1090 LEU B CD2 
633 N N   . GLU B 48 ? 0.5590 0.5093 0.7558 -0.0513 0.0705  0.0316  1091 GLU B N   
634 C CA  . GLU B 48 ? 0.6838 0.6781 0.9292 -0.0639 0.0903  0.0959  1091 GLU B CA  
635 C C   . GLU B 48 ? 0.5880 0.6839 0.7681 -0.0415 0.0942  0.1306  1091 GLU B C   
636 O O   . GLU B 48 ? 0.6126 0.7605 0.8231 -0.0544 0.1111  0.1802  1091 GLU B O   
637 C CB  . GLU B 48 ? 0.6450 0.5994 0.9665 -0.0680 0.1024  0.1607  1091 GLU B CB  
638 C CG  . GLU B 48 ? 0.8955 0.7543 1.3008 -0.0995 0.1065  0.1343  1091 GLU B CG  
639 C CD  . GLU B 48 ? 1.0606 0.8556 1.5189 -0.0861 0.1085  0.1758  1091 GLU B CD  
640 O OE1 . GLU B 48 ? 1.1042 0.9320 1.5453 -0.0574 0.1106  0.2418  1091 GLU B OE1 
641 O OE2 . GLU B 48 ? 1.1160 0.8293 1.6330 -0.1025 0.1074  0.1417  1091 GLU B OE2 
642 N N   . ALA B 49 ? 0.5630 0.6880 0.6521 -0.0120 0.0808  0.1016  1092 ALA B N   
643 C CA  . ALA B 49 ? 0.5600 0.7800 0.5814 0.0098  0.0842  0.1230  1092 ALA B CA  
644 C C   . ALA B 49 ? 0.5531 0.8159 0.5856 -0.0045 0.0911  0.1109  1092 ALA B C   
645 O O   . ALA B 49 ? 0.5337 0.7537 0.5683 -0.0168 0.0827  0.0523  1092 ALA B O   
646 C CB  . ALA B 49 ? 0.5377 0.7620 0.4508 0.0361  0.0691  0.0722  1092 ALA B CB  
647 N N   . PRO B 50 ? 0.5318 0.5499 0.7655 -0.0466 0.0212  0.0088  1093 PRO B N   
648 C CA  . PRO B 50 ? 0.5479 0.5359 0.7745 -0.0450 0.0300  0.0076  1093 PRO B CA  
649 C C   . PRO B 50 ? 0.5701 0.5341 0.7969 -0.0530 0.0276  -0.0040 1093 PRO B C   
650 O O   . PRO B 50 ? 0.6042 0.5569 0.8376 -0.0510 0.0343  -0.0007 1093 PRO B O   
651 C CB  . PRO B 50 ? 0.5929 0.5962 0.7990 -0.0368 0.0309  0.0075  1093 PRO B CB  
652 C CG  . PRO B 50 ? 0.5820 0.6068 0.7826 -0.0316 0.0237  0.0172  1093 PRO B CG  
653 C CD  . PRO B 50 ? 0.5117 0.5525 0.7312 -0.0372 0.0150  0.0125  1093 PRO B CD  
654 N N   . GLU B 51 ? 0.5569 0.5053 0.7710 -0.0635 0.0128  -0.0158 1094 GLU B N   
655 C CA  . GLU B 51 ? 0.5083 0.4077 0.7094 -0.0703 0.0015  -0.0237 1094 GLU B CA  
656 C C   . GLU B 51 ? 0.6315 0.5331 0.8520 -0.0870 0.0055  -0.0070 1094 GLU B C   
657 O O   . GLU B 51 ? 0.5888 0.4605 0.8037 -0.0813 0.0050  -0.0058 1094 GLU B O   
658 C CB  . GLU B 51 ? 0.6348 0.4942 0.8084 -0.0902 -0.0262 -0.0361 1094 GLU B CB  
659 C CG  . GLU B 51 ? 0.8320 0.6812 0.9708 -0.0686 -0.0356 -0.0611 1094 GLU B CG  
660 C CD  . GLU B 51 ? 0.8458 0.7523 0.9939 -0.0788 -0.0363 -0.0557 1094 GLU B CD  
661 O OE1 . GLU B 51 ? 0.7264 0.6870 0.9109 -0.0857 -0.0223 -0.0333 1094 GLU B OE1 
662 O OE2 . GLU B 51 ? 0.9320 0.8271 1.0446 -0.0739 -0.0539 -0.0764 1094 GLU B OE2 
663 N N   . VAL B 52 ? 0.5282 0.4771 0.7686 -0.1021 0.0090  0.0061  1095 VAL B N   
664 C CA  . VAL B 52 ? 0.5302 0.5029 0.7833 -0.1137 0.0151  0.0216  1095 VAL B CA  
665 C C   . VAL B 52 ? 0.5169 0.4863 0.7720 -0.0886 0.0301  0.0186  1095 VAL B C   
666 O O   . VAL B 52 ? 0.4592 0.4146 0.7097 -0.0919 0.0307  0.0237  1095 VAL B O   
667 C CB  . VAL B 52 ? 0.4740 0.5277 0.7480 -0.1246 0.0178  0.0345  1095 VAL B CB  
668 C CG1 . VAL B 52 ? 0.5806 0.6799 0.8625 -0.1349 0.0262  0.0521  1095 VAL B CG1 
669 C CG2 . VAL B 52 ? 0.4641 0.5281 0.7381 -0.1610 -0.0035 0.0396  1095 VAL B CG2 
670 N N   . GLN B 53 ? 0.4502 0.4255 0.7066 -0.0678 0.0367  0.0125  1096 GLN B N   
671 C CA  . GLN B 53 ? 0.4756 0.4318 0.7263 -0.0548 0.0412  0.0100  1096 GLN B CA  
672 C C   . GLN B 53 ? 0.4865 0.4208 0.7367 -0.0599 0.0398  0.0096  1096 GLN B C   
673 O O   . GLN B 53 ? 0.4448 0.3728 0.6931 -0.0609 0.0387  0.0100  1096 GLN B O   
674 C CB  . GLN B 53 ? 0.6224 0.5668 0.8649 -0.0401 0.0393  0.0100  1096 GLN B CB  
675 C CG  . GLN B 53 ? 0.8067 0.7093 1.0340 -0.0395 0.0333  0.0097  1096 GLN B CG  
676 C CD  . GLN B 53 ? 0.8567 0.7523 1.0714 -0.0290 0.0312  -0.0016 1096 GLN B CD  
677 O OE1 . GLN B 53 ? 0.7355 0.6549 0.9426 -0.0051 0.0341  -0.0094 1096 GLN B OE1 
678 N NE2 . GLN B 53 ? 0.8614 0.7406 1.0730 -0.0438 0.0260  -0.0027 1096 GLN B NE2 
679 N N   . GLU B 54 ? 0.4939 0.4263 0.7426 -0.0577 0.0385  0.0067  1097 GLU B N   
680 C CA  . GLU B 54 ? 0.4997 0.4362 0.7491 -0.0489 0.0386  0.0051  1097 GLU B CA  
681 C C   . GLU B 54 ? 0.5643 0.4770 0.8073 -0.0456 0.0306  0.0039  1097 GLU B C   
682 O O   . GLU B 54 ? 0.5569 0.4816 0.8052 -0.0382 0.0295  0.0072  1097 GLU B O   
683 C CB  . GLU B 54 ? 0.5616 0.5129 0.8013 -0.0333 0.0402  -0.0030 1097 GLU B CB  
684 C CG  . GLU B 54 ? 0.5542 0.5336 0.7932 -0.0086 0.0419  -0.0081 1097 GLU B CG  
685 C CD  . GLU B 54 ? 0.5432 0.5832 0.8064 -0.0200 0.0503  0.0101  1097 GLU B CD  
686 O OE1 . GLU B 54 ? 0.5873 0.6214 0.8577 -0.0486 0.0504  0.0248  1097 GLU B OE1 
687 O OE2 . GLU B 54 ? 0.6116 0.7047 0.8834 0.0003  0.0529  0.0103  1097 GLU B OE2 
688 N N   . SER B 55 ? 0.5276 0.4081 0.7575 -0.0555 0.0210  0.0040  1098 SER B N   
689 C CA  . SER B 55 ? 0.5705 0.4138 0.7857 -0.0598 0.0083  0.0124  1098 SER B CA  
690 C C   . SER B 55 ? 0.5327 0.4039 0.7573 -0.0686 0.0153  0.0257  1098 SER B C   
691 O O   . SER B 55 ? 0.5071 0.3682 0.7243 -0.0601 0.0088  0.0322  1098 SER B O   
692 C CB  . SER B 55 ? 0.5572 0.3596 0.7541 -0.0869 -0.0087 0.0192  1098 SER B CB  
693 O OG  . SER B 55 ? 0.7573 0.5113 0.9328 -0.0985 -0.0256 0.0363  1098 SER B OG  
694 N N   . TYR B 56 ? 0.4499 0.3573 0.6847 -0.0778 0.0263  0.0268  1099 TYR B N   
695 C CA  . TYR B 56 ? 0.4977 0.4297 0.7287 -0.0770 0.0311  0.0305  1099 TYR B CA  
696 C C   . TYR B 56 ? 0.5089 0.4381 0.7415 -0.0665 0.0281  0.0223  1099 TYR B C   
697 O O   . TYR B 56 ? 0.5339 0.4687 0.7574 -0.0657 0.0223  0.0270  1099 TYR B O   
698 C CB  . TYR B 56 ? 0.4745 0.4417 0.7065 -0.0714 0.0408  0.0246  1099 TYR B CB  
699 C CG  . TYR B 56 ? 0.4305 0.4220 0.6444 -0.0592 0.0440  0.0197  1099 TYR B CG  
700 C CD1 . TYR B 56 ? 0.5449 0.5739 0.7487 -0.0689 0.0471  0.0366  1099 TYR B CD1 
701 C CD2 . TYR B 56 ? 0.4792 0.4498 0.6769 -0.0392 0.0400  -0.0011 1099 TYR B CD2 
702 C CE1 . TYR B 56 ? 0.6077 0.6699 0.7860 -0.0511 0.0510  0.0286  1099 TYR B CE1 
703 C CE2 . TYR B 56 ? 0.6015 0.5830 0.7681 -0.0205 0.0379  -0.0148 1099 TYR B CE2 
704 C CZ  . TYR B 56 ? 0.6199 0.6558 0.7773 -0.0228 0.0459  -0.0020 1099 TYR B CZ  
705 O OH  . TYR B 56 ? 0.6763 0.7344 0.7947 0.0020  0.0450  -0.0188 1099 TYR B OH  
706 N N   . ARG B 57 ? 0.4267 0.3560 0.6700 -0.0641 0.0294  0.0151  1100 ARG B N   
707 C CA  . ARG B 57 ? 0.4673 0.4096 0.7180 -0.0687 0.0230  0.0152  1100 ARG B CA  
708 C C   . ARG B 57 ? 0.4618 0.4277 0.7209 -0.0584 0.0176  0.0213  1100 ARG B C   
709 O O   . ARG B 57 ? 0.4956 0.4842 0.7573 -0.0632 0.0082  0.0243  1100 ARG B O   
710 C CB  . ARG B 57 ? 0.4943 0.4459 0.7557 -0.0764 0.0256  0.0185  1100 ARG B CB  
711 C CG  . ARG B 57 ? 0.5098 0.4905 0.7827 -0.0975 0.0161  0.0286  1100 ARG B CG  
712 C CD  . ARG B 57 ? 0.4584 0.4734 0.7445 -0.1094 0.0215  0.0436  1100 ARG B CD  
713 N NE  . ARG B 57 ? 0.5117 0.5776 0.8102 -0.0812 0.0348  0.0415  1100 ARG B NE  
714 C CZ  . ARG B 57 ? 0.4966 0.6379 0.8150 -0.0695 0.0366  0.0474  1100 ARG B CZ  
715 N NH1 . ARG B 57 ? 0.4763 0.6646 0.8137 -0.0957 0.0260  0.0619  1100 ARG B NH1 
716 N NH2 . ARG B 57 ? 0.5569 0.7303 0.8725 -0.0285 0.0457  0.0371  1100 ARG B NH2 
717 N N   . GLN B 58 ? 0.4618 0.4191 0.7200 -0.0399 0.0192  0.0208  1101 GLN B N   
718 C CA  . GLN B 58 ? 0.5205 0.4881 0.7770 -0.0130 0.0103  0.0231  1101 GLN B CA  
719 C C   . GLN B 58 ? 0.6021 0.5425 0.8402 -0.0133 -0.0016 0.0340  1101 GLN B C   
720 O O   . GLN B 58 ? 0.4967 0.4637 0.7371 0.0037  -0.0114 0.0399  1101 GLN B O   
721 C CB  . GLN B 58 ? 0.5230 0.4590 0.7637 0.0155  0.0078  0.0125  1101 GLN B CB  
722 C CG  . GLN B 58 ? 0.5619 0.5488 0.8160 0.0265  0.0200  0.0035  1101 GLN B CG  
723 C CD  . GLN B 58 ? 0.7576 0.7047 0.9818 0.0590  0.0146  -0.0157 1101 GLN B CD  
724 O OE1 . GLN B 58 ? 0.9058 0.7725 1.1026 0.0489  0.0018  -0.0208 1101 GLN B OE1 
725 N NE2 . GLN B 58 ? 0.7977 0.8069 1.0230 0.0966  0.0218  -0.0264 1101 GLN B NE2 
726 N N   . GLN B 59 ? 0.4754 0.3772 0.6953 -0.0328 -0.0009 0.0411  1102 GLN B N   
727 C CA  . GLN B 59 ? 0.5664 0.4544 0.7642 -0.0401 -0.0101 0.0598  1102 GLN B CA  
728 C C   . GLN B 59 ? 0.5483 0.4840 0.7492 -0.0435 -0.0095 0.0573  1102 GLN B C   
729 O O   . GLN B 59 ? 0.6125 0.5590 0.8022 -0.0339 -0.0221 0.0684  1102 GLN B O   
730 C CB  . GLN B 59 ? 0.5794 0.4530 0.7635 -0.0690 -0.0056 0.0738  1102 GLN B CB  
731 C CG  . GLN B 59 ? 0.5733 0.4418 0.7295 -0.0837 -0.0148 0.1042  1102 GLN B CG  
732 C CD  . GLN B 59 ? 0.6674 0.4614 0.7967 -0.0735 -0.0403 0.1226  1102 GLN B CD  
733 O OE1 . GLN B 59 ? 0.7597 0.4848 0.8763 -0.0757 -0.0544 0.1218  1102 GLN B OE1 
734 N NE2 . GLN B 59 ? 0.7849 0.5840 0.8974 -0.0582 -0.0516 0.1375  1102 GLN B NE2 
735 N N   . LEU B 60 ? 0.4844 0.4391 0.6933 -0.0553 -0.0004 0.0417  1103 LEU B N   
736 C CA  . LEU B 60 ? 0.5436 0.5208 0.7431 -0.0616 -0.0076 0.0313  1103 LEU B CA  
737 C C   . LEU B 60 ? 0.5865 0.5973 0.8045 -0.0611 -0.0222 0.0331  1103 LEU B C   
738 O O   . LEU B 60 ? 0.5963 0.6306 0.8020 -0.0624 -0.0367 0.0352  1103 LEU B O   
739 C CB  . LEU B 60 ? 0.6529 0.6141 0.8477 -0.0691 -0.0033 0.0120  1103 LEU B CB  
740 C CG  . LEU B 60 ? 0.8289 0.7796 0.9894 -0.0704 -0.0160 -0.0076 1103 LEU B CG  
741 C CD1 . LEU B 60 ? 0.8795 0.8568 1.0103 -0.0602 -0.0169 -0.0036 1103 LEU B CD1 
742 C CD2 . LEU B 60 ? 0.9214 0.8389 1.0623 -0.0586 -0.0109 -0.0262 1103 LEU B CD2 
743 N N   . ARG B 61 ? 0.4432 0.4737 0.6913 -0.0586 -0.0187 0.0341  1104 ARG B N   
744 C CA  . ARG B 61 ? 0.4470 0.5457 0.7222 -0.0594 -0.0302 0.0408  1104 ARG B CA  
745 C C   . ARG B 61 ? 0.5359 0.6592 0.8081 -0.0263 -0.0404 0.0518  1104 ARG B C   
746 O O   . ARG B 61 ? 0.5920 0.7725 0.8731 -0.0292 -0.0568 0.0577  1104 ARG B O   
747 C CB  . ARG B 61 ? 0.5076 0.6476 0.8138 -0.0570 -0.0195 0.0439  1104 ARG B CB  
748 C CG  . ARG B 61 ? 0.5406 0.7877 0.8829 -0.0604 -0.0281 0.0567  1104 ARG B CG  
749 C CD  . ARG B 61 ? 0.7070 1.0186 1.0766 -0.0552 -0.0127 0.0638  1104 ARG B CD  
750 N NE  . ARG B 61 ? 0.8203 1.1070 1.1758 0.0007  0.0006  0.0516  1104 ARG B NE  
751 C CZ  . ARG B 61 ? 0.8798 1.1961 1.2400 0.0173  0.0163  0.0483  1104 ARG B CZ  
752 N NH1 . ARG B 61 ? 0.8455 1.2288 1.2290 -0.0210 0.0242  0.0647  1104 ARG B NH1 
753 N NH2 . ARG B 61 ? 0.9196 1.1926 1.2534 0.0700  0.0202  0.0300  1104 ARG B NH2 
754 N N   . SER B 62 ? 0.5138 0.5861 0.7680 0.0034  -0.0363 0.0559  1105 SER B N   
755 C CA  . SER B 62 ? 0.6056 0.6698 0.8430 0.0410  -0.0522 0.0692  1105 SER B CA  
756 C C   . SER B 62 ? 0.6209 0.6824 0.8322 0.0278  -0.0652 0.0830  1105 SER B C   
757 O O   . SER B 62 ? 0.5870 0.6935 0.7986 0.0484  -0.0829 0.0936  1105 SER B O   
758 C CB  . SER B 62 ? 0.6293 0.6017 0.8359 0.0642  -0.0544 0.0716  1105 SER B CB  
759 O OG  . SER B 62 ? 0.7756 0.7136 0.9535 0.1041  -0.0774 0.0866  1105 SER B OG  
760 N N   . ASP B 63 ? 0.5651 0.5884 0.7523 -0.0019 -0.0562 0.0835  1106 ASP B N   
761 C CA  . ASP B 63 ? 0.6261 0.6561 0.7791 -0.0116 -0.0646 0.0965  1106 ASP B CA  
762 C C   . ASP B 63 ? 0.6741 0.7649 0.8305 -0.0230 -0.0768 0.0818  1106 ASP B C   
763 O O   . ASP B 63 ? 0.6067 0.7254 0.7403 -0.0166 -0.0936 0.0933  1106 ASP B O   
764 C CB  . ASP B 63 ? 0.6055 0.6092 0.7340 -0.0347 -0.0482 0.0995  1106 ASP B CB  
765 C CG  . ASP B 63 ? 0.7792 0.7261 0.8921 -0.0386 -0.0481 0.1273  1106 ASP B CG  
766 O OD1 . ASP B 63 ? 0.6653 0.5726 0.7641 -0.0191 -0.0674 0.1473  1106 ASP B OD1 
767 O OD2 . ASP B 63 ? 0.6058 0.5448 0.7171 -0.0613 -0.0332 0.1300  1106 ASP B OD2 
768 N N   . ILE B 64 ? 0.5757 0.6801 0.7543 -0.0438 -0.0736 0.0586  1107 ILE B N   
769 C CA  . ILE B 64 ? 0.6655 0.8080 0.8397 -0.0663 -0.0949 0.0442  1107 ILE B CA  
770 C C   . ILE B 64 ? 0.6869 0.9084 0.8925 -0.0577 -0.1149 0.0592  1107 ILE B C   
771 O O   . ILE B 64 ? 0.7629 1.0247 0.9520 -0.0632 -0.1385 0.0604  1107 ILE B O   
772 C CB  . ILE B 64 ? 0.6577 0.7763 0.8414 -0.0979 -0.0954 0.0228  1107 ILE B CB  
773 C CG1 . ILE B 64 ? 0.7156 0.7675 0.8599 -0.0938 -0.0812 0.0037  1107 ILE B CG1 
774 C CG2 . ILE B 64 ? 0.5947 0.7410 0.7728 -0.1333 -0.1289 0.0120  1107 ILE B CG2 
775 C CD1 . ILE B 64 ? 0.6990 0.7014 0.8388 -0.1149 -0.0863 -0.0164 1107 ILE B CD1 
776 N N   . GLN B 65 ? 0.6632 0.9186 0.9116 -0.0382 -0.1062 0.0694  1108 GLN B N   
777 C CA  . GLN B 65 ? 0.7089 1.0656 0.9932 -0.0157 -0.1218 0.0840  1108 GLN B CA  
778 C C   . GLN B 65 ? 0.7180 1.0766 0.9740 0.0246  -0.1381 0.1008  1108 GLN B C   
779 O O   . GLN B 65 ? 0.6878 1.1349 0.9576 0.0315  -0.1617 0.1103  1108 GLN B O   
780 C CB  . GLN B 65 ? 0.7458 1.1364 1.0673 0.0175  -0.1048 0.0875  1108 GLN B CB  
781 C CG  . GLN B 65 ? 0.7830 1.2200 1.1419 -0.0246 -0.0945 0.0832  1108 GLN B CG  
782 C CD  . GLN B 65 ? 0.8674 1.3447 1.2527 0.0146  -0.0737 0.0845  1108 GLN B CD  
783 O OE1 . GLN B 65 ? 0.9008 1.3153 1.2616 0.0678  -0.0655 0.0779  1108 GLN B OE1 
784 N NE2 . GLN B 65 ? 0.8578 1.4389 1.2866 -0.0140 -0.0684 0.0942  1108 GLN B NE2 
785 N N   . LYS B 66 ? 0.7076 0.9716 0.9230 0.0463  -0.1288 0.1093  1109 LYS B N   
786 C CA  . LYS B 66 ? 0.8621 1.1034 1.0399 0.0818  -0.1466 0.1346  1109 LYS B CA  
787 C C   . LYS B 66 ? 0.9357 1.2032 1.0789 0.0577  -0.1623 0.1401  1109 LYS B C   
788 O O   . LYS B 66 ? 0.9629 1.2710 1.0917 0.0836  -0.1864 0.1600  1109 LYS B O   
789 C CB  . LYS B 66 ? 0.9045 1.0289 1.0437 0.0932  -0.1372 0.1492  1109 LYS B CB  
790 C CG  . LYS B 66 ? 0.9871 1.0697 1.1361 0.1406  -0.1383 0.1466  1109 LYS B CG  
791 C CD  . LYS B 66 ? 1.0856 1.0399 1.1956 0.1310  -0.1336 0.1553  1109 LYS B CD  
792 C CE  . LYS B 66 ? 1.1897 1.0877 1.2479 0.1036  -0.1442 0.1912  1109 LYS B CE  
793 N NZ  . LYS B 66 ? 1.2705 1.1682 1.2973 0.1427  -0.1751 0.2198  1109 LYS B NZ  
794 N N   . ARG B 67 ? 0.8973 1.1433 1.0205 0.0160  -0.1509 0.1205  1110 ARG B N   
795 C CA  . ARG B 67 ? 0.9923 1.2653 1.0718 -0.0008 -0.1668 0.1156  1110 ARG B CA  
796 C C   . ARG B 67 ? 1.0151 1.3711 1.1195 -0.0186 -0.1953 0.0996  1110 ARG B C   
797 O O   . ARG B 67 ? 1.0474 1.4501 1.1230 -0.0190 -0.2215 0.1032  1110 ARG B O   
798 C CB  . ARG B 67 ? 1.0124 1.2409 1.0545 -0.0254 -0.1481 0.0923  1110 ARG B CB  
799 C CG  . ARG B 67 ? 1.1046 1.3197 1.0898 -0.0171 -0.1389 0.1166  1110 ARG B CG  
800 C CD  . ARG B 67 ? 1.1758 1.3553 1.1491 -0.0276 -0.1077 0.1085  1110 ARG B CD  
801 N NE  . ARG B 67 ? 1.2243 1.4141 1.1535 -0.0280 -0.0963 0.1456  1110 ARG B NE  
802 C CZ  . ARG B 67 ? 1.2410 1.3936 1.1734 -0.0324 -0.0929 0.1917  1110 ARG B CZ  
803 N NH1 . ARG B 67 ? 1.2538 1.3505 1.2255 -0.0242 -0.0996 0.1969  1110 ARG B NH1 
804 N NH2 . ARG B 67 ? 1.3107 1.4814 1.2006 -0.0465 -0.0858 0.2335  1110 ARG B NH2 
805 N N   . LEU B 68 ? 0.9078 1.2903 1.0657 -0.0380 -0.1928 0.0867  1111 LEU B N   
806 C CA  . LEU B 68 ? 0.9447 1.4211 1.1372 -0.0689 -0.2225 0.0812  1111 LEU B CA  
807 C C   . LEU B 68 ? 1.0050 1.5875 1.2269 -0.0292 -0.2414 0.1093  1111 LEU B C   
808 O O   . LEU B 68 ? 1.0573 1.7407 1.2987 -0.0516 -0.2735 0.1114  1111 LEU B O   
809 C CB  . LEU B 68 ? 0.8081 1.2994 1.0523 -0.1029 -0.2126 0.0740  1111 LEU B CB  
810 C CG  . LEU B 68 ? 0.8154 1.3531 1.0740 -0.1715 -0.2457 0.0633  1111 LEU B CG  
811 N N   . GLN B 69 ? 1.0419 1.5961 1.2613 0.0310  -0.2265 0.1308  1112 GLN B N   
812 C CA  . GLN B 69 ? 1.0903 1.7300 1.3319 0.0892  -0.2450 0.1559  1112 GLN B CA  
813 C C   . GLN B 69 ? 1.1957 1.8614 1.3939 0.1045  -0.2759 0.1740  1112 GLN B C   
814 O O   . GLN B 69 ? 1.2617 1.9622 1.4583 0.1661  -0.2924 0.1997  1112 GLN B O   
815 C CB  . GLN B 69 ? 1.1246 1.6896 1.3585 0.1548  -0.2279 0.1685  1112 GLN B CB  
816 C CG  . GLN B 69 ? 1.1272 1.7702 1.4208 0.1900  -0.2165 0.1621  1112 GLN B CG  
817 C CD  . GLN B 69 ? 1.1905 1.7233 1.4580 0.2499  -0.2023 0.1615  1112 GLN B CD  
818 O OE1 . GLN B 69 ? 1.2931 1.7336 1.5079 0.2954  -0.2182 0.1791  1112 GLN B OE1 
819 N NE2 . GLN B 69 ? 1.1560 1.6892 1.4524 0.2469  -0.1770 0.1428  1112 GLN B NE2 
820 N N   . GLU B 70 ? 1.1865 1.8328 1.3417 0.0556  -0.2864 0.1593  1113 GLU B N   
821 C CA  . GLU B 70 ? 1.2210 1.9123 1.3317 0.0641  -0.3188 0.1734  1113 GLU B CA  
822 C C   . GLU B 70 ? 1.2296 2.0402 1.3686 0.0188  -0.3546 0.1558  1113 GLU B C   
823 O O   . GLU B 70 ? 1.2784 2.2005 1.4333 0.0408  -0.3867 0.1752  1113 GLU B O   
824 C CB  . GLU B 70 ? 1.2830 1.8838 1.3108 0.0486  -0.3093 0.1696  1113 GLU B CB  
825 C CG  . GLU B 70 ? 1.3443 1.9621 1.3350 -0.0023 -0.3275 0.1308  1113 GLU B CG  
826 C CD  . GLU B 70 ? 1.4254 2.0023 1.3260 0.0027  -0.3239 0.1316  1113 GLU B CD  
827 O OE1 . GLU B 70 ? 1.4718 2.0482 1.3397 0.0376  -0.3235 0.1751  1113 GLU B OE1 
828 O OE2 . GLU B 70 ? 1.4297 1.9762 1.2856 -0.0259 -0.3240 0.0898  1113 GLU B OE2 
# 
